data_7KK0
# 
_entry.id   7KK0 
# 
_audit_conform.dict_name       mmcif_pdbx.dic 
_audit_conform.dict_version    5.380 
_audit_conform.dict_location   http://mmcif.pdb.org/dictionaries/ascii/mmcif_pdbx.dic 
# 
loop_
_database_2.database_id 
_database_2.database_code 
_database_2.pdbx_database_accession 
_database_2.pdbx_DOI 
PDB   7KK0         pdb_00007kk0 10.2210/pdb7kk0/pdb 
WWPDB D_1000252588 ?            ?                   
# 
_pdbx_database_status.status_code                     REL 
_pdbx_database_status.status_code_sf                  REL 
_pdbx_database_status.status_code_mr                  ? 
_pdbx_database_status.entry_id                        7KK0 
_pdbx_database_status.recvd_initial_deposition_date   2020-10-27 
_pdbx_database_status.SG_entry                        N 
_pdbx_database_status.deposit_site                    RCSB 
_pdbx_database_status.process_site                    RCSB 
_pdbx_database_status.status_code_cs                  ? 
_pdbx_database_status.status_code_nmr_data            ? 
_pdbx_database_status.methods_development_category    ? 
_pdbx_database_status.pdb_format_compatible           Y 
# 
loop_
_audit_author.name 
_audit_author.pdbx_ordinal 
_audit_author.identifier_ORCID 
'Walton, W.G.'  1 0000-0001-6745-534X 
'Redinbo, M.R.' 2 0000-0003-0814-5346 
'Dangl, J.L.'   3 0000-0003-3199-8654 
# 
_citation.abstract                  ? 
_citation.abstract_id_CAS           ? 
_citation.book_id_ISBN              ? 
_citation.book_publisher            ? 
_citation.book_publisher_city       ? 
_citation.book_title                ? 
_citation.coordinate_linkage        ? 
_citation.country                   UK 
_citation.database_id_Medline       ? 
_citation.details                   ? 
_citation.id                        primary 
_citation.journal_abbrev            'Nat Microbiol' 
_citation.journal_id_ASTM           ? 
_citation.journal_id_CSD            ? 
_citation.journal_id_ISSN           2058-5276 
_citation.journal_full              ? 
_citation.journal_issue             ? 
_citation.journal_volume            7 
_citation.language                  ? 
_citation.page_first                1817 
_citation.page_last                 1833 
_citation.title                     'Diverse MarR bacterial regulators of auxin catabolism in the plant microbiome.' 
_citation.year                      2022 
_citation.database_id_CSD           ? 
_citation.pdbx_database_id_DOI      10.1038/s41564-022-01244-3 
_citation.pdbx_database_id_PubMed   36266335 
_citation.unpublished_flag          ? 
# 
loop_
_citation_author.citation_id 
_citation_author.name 
_citation_author.ordinal 
_citation_author.identifier_ORCID 
primary 'Conway, J.M.'       1  0000-0002-2715-2149 
primary 'Walton, W.G.'       2  ?                   
primary 'Salas-Gonzalez, I.' 3  0000-0002-0347-5058 
primary 'Law, T.F.'          4  ?                   
primary 'Lindberg, C.A.'     5  ?                   
primary 'Crook, L.E.'        6  ?                   
primary 'Kosina, S.M.'       7  0000-0003-2885-1248 
primary 'Fitzpatrick, C.R.'  8  ?                   
primary 'Lietzan, A.D.'      9  0000-0001-6388-2491 
primary 'Northen, T.R.'      10 0000-0001-8404-3259 
primary 'Jones, C.D.'        11 ?                   
primary 'Finkel, O.M.'       12 0000-0003-4770-0402 
primary 'Redinbo, M.R.'      13 0000-0003-0814-5346 
primary 'Dangl, J.L.'        14 0000-0003-3199-8654 
# 
_cell.angle_alpha                  90.000 
_cell.angle_alpha_esd              ? 
_cell.angle_beta                   90.000 
_cell.angle_beta_esd               ? 
_cell.angle_gamma                  90.000 
_cell.angle_gamma_esd              ? 
_cell.entry_id                     7KK0 
_cell.details                      ? 
_cell.formula_units_Z              ? 
_cell.length_a                     54.719 
_cell.length_a_esd                 ? 
_cell.length_b                     113.639 
_cell.length_b_esd                 ? 
_cell.length_c                     115.049 
_cell.length_c_esd                 ? 
_cell.volume                       715399.123 
_cell.volume_esd                   ? 
_cell.Z_PDB                        16 
_cell.reciprocal_angle_alpha       ? 
_cell.reciprocal_angle_beta        ? 
_cell.reciprocal_angle_gamma       ? 
_cell.reciprocal_angle_alpha_esd   ? 
_cell.reciprocal_angle_beta_esd    ? 
_cell.reciprocal_angle_gamma_esd   ? 
_cell.reciprocal_length_a          ? 
_cell.reciprocal_length_b          ? 
_cell.reciprocal_length_c          ? 
_cell.reciprocal_length_a_esd      ? 
_cell.reciprocal_length_b_esd      ? 
_cell.reciprocal_length_c_esd      ? 
_cell.pdbx_unique_axis             ? 
# 
_symmetry.entry_id                         7KK0 
_symmetry.cell_setting                     ? 
_symmetry.Int_Tables_number                22 
_symmetry.space_group_name_Hall            'F 2 2' 
_symmetry.space_group_name_H-M             'F 2 2 2' 
_symmetry.pdbx_full_space_group_name_H-M   ? 
# 
loop_
_entity.id 
_entity.type 
_entity.src_method 
_entity.pdbx_description 
_entity.formula_weight 
_entity.pdbx_number_of_molecules 
_entity.pdbx_ec 
_entity.pdbx_mutation 
_entity.pdbx_fragment 
_entity.details 
1 polymer     man 'Transcriptional regulator, MarR family' 20969.717 1   ? ? ? ? 
2 non-polymer syn CATECHOL                                 110.111   1   ? ? ? ? 
3 non-polymer syn 'SULFATE ION'                            96.063    3   ? ? ? ? 
4 water       nat water                                    18.015    114 ? ? ? ? 
# 
_entity_poly.entity_id                      1 
_entity_poly.type                           'polypeptide(L)' 
_entity_poly.nstd_linkage                   no 
_entity_poly.nstd_monomer                   no 
_entity_poly.pdbx_seq_one_letter_code       
;MHHHHHHSSGVDLGTENLYFQSNAMAEQPPETHRFVDDYLPALLAQASQLISSEFHEVARQHGFSVSEWRVMASLAGSEP
ISIGQLAQVTVTKQPTVTRLLDRMEARGQVERLPHESDRRITLVRITRKGLKAVEHLMELAREHERRVLEPFGLRRAEEL
KQTLRQMIDLHVHVPVEEPEED
;
_entity_poly.pdbx_seq_one_letter_code_can   
;MHHHHHHSSGVDLGTENLYFQSNAMAEQPPETHRFVDDYLPALLAQASQLISSEFHEVARQHGFSVSEWRVMASLAGSEP
ISIGQLAQVTVTKQPTVTRLLDRMEARGQVERLPHESDRRITLVRITRKGLKAVEHLMELAREHERRVLEPFGLRRAEEL
KQTLRQMIDLHVHVPVEEPEED
;
_entity_poly.pdbx_strand_id                 A 
_entity_poly.pdbx_target_identifier         ? 
# 
loop_
_entity_poly_seq.entity_id 
_entity_poly_seq.num 
_entity_poly_seq.mon_id 
_entity_poly_seq.hetero 
1 1   MET n 
1 2   HIS n 
1 3   HIS n 
1 4   HIS n 
1 5   HIS n 
1 6   HIS n 
1 7   HIS n 
1 8   SER n 
1 9   SER n 
1 10  GLY n 
1 11  VAL n 
1 12  ASP n 
1 13  LEU n 
1 14  GLY n 
1 15  THR n 
1 16  GLU n 
1 17  ASN n 
1 18  LEU n 
1 19  TYR n 
1 20  PHE n 
1 21  GLN n 
1 22  SER n 
1 23  ASN n 
1 24  ALA n 
1 25  MET n 
1 26  ALA n 
1 27  GLU n 
1 28  GLN n 
1 29  PRO n 
1 30  PRO n 
1 31  GLU n 
1 32  THR n 
1 33  HIS n 
1 34  ARG n 
1 35  PHE n 
1 36  VAL n 
1 37  ASP n 
1 38  ASP n 
1 39  TYR n 
1 40  LEU n 
1 41  PRO n 
1 42  ALA n 
1 43  LEU n 
1 44  LEU n 
1 45  ALA n 
1 46  GLN n 
1 47  ALA n 
1 48  SER n 
1 49  GLN n 
1 50  LEU n 
1 51  ILE n 
1 52  SER n 
1 53  SER n 
1 54  GLU n 
1 55  PHE n 
1 56  HIS n 
1 57  GLU n 
1 58  VAL n 
1 59  ALA n 
1 60  ARG n 
1 61  GLN n 
1 62  HIS n 
1 63  GLY n 
1 64  PHE n 
1 65  SER n 
1 66  VAL n 
1 67  SER n 
1 68  GLU n 
1 69  TRP n 
1 70  ARG n 
1 71  VAL n 
1 72  MET n 
1 73  ALA n 
1 74  SER n 
1 75  LEU n 
1 76  ALA n 
1 77  GLY n 
1 78  SER n 
1 79  GLU n 
1 80  PRO n 
1 81  ILE n 
1 82  SER n 
1 83  ILE n 
1 84  GLY n 
1 85  GLN n 
1 86  LEU n 
1 87  ALA n 
1 88  GLN n 
1 89  VAL n 
1 90  THR n 
1 91  VAL n 
1 92  THR n 
1 93  LYS n 
1 94  GLN n 
1 95  PRO n 
1 96  THR n 
1 97  VAL n 
1 98  THR n 
1 99  ARG n 
1 100 LEU n 
1 101 LEU n 
1 102 ASP n 
1 103 ARG n 
1 104 MET n 
1 105 GLU n 
1 106 ALA n 
1 107 ARG n 
1 108 GLY n 
1 109 GLN n 
1 110 VAL n 
1 111 GLU n 
1 112 ARG n 
1 113 LEU n 
1 114 PRO n 
1 115 HIS n 
1 116 GLU n 
1 117 SER n 
1 118 ASP n 
1 119 ARG n 
1 120 ARG n 
1 121 ILE n 
1 122 THR n 
1 123 LEU n 
1 124 VAL n 
1 125 ARG n 
1 126 ILE n 
1 127 THR n 
1 128 ARG n 
1 129 LYS n 
1 130 GLY n 
1 131 LEU n 
1 132 LYS n 
1 133 ALA n 
1 134 VAL n 
1 135 GLU n 
1 136 HIS n 
1 137 LEU n 
1 138 MET n 
1 139 GLU n 
1 140 LEU n 
1 141 ALA n 
1 142 ARG n 
1 143 GLU n 
1 144 HIS n 
1 145 GLU n 
1 146 ARG n 
1 147 ARG n 
1 148 VAL n 
1 149 LEU n 
1 150 GLU n 
1 151 PRO n 
1 152 PHE n 
1 153 GLY n 
1 154 LEU n 
1 155 ARG n 
1 156 ARG n 
1 157 ALA n 
1 158 GLU n 
1 159 GLU n 
1 160 LEU n 
1 161 LYS n 
1 162 GLN n 
1 163 THR n 
1 164 LEU n 
1 165 ARG n 
1 166 GLN n 
1 167 MET n 
1 168 ILE n 
1 169 ASP n 
1 170 LEU n 
1 171 HIS n 
1 172 VAL n 
1 173 HIS n 
1 174 VAL n 
1 175 PRO n 
1 176 VAL n 
1 177 GLU n 
1 178 GLU n 
1 179 PRO n 
1 180 GLU n 
1 181 GLU n 
1 182 ASP n 
# 
_entity_src_gen.entity_id                          1 
_entity_src_gen.pdbx_src_id                        1 
_entity_src_gen.pdbx_alt_source_flag               sample 
_entity_src_gen.pdbx_seq_type                      'Biological sequence' 
_entity_src_gen.pdbx_beg_seq_num                   1 
_entity_src_gen.pdbx_end_seq_num                   182 
_entity_src_gen.gene_src_common_name               ? 
_entity_src_gen.gene_src_genus                     ? 
_entity_src_gen.pdbx_gene_src_gene                 Vapar_1489 
_entity_src_gen.gene_src_species                   ? 
_entity_src_gen.gene_src_strain                    ? 
_entity_src_gen.gene_src_tissue                    ? 
_entity_src_gen.gene_src_tissue_fraction           ? 
_entity_src_gen.gene_src_details                   ? 
_entity_src_gen.pdbx_gene_src_fragment             ? 
_entity_src_gen.pdbx_gene_src_scientific_name      'Variovorax paradoxus' 
_entity_src_gen.pdbx_gene_src_ncbi_taxonomy_id     34073 
_entity_src_gen.pdbx_gene_src_variant              ? 
_entity_src_gen.pdbx_gene_src_cell_line            ? 
_entity_src_gen.pdbx_gene_src_atcc                 ? 
_entity_src_gen.pdbx_gene_src_organ                ? 
_entity_src_gen.pdbx_gene_src_organelle            ? 
_entity_src_gen.pdbx_gene_src_cell                 ? 
_entity_src_gen.pdbx_gene_src_cellular_location    ? 
_entity_src_gen.host_org_common_name               ? 
_entity_src_gen.pdbx_host_org_scientific_name      'Escherichia coli' 
_entity_src_gen.pdbx_host_org_ncbi_taxonomy_id     562 
_entity_src_gen.host_org_genus                     ? 
_entity_src_gen.pdbx_host_org_gene                 ? 
_entity_src_gen.pdbx_host_org_organ                ? 
_entity_src_gen.host_org_species                   ? 
_entity_src_gen.pdbx_host_org_tissue               ? 
_entity_src_gen.pdbx_host_org_tissue_fraction      ? 
_entity_src_gen.pdbx_host_org_strain               ? 
_entity_src_gen.pdbx_host_org_variant              ? 
_entity_src_gen.pdbx_host_org_cell_line            ? 
_entity_src_gen.pdbx_host_org_atcc                 ? 
_entity_src_gen.pdbx_host_org_culture_collection   ? 
_entity_src_gen.pdbx_host_org_cell                 ? 
_entity_src_gen.pdbx_host_org_organelle            ? 
_entity_src_gen.pdbx_host_org_cellular_location    ? 
_entity_src_gen.pdbx_host_org_vector_type          ? 
_entity_src_gen.pdbx_host_org_vector               ? 
_entity_src_gen.host_org_details                   ? 
_entity_src_gen.expression_system_id               ? 
_entity_src_gen.plasmid_name                       ? 
_entity_src_gen.plasmid_details                    ? 
_entity_src_gen.pdbx_description                   ? 
# 
_struct_ref.id                         1 
_struct_ref.db_name                    UNP 
_struct_ref.db_code                    C5CSP2_VARPS 
_struct_ref.pdbx_db_accession          C5CSP2 
_struct_ref.pdbx_db_isoform            ? 
_struct_ref.entity_id                  1 
_struct_ref.pdbx_seq_one_letter_code   
;MAEQPPETHRFVDDYLPALLAQASQLISSEFHEVARQHGFSVSEWRVMASLAGSEPISIGQLAQVTVTKQPTVTRLLDRM
EARGQVERLPHESDRRITLVRITRKGLKAVEHLMELAREHERRVLEPFGLRRAEELKQTLRQMIDLHVHVPVEEPEED
;
_struct_ref.pdbx_align_begin           1 
# 
_struct_ref_seq.align_id                      1 
_struct_ref_seq.ref_id                        1 
_struct_ref_seq.pdbx_PDB_id_code              7KK0 
_struct_ref_seq.pdbx_strand_id                A 
_struct_ref_seq.seq_align_beg                 25 
_struct_ref_seq.pdbx_seq_align_beg_ins_code   ? 
_struct_ref_seq.seq_align_end                 182 
_struct_ref_seq.pdbx_seq_align_end_ins_code   ? 
_struct_ref_seq.pdbx_db_accession             C5CSP2 
_struct_ref_seq.db_align_beg                  1 
_struct_ref_seq.pdbx_db_align_beg_ins_code    ? 
_struct_ref_seq.db_align_end                  158 
_struct_ref_seq.pdbx_db_align_end_ins_code    ? 
_struct_ref_seq.pdbx_auth_seq_align_beg       1 
_struct_ref_seq.pdbx_auth_seq_align_end       158 
# 
loop_
_struct_ref_seq_dif.align_id 
_struct_ref_seq_dif.pdbx_pdb_id_code 
_struct_ref_seq_dif.mon_id 
_struct_ref_seq_dif.pdbx_pdb_strand_id 
_struct_ref_seq_dif.seq_num 
_struct_ref_seq_dif.pdbx_pdb_ins_code 
_struct_ref_seq_dif.pdbx_seq_db_name 
_struct_ref_seq_dif.pdbx_seq_db_accession_code 
_struct_ref_seq_dif.db_mon_id 
_struct_ref_seq_dif.pdbx_seq_db_seq_num 
_struct_ref_seq_dif.details 
_struct_ref_seq_dif.pdbx_auth_seq_num 
_struct_ref_seq_dif.pdbx_ordinal 
1 7KK0 MET A 1  ? UNP C5CSP2 ? ? 'initiating methionine' -23 1  
1 7KK0 HIS A 2  ? UNP C5CSP2 ? ? 'expression tag'        -22 2  
1 7KK0 HIS A 3  ? UNP C5CSP2 ? ? 'expression tag'        -21 3  
1 7KK0 HIS A 4  ? UNP C5CSP2 ? ? 'expression tag'        -20 4  
1 7KK0 HIS A 5  ? UNP C5CSP2 ? ? 'expression tag'        -19 5  
1 7KK0 HIS A 6  ? UNP C5CSP2 ? ? 'expression tag'        -18 6  
1 7KK0 HIS A 7  ? UNP C5CSP2 ? ? 'expression tag'        -17 7  
1 7KK0 SER A 8  ? UNP C5CSP2 ? ? 'expression tag'        -16 8  
1 7KK0 SER A 9  ? UNP C5CSP2 ? ? 'expression tag'        -15 9  
1 7KK0 GLY A 10 ? UNP C5CSP2 ? ? 'expression tag'        -14 10 
1 7KK0 VAL A 11 ? UNP C5CSP2 ? ? 'expression tag'        -13 11 
1 7KK0 ASP A 12 ? UNP C5CSP2 ? ? 'expression tag'        -12 12 
1 7KK0 LEU A 13 ? UNP C5CSP2 ? ? 'expression tag'        -11 13 
1 7KK0 GLY A 14 ? UNP C5CSP2 ? ? 'expression tag'        -10 14 
1 7KK0 THR A 15 ? UNP C5CSP2 ? ? 'expression tag'        -9  15 
1 7KK0 GLU A 16 ? UNP C5CSP2 ? ? 'expression tag'        -8  16 
1 7KK0 ASN A 17 ? UNP C5CSP2 ? ? 'expression tag'        -7  17 
1 7KK0 LEU A 18 ? UNP C5CSP2 ? ? 'expression tag'        -6  18 
1 7KK0 TYR A 19 ? UNP C5CSP2 ? ? 'expression tag'        -5  19 
1 7KK0 PHE A 20 ? UNP C5CSP2 ? ? 'expression tag'        -4  20 
1 7KK0 GLN A 21 ? UNP C5CSP2 ? ? 'expression tag'        -3  21 
1 7KK0 SER A 22 ? UNP C5CSP2 ? ? 'expression tag'        -2  22 
1 7KK0 ASN A 23 ? UNP C5CSP2 ? ? 'expression tag'        -1  23 
1 7KK0 ALA A 24 ? UNP C5CSP2 ? ? 'expression tag'        0   24 
# 
loop_
_chem_comp.id 
_chem_comp.type 
_chem_comp.mon_nstd_flag 
_chem_comp.name 
_chem_comp.pdbx_synonyms 
_chem_comp.formula 
_chem_comp.formula_weight 
ALA 'L-peptide linking' y ALANINE         ?                    'C3 H7 N O2'     89.093  
ARG 'L-peptide linking' y ARGININE        ?                    'C6 H15 N4 O2 1' 175.209 
ASN 'L-peptide linking' y ASPARAGINE      ?                    'C4 H8 N2 O3'    132.118 
ASP 'L-peptide linking' y 'ASPARTIC ACID' ?                    'C4 H7 N O4'     133.103 
CAQ non-polymer         . CATECHOL        1,2-DIHYDROXYBENZENE 'C6 H6 O2'       110.111 
GLN 'L-peptide linking' y GLUTAMINE       ?                    'C5 H10 N2 O3'   146.144 
GLU 'L-peptide linking' y 'GLUTAMIC ACID' ?                    'C5 H9 N O4'     147.129 
GLY 'peptide linking'   y GLYCINE         ?                    'C2 H5 N O2'     75.067  
HIS 'L-peptide linking' y HISTIDINE       ?                    'C6 H10 N3 O2 1' 156.162 
HOH non-polymer         . WATER           ?                    'H2 O'           18.015  
ILE 'L-peptide linking' y ISOLEUCINE      ?                    'C6 H13 N O2'    131.173 
LEU 'L-peptide linking' y LEUCINE         ?                    'C6 H13 N O2'    131.173 
LYS 'L-peptide linking' y LYSINE          ?                    'C6 H15 N2 O2 1' 147.195 
MET 'L-peptide linking' y METHIONINE      ?                    'C5 H11 N O2 S'  149.211 
PHE 'L-peptide linking' y PHENYLALANINE   ?                    'C9 H11 N O2'    165.189 
PRO 'L-peptide linking' y PROLINE         ?                    'C5 H9 N O2'     115.130 
SER 'L-peptide linking' y SERINE          ?                    'C3 H7 N O3'     105.093 
SO4 non-polymer         . 'SULFATE ION'   ?                    'O4 S -2'        96.063  
THR 'L-peptide linking' y THREONINE       ?                    'C4 H9 N O3'     119.119 
TRP 'L-peptide linking' y TRYPTOPHAN      ?                    'C11 H12 N2 O2'  204.225 
TYR 'L-peptide linking' y TYROSINE        ?                    'C9 H11 N O3'    181.189 
VAL 'L-peptide linking' y VALINE          ?                    'C5 H11 N O2'    117.146 
# 
_exptl.absorpt_coefficient_mu     ? 
_exptl.absorpt_correction_T_max   ? 
_exptl.absorpt_correction_T_min   ? 
_exptl.absorpt_correction_type    ? 
_exptl.absorpt_process_details    ? 
_exptl.entry_id                   7KK0 
_exptl.crystals_number            1 
_exptl.details                    ? 
_exptl.method                     'X-RAY DIFFRACTION' 
_exptl.method_details             ? 
# 
_exptl_crystal.colour                      ? 
_exptl_crystal.density_diffrn              ? 
_exptl_crystal.density_Matthews            2.13 
_exptl_crystal.density_method              ? 
_exptl_crystal.density_percent_sol         42.31 
_exptl_crystal.description                 ? 
_exptl_crystal.F_000                       ? 
_exptl_crystal.id                          1 
_exptl_crystal.preparation                 ? 
_exptl_crystal.size_max                    ? 
_exptl_crystal.size_mid                    ? 
_exptl_crystal.size_min                    ? 
_exptl_crystal.size_rad                    ? 
_exptl_crystal.colour_lustre               ? 
_exptl_crystal.colour_modifier             ? 
_exptl_crystal.colour_primary              ? 
_exptl_crystal.density_meas                ? 
_exptl_crystal.density_meas_esd            ? 
_exptl_crystal.density_meas_gt             ? 
_exptl_crystal.density_meas_lt             ? 
_exptl_crystal.density_meas_temp           ? 
_exptl_crystal.density_meas_temp_esd       ? 
_exptl_crystal.density_meas_temp_gt        ? 
_exptl_crystal.density_meas_temp_lt        ? 
_exptl_crystal.pdbx_crystal_image_url      ? 
_exptl_crystal.pdbx_crystal_image_format   ? 
_exptl_crystal.pdbx_mosaicity              ? 
_exptl_crystal.pdbx_mosaicity_esd          ? 
# 
_exptl_crystal_grow.apparatus       ? 
_exptl_crystal_grow.atmosphere      ? 
_exptl_crystal_grow.crystal_id      1 
_exptl_crystal_grow.details         ? 
_exptl_crystal_grow.method          'VAPOR DIFFUSION, SITTING DROP' 
_exptl_crystal_grow.method_ref      ? 
_exptl_crystal_grow.pH              ? 
_exptl_crystal_grow.pressure        ? 
_exptl_crystal_grow.pressure_esd    ? 
_exptl_crystal_grow.seeding         ? 
_exptl_crystal_grow.seeding_ref     ? 
_exptl_crystal_grow.temp            293 
_exptl_crystal_grow.temp_details    ? 
_exptl_crystal_grow.temp_esd        ? 
_exptl_crystal_grow.time            ? 
_exptl_crystal_grow.pdbx_details    '0.2 M Ammonium Sulfate, 0.1 M HEPES: NaOH, pH 7.5, 25 % (w/v) PEG 3350' 
_exptl_crystal_grow.pdbx_pH_range   ? 
# 
_diffrn.ambient_environment              ? 
_diffrn.ambient_temp                     100 
_diffrn.ambient_temp_details             ? 
_diffrn.ambient_temp_esd                 ? 
_diffrn.crystal_id                       1 
_diffrn.crystal_support                  ? 
_diffrn.crystal_treatment                ? 
_diffrn.details                          ? 
_diffrn.id                               1 
_diffrn.ambient_pressure                 ? 
_diffrn.ambient_pressure_esd             ? 
_diffrn.ambient_pressure_gt              ? 
_diffrn.ambient_pressure_lt              ? 
_diffrn.ambient_temp_gt                  ? 
_diffrn.ambient_temp_lt                  ? 
_diffrn.pdbx_serial_crystal_experiment   N 
# 
_diffrn_detector.details                      ? 
_diffrn_detector.detector                     PIXEL 
_diffrn_detector.diffrn_id                    1 
_diffrn_detector.type                         'DECTRIS PILATUS3 6M' 
_diffrn_detector.area_resol_mean              ? 
_diffrn_detector.dtime                        ? 
_diffrn_detector.pdbx_frames_total            ? 
_diffrn_detector.pdbx_collection_time_total   ? 
_diffrn_detector.pdbx_collection_date         2019-12-17 
_diffrn_detector.pdbx_frequency               ? 
# 
_diffrn_radiation.collimation                      ? 
_diffrn_radiation.diffrn_id                        1 
_diffrn_radiation.filter_edge                      ? 
_diffrn_radiation.inhomogeneity                    ? 
_diffrn_radiation.monochromator                    ? 
_diffrn_radiation.polarisn_norm                    ? 
_diffrn_radiation.polarisn_ratio                   ? 
_diffrn_radiation.probe                            ? 
_diffrn_radiation.type                             ? 
_diffrn_radiation.xray_symbol                      ? 
_diffrn_radiation.wavelength_id                    1 
_diffrn_radiation.pdbx_monochromatic_or_laue_m_l   M 
_diffrn_radiation.pdbx_wavelength_list             ? 
_diffrn_radiation.pdbx_wavelength                  ? 
_diffrn_radiation.pdbx_diffrn_protocol             'SINGLE WAVELENGTH' 
_diffrn_radiation.pdbx_analyzer                    ? 
_diffrn_radiation.pdbx_scattering_type             x-ray 
# 
_diffrn_radiation_wavelength.id           1 
_diffrn_radiation_wavelength.wavelength   1.03320 
_diffrn_radiation_wavelength.wt           1.0 
# 
_diffrn_source.current                     ? 
_diffrn_source.details                     ? 
_diffrn_source.diffrn_id                   1 
_diffrn_source.power                       ? 
_diffrn_source.size                        ? 
_diffrn_source.source                      SYNCHROTRON 
_diffrn_source.target                      ? 
_diffrn_source.type                        'APS BEAMLINE 23-ID-D' 
_diffrn_source.voltage                     ? 
_diffrn_source.take-off_angle              ? 
_diffrn_source.pdbx_wavelength_list        1.03320 
_diffrn_source.pdbx_wavelength             ? 
_diffrn_source.pdbx_synchrotron_beamline   23-ID-D 
_diffrn_source.pdbx_synchrotron_site       APS 
# 
_reflns.B_iso_Wilson_estimate            23.58 
_reflns.entry_id                         7KK0 
_reflns.data_reduction_details           ? 
_reflns.data_reduction_method            ? 
_reflns.d_resolution_high                1.5 
_reflns.d_resolution_low                 45.32 
_reflns.details                          ? 
_reflns.limit_h_max                      ? 
_reflns.limit_h_min                      ? 
_reflns.limit_k_max                      ? 
_reflns.limit_k_min                      ? 
_reflns.limit_l_max                      ? 
_reflns.limit_l_min                      ? 
_reflns.number_all                       ? 
_reflns.number_obs                       28832 
_reflns.observed_criterion               ? 
_reflns.observed_criterion_F_max         ? 
_reflns.observed_criterion_F_min         ? 
_reflns.observed_criterion_I_max         ? 
_reflns.observed_criterion_I_min         ? 
_reflns.observed_criterion_sigma_F       ? 
_reflns.observed_criterion_sigma_I       ? 
_reflns.percent_possible_obs             99.82 
_reflns.R_free_details                   ? 
_reflns.Rmerge_F_all                     ? 
_reflns.Rmerge_F_obs                     ? 
_reflns.Friedel_coverage                 ? 
_reflns.number_gt                        ? 
_reflns.threshold_expression             ? 
_reflns.pdbx_redundancy                  2.0 
_reflns.pdbx_Rmerge_I_obs                ? 
_reflns.pdbx_Rmerge_I_all                ? 
_reflns.pdbx_Rsym_value                  ? 
_reflns.pdbx_netI_over_av_sigmaI         ? 
_reflns.pdbx_netI_over_sigmaI            19.52 
_reflns.pdbx_res_netI_over_av_sigmaI_2   ? 
_reflns.pdbx_res_netI_over_sigmaI_2      ? 
_reflns.pdbx_chi_squared                 ? 
_reflns.pdbx_scaling_rejects             ? 
_reflns.pdbx_d_res_high_opt              ? 
_reflns.pdbx_d_res_low_opt               ? 
_reflns.pdbx_d_res_opt_method            ? 
_reflns.phase_calculation_details        ? 
_reflns.pdbx_Rrim_I_all                  ? 
_reflns.pdbx_Rpim_I_all                  ? 
_reflns.pdbx_d_opt                       ? 
_reflns.pdbx_number_measured_all         ? 
_reflns.pdbx_diffrn_id                   1 
_reflns.pdbx_ordinal                     1 
_reflns.pdbx_CC_half                     1 
_reflns.pdbx_CC_star                     ? 
_reflns.pdbx_R_split                     ? 
# 
_reflns_shell.d_res_high                  1.5 
_reflns_shell.d_res_low                   1.554 
_reflns_shell.meanI_over_sigI_all         ? 
_reflns_shell.meanI_over_sigI_obs         ? 
_reflns_shell.number_measured_all         ? 
_reflns_shell.number_measured_obs         ? 
_reflns_shell.number_possible             ? 
_reflns_shell.number_unique_all           ? 
_reflns_shell.number_unique_obs           2849 
_reflns_shell.percent_possible_all        ? 
_reflns_shell.percent_possible_obs        ? 
_reflns_shell.Rmerge_F_all                ? 
_reflns_shell.Rmerge_F_obs                ? 
_reflns_shell.Rmerge_I_all                ? 
_reflns_shell.Rmerge_I_obs                ? 
_reflns_shell.meanI_over_sigI_gt          ? 
_reflns_shell.meanI_over_uI_all           ? 
_reflns_shell.meanI_over_uI_gt            ? 
_reflns_shell.number_measured_gt          ? 
_reflns_shell.number_unique_gt            ? 
_reflns_shell.percent_possible_gt         ? 
_reflns_shell.Rmerge_F_gt                 ? 
_reflns_shell.Rmerge_I_gt                 ? 
_reflns_shell.pdbx_redundancy             ? 
_reflns_shell.pdbx_Rsym_value             ? 
_reflns_shell.pdbx_chi_squared            ? 
_reflns_shell.pdbx_netI_over_sigmaI_all   ? 
_reflns_shell.pdbx_netI_over_sigmaI_obs   ? 
_reflns_shell.pdbx_Rrim_I_all             ? 
_reflns_shell.pdbx_Rpim_I_all             ? 
_reflns_shell.pdbx_rejects                ? 
_reflns_shell.pdbx_ordinal                1 
_reflns_shell.pdbx_diffrn_id              1 
_reflns_shell.pdbx_CC_half                0.743 
_reflns_shell.pdbx_CC_star                ? 
_reflns_shell.pdbx_R_split                ? 
# 
_refine.aniso_B[1][1]                            ? 
_refine.aniso_B[1][2]                            ? 
_refine.aniso_B[1][3]                            ? 
_refine.aniso_B[2][2]                            ? 
_refine.aniso_B[2][3]                            ? 
_refine.aniso_B[3][3]                            ? 
_refine.B_iso_max                                ? 
_refine.B_iso_mean                               29.65 
_refine.B_iso_min                                ? 
_refine.correlation_coeff_Fo_to_Fc               ? 
_refine.correlation_coeff_Fo_to_Fc_free          ? 
_refine.details                                  ? 
_refine.diff_density_max                         ? 
_refine.diff_density_max_esd                     ? 
_refine.diff_density_min                         ? 
_refine.diff_density_min_esd                     ? 
_refine.diff_density_rms                         ? 
_refine.diff_density_rms_esd                     ? 
_refine.entry_id                                 7KK0 
_refine.pdbx_refine_id                           'X-RAY DIFFRACTION' 
_refine.ls_abs_structure_details                 ? 
_refine.ls_abs_structure_Flack                   ? 
_refine.ls_abs_structure_Flack_esd               ? 
_refine.ls_abs_structure_Rogers                  ? 
_refine.ls_abs_structure_Rogers_esd              ? 
_refine.ls_d_res_high                            1.50 
_refine.ls_d_res_low                             45.32 
_refine.ls_extinction_coef                       ? 
_refine.ls_extinction_coef_esd                   ? 
_refine.ls_extinction_expression                 ? 
_refine.ls_extinction_method                     ? 
_refine.ls_goodness_of_fit_all                   ? 
_refine.ls_goodness_of_fit_all_esd               ? 
_refine.ls_goodness_of_fit_obs                   ? 
_refine.ls_goodness_of_fit_obs_esd               ? 
_refine.ls_hydrogen_treatment                    ? 
_refine.ls_matrix_type                           ? 
_refine.ls_number_constraints                    ? 
_refine.ls_number_parameters                     ? 
_refine.ls_number_reflns_all                     ? 
_refine.ls_number_reflns_obs                     28827 
_refine.ls_number_reflns_R_free                  2002 
_refine.ls_number_reflns_R_work                  26825 
_refine.ls_number_restraints                     ? 
_refine.ls_percent_reflns_obs                    99.83 
_refine.ls_percent_reflns_R_free                 6.94 
_refine.ls_R_factor_all                          ? 
_refine.ls_R_factor_obs                          0.1843 
_refine.ls_R_factor_R_free                       0.1960 
_refine.ls_R_factor_R_free_error                 ? 
_refine.ls_R_factor_R_free_error_details         ? 
_refine.ls_R_factor_R_work                       0.1834 
_refine.ls_R_Fsqd_factor_obs                     ? 
_refine.ls_R_I_factor_obs                        ? 
_refine.ls_redundancy_reflns_all                 ? 
_refine.ls_redundancy_reflns_obs                 ? 
_refine.ls_restrained_S_all                      ? 
_refine.ls_restrained_S_obs                      ? 
_refine.ls_shift_over_esd_max                    ? 
_refine.ls_shift_over_esd_mean                   ? 
_refine.ls_structure_factor_coef                 ? 
_refine.ls_weighting_details                     ? 
_refine.ls_weighting_scheme                      ? 
_refine.ls_wR_factor_all                         ? 
_refine.ls_wR_factor_obs                         ? 
_refine.ls_wR_factor_R_free                      ? 
_refine.ls_wR_factor_R_work                      ? 
_refine.occupancy_max                            ? 
_refine.occupancy_min                            ? 
_refine.solvent_model_details                    'FLAT BULK SOLVENT MODEL' 
_refine.solvent_model_param_bsol                 ? 
_refine.solvent_model_param_ksol                 ? 
_refine.pdbx_R_complete                          ? 
_refine.ls_R_factor_gt                           ? 
_refine.ls_goodness_of_fit_gt                    ? 
_refine.ls_goodness_of_fit_ref                   ? 
_refine.ls_shift_over_su_max                     ? 
_refine.ls_shift_over_su_max_lt                  ? 
_refine.ls_shift_over_su_mean                    ? 
_refine.ls_shift_over_su_mean_lt                 ? 
_refine.pdbx_ls_sigma_I                          ? 
_refine.pdbx_ls_sigma_F                          1.34 
_refine.pdbx_ls_sigma_Fsqd                       ? 
_refine.pdbx_data_cutoff_high_absF               ? 
_refine.pdbx_data_cutoff_high_rms_absF           ? 
_refine.pdbx_data_cutoff_low_absF                ? 
_refine.pdbx_isotropic_thermal_model             ? 
_refine.pdbx_ls_cross_valid_method               'FREE R-VALUE' 
_refine.pdbx_method_to_determine_struct          'MOLECULAR REPLACEMENT' 
_refine.pdbx_starting_model                      7KFO 
_refine.pdbx_stereochemistry_target_values       'GeoStd + Monomer Library + CDL v1.2' 
_refine.pdbx_R_Free_selection_details            ? 
_refine.pdbx_stereochem_target_val_spec_case     ? 
_refine.pdbx_overall_ESU_R                       ? 
_refine.pdbx_overall_ESU_R_Free                  ? 
_refine.pdbx_solvent_vdw_probe_radii             1.1100 
_refine.pdbx_solvent_ion_probe_radii             ? 
_refine.pdbx_solvent_shrinkage_radii             0.9000 
_refine.pdbx_real_space_R                        ? 
_refine.pdbx_density_correlation                 ? 
_refine.pdbx_pd_number_of_powder_patterns        ? 
_refine.pdbx_pd_number_of_points                 ? 
_refine.pdbx_pd_meas_number_of_points            ? 
_refine.pdbx_pd_proc_ls_prof_R_factor            ? 
_refine.pdbx_pd_proc_ls_prof_wR_factor           ? 
_refine.pdbx_pd_Marquardt_correlation_coeff      ? 
_refine.pdbx_pd_Fsqrd_R_factor                   ? 
_refine.pdbx_pd_ls_matrix_band_width             ? 
_refine.pdbx_overall_phase_error                 20.4373 
_refine.pdbx_overall_SU_R_free_Cruickshank_DPI   ? 
_refine.pdbx_overall_SU_R_free_Blow_DPI          ? 
_refine.pdbx_overall_SU_R_Blow_DPI               ? 
_refine.pdbx_TLS_residual_ADP_flag               ? 
_refine.pdbx_diffrn_id                           1 
_refine.overall_SU_B                             ? 
_refine.overall_SU_ML                            0.1663 
_refine.overall_SU_R_Cruickshank_DPI             ? 
_refine.overall_SU_R_free                        ? 
_refine.overall_FOM_free_R_set                   ? 
_refine.overall_FOM_work_R_set                   ? 
_refine.pdbx_average_fsc_overall                 ? 
_refine.pdbx_average_fsc_work                    ? 
_refine.pdbx_average_fsc_free                    ? 
# 
_refine_hist.pdbx_refine_id                   'X-RAY DIFFRACTION' 
_refine_hist.cycle_id                         LAST 
_refine_hist.details                          ? 
_refine_hist.d_res_high                       1.50 
_refine_hist.d_res_low                        45.32 
_refine_hist.number_atoms_solvent             115 
_refine_hist.number_atoms_total               1228 
_refine_hist.number_reflns_all                ? 
_refine_hist.number_reflns_obs                ? 
_refine_hist.number_reflns_R_free             ? 
_refine_hist.number_reflns_R_work             ? 
_refine_hist.R_factor_all                     ? 
_refine_hist.R_factor_obs                     ? 
_refine_hist.R_factor_R_free                  ? 
_refine_hist.R_factor_R_work                  ? 
_refine_hist.pdbx_number_residues_total       ? 
_refine_hist.pdbx_B_iso_mean_ligand           ? 
_refine_hist.pdbx_B_iso_mean_solvent          ? 
_refine_hist.pdbx_number_atoms_protein        1090 
_refine_hist.pdbx_number_atoms_nucleic_acid   0 
_refine_hist.pdbx_number_atoms_ligand         23 
_refine_hist.pdbx_number_atoms_lipid          ? 
_refine_hist.pdbx_number_atoms_carb           ? 
_refine_hist.pdbx_pseudo_atom_details         ? 
# 
loop_
_refine_ls_restr.pdbx_refine_id 
_refine_ls_restr.criterion 
_refine_ls_restr.dev_ideal 
_refine_ls_restr.dev_ideal_target 
_refine_ls_restr.number 
_refine_ls_restr.rejects 
_refine_ls_restr.type 
_refine_ls_restr.weight 
_refine_ls_restr.pdbx_restraint_function 
'X-RAY DIFFRACTION' ? 0.0081  ? 1305 ? f_bond_d           ? ? 
'X-RAY DIFFRACTION' ? 1.0713  ? 1785 ? f_angle_d          ? ? 
'X-RAY DIFFRACTION' ? 0.0504  ? 195  ? f_chiral_restr     ? ? 
'X-RAY DIFFRACTION' ? 0.0057  ? 241  ? f_plane_restr      ? ? 
'X-RAY DIFFRACTION' ? 32.0027 ? 189  ? f_dihedral_angle_d ? ? 
# 
loop_
_refine_ls_shell.pdbx_refine_id 
_refine_ls_shell.d_res_high 
_refine_ls_shell.d_res_low 
_refine_ls_shell.number_reflns_all 
_refine_ls_shell.number_reflns_obs 
_refine_ls_shell.number_reflns_R_free 
_refine_ls_shell.number_reflns_R_work 
_refine_ls_shell.percent_reflns_obs 
_refine_ls_shell.percent_reflns_R_free 
_refine_ls_shell.R_factor_all 
_refine_ls_shell.R_factor_obs 
_refine_ls_shell.R_factor_R_free 
_refine_ls_shell.R_factor_R_free_error 
_refine_ls_shell.R_factor_R_work 
_refine_ls_shell.redundancy_reflns_all 
_refine_ls_shell.redundancy_reflns_obs 
_refine_ls_shell.wR_factor_all 
_refine_ls_shell.wR_factor_obs 
_refine_ls_shell.wR_factor_R_free 
_refine_ls_shell.wR_factor_R_work 
_refine_ls_shell.pdbx_R_complete 
_refine_ls_shell.pdbx_total_number_of_bins_used 
_refine_ls_shell.pdbx_phase_error 
_refine_ls_shell.pdbx_fsc_work 
_refine_ls_shell.pdbx_fsc_free 
'X-RAY DIFFRACTION' 1.50 1.54  . . 136 1887 99.95 . . . 0.2774 . 0.2766 . . . . . . . . . . . 
'X-RAY DIFFRACTION' 1.54 1.58  . . 145 1898 99.95 . . . 0.2535 . 0.2508 . . . . . . . . . . . 
'X-RAY DIFFRACTION' 1.58 1.63  . . 142 1887 99.90 . . . 0.2664 . 0.2429 . . . . . . . . . . . 
'X-RAY DIFFRACTION' 1.63 1.68  . . 146 1902 99.95 . . . 0.2243 . 0.2305 . . . . . . . . . . . 
'X-RAY DIFFRACTION' 1.68 1.74  . . 138 1889 99.80 . . . 0.2433 . 0.2192 . . . . . . . . . . . 
'X-RAY DIFFRACTION' 1.74 1.81  . . 145 1906 99.95 . . . 0.2349 . 0.2109 . . . . . . . . . . . 
'X-RAY DIFFRACTION' 1.81 1.89  . . 142 1905 99.90 . . . 0.2094 . 0.2041 . . . . . . . . . . . 
'X-RAY DIFFRACTION' 1.89 1.99  . . 143 1913 99.95 . . . 0.2284 . 0.1960 . . . . . . . . . . . 
'X-RAY DIFFRACTION' 1.99 2.11  . . 143 1914 99.81 . . . 0.1894 . 0.1823 . . . . . . . . . . . 
'X-RAY DIFFRACTION' 2.11 2.28  . . 144 1916 99.90 . . . 0.1958 . 0.1766 . . . . . . . . . . . 
'X-RAY DIFFRACTION' 2.28 2.51  . . 140 1928 99.86 . . . 0.1809 . 0.1707 . . . . . . . . . . . 
'X-RAY DIFFRACTION' 2.51 2.87  . . 141 1926 99.71 . . . 0.1994 . 0.1802 . . . . . . . . . . . 
'X-RAY DIFFRACTION' 2.87 3.61  . . 143 1944 99.90 . . . 0.1756 . 0.1757 . . . . . . . . . . . 
'X-RAY DIFFRACTION' 3.61 45.32 . . 154 2010 99.08 . . . 0.1868 . 0.1718 . . . . . . . . . . . 
# 
_struct.entry_id                     7KK0 
_struct.title                        
'Crystal structure of the MarR family transcriptional regulator from Variovorax paradoxus bound to Catechol' 
_struct.pdbx_model_details           ? 
_struct.pdbx_formula_weight          ? 
_struct.pdbx_formula_weight_method   ? 
_struct.pdbx_model_type_details      ? 
_struct.pdbx_CASP_flag               N 
# 
_struct_keywords.entry_id        7KK0 
_struct_keywords.text            'Transcriptional Regulator, Ligand Binding, DNA BINDING PROTEIN' 
_struct_keywords.pdbx_keywords   'DNA BINDING PROTEIN' 
# 
loop_
_struct_asym.id 
_struct_asym.pdbx_blank_PDB_chainid_flag 
_struct_asym.pdbx_modified 
_struct_asym.entity_id 
_struct_asym.details 
A N N 1 ? 
B N N 2 ? 
C N N 3 ? 
D N N 3 ? 
E N N 3 ? 
F N N 4 ? 
# 
loop_
_struct_conf.conf_type_id 
_struct_conf.id 
_struct_conf.pdbx_PDB_helix_id 
_struct_conf.beg_label_comp_id 
_struct_conf.beg_label_asym_id 
_struct_conf.beg_label_seq_id 
_struct_conf.pdbx_beg_PDB_ins_code 
_struct_conf.end_label_comp_id 
_struct_conf.end_label_asym_id 
_struct_conf.end_label_seq_id 
_struct_conf.pdbx_end_PDB_ins_code 
_struct_conf.beg_auth_comp_id 
_struct_conf.beg_auth_asym_id 
_struct_conf.beg_auth_seq_id 
_struct_conf.end_auth_comp_id 
_struct_conf.end_auth_asym_id 
_struct_conf.end_auth_seq_id 
_struct_conf.pdbx_PDB_helix_class 
_struct_conf.details 
_struct_conf.pdbx_PDB_helix_length 
HELX_P HELX_P1 AA1 ARG A 34  ? ASP A 38  ? ARG A 10  ASP A 14  5 ? 5  
HELX_P HELX_P2 AA2 TYR A 39  ? HIS A 62  ? TYR A 15  HIS A 38  1 ? 24 
HELX_P HELX_P3 AA3 SER A 65  ? ALA A 76  ? SER A 41  ALA A 52  1 ? 12 
HELX_P HELX_P4 AA4 ILE A 83  ? THR A 90  ? ILE A 59  THR A 66  1 ? 8  
HELX_P HELX_P5 AA5 LYS A 93  ? ARG A 107 ? LYS A 69  ARG A 83  1 ? 15 
HELX_P HELX_P6 AA6 THR A 127 ? GLU A 150 ? THR A 103 GLU A 126 1 ? 24 
HELX_P HELX_P7 AA7 PHE A 152 ? VAL A 172 ? PHE A 128 VAL A 148 1 ? 21 
# 
_struct_conf_type.id          HELX_P 
_struct_conf_type.criteria    ? 
_struct_conf_type.reference   ? 
# 
_struct_sheet.id               AA1 
_struct_sheet.type             ? 
_struct_sheet.number_strands   3 
_struct_sheet.details          ? 
# 
loop_
_struct_sheet_order.sheet_id 
_struct_sheet_order.range_id_1 
_struct_sheet_order.range_id_2 
_struct_sheet_order.offset 
_struct_sheet_order.sense 
AA1 1 2 ? anti-parallel 
AA1 2 3 ? anti-parallel 
# 
loop_
_struct_sheet_range.sheet_id 
_struct_sheet_range.id 
_struct_sheet_range.beg_label_comp_id 
_struct_sheet_range.beg_label_asym_id 
_struct_sheet_range.beg_label_seq_id 
_struct_sheet_range.pdbx_beg_PDB_ins_code 
_struct_sheet_range.end_label_comp_id 
_struct_sheet_range.end_label_asym_id 
_struct_sheet_range.end_label_seq_id 
_struct_sheet_range.pdbx_end_PDB_ins_code 
_struct_sheet_range.beg_auth_comp_id 
_struct_sheet_range.beg_auth_asym_id 
_struct_sheet_range.beg_auth_seq_id 
_struct_sheet_range.end_auth_comp_id 
_struct_sheet_range.end_auth_asym_id 
_struct_sheet_range.end_auth_seq_id 
AA1 1 ILE A 81  ? SER A 82  ? ILE A 57 SER A 58  
AA1 2 LEU A 123 ? ILE A 126 ? LEU A 99 ILE A 102 
AA1 3 VAL A 110 ? LEU A 113 ? VAL A 86 LEU A 89  
# 
loop_
_pdbx_struct_sheet_hbond.sheet_id 
_pdbx_struct_sheet_hbond.range_id_1 
_pdbx_struct_sheet_hbond.range_id_2 
_pdbx_struct_sheet_hbond.range_1_label_atom_id 
_pdbx_struct_sheet_hbond.range_1_label_comp_id 
_pdbx_struct_sheet_hbond.range_1_label_asym_id 
_pdbx_struct_sheet_hbond.range_1_label_seq_id 
_pdbx_struct_sheet_hbond.range_1_PDB_ins_code 
_pdbx_struct_sheet_hbond.range_1_auth_atom_id 
_pdbx_struct_sheet_hbond.range_1_auth_comp_id 
_pdbx_struct_sheet_hbond.range_1_auth_asym_id 
_pdbx_struct_sheet_hbond.range_1_auth_seq_id 
_pdbx_struct_sheet_hbond.range_2_label_atom_id 
_pdbx_struct_sheet_hbond.range_2_label_comp_id 
_pdbx_struct_sheet_hbond.range_2_label_asym_id 
_pdbx_struct_sheet_hbond.range_2_label_seq_id 
_pdbx_struct_sheet_hbond.range_2_PDB_ins_code 
_pdbx_struct_sheet_hbond.range_2_auth_atom_id 
_pdbx_struct_sheet_hbond.range_2_auth_comp_id 
_pdbx_struct_sheet_hbond.range_2_auth_asym_id 
_pdbx_struct_sheet_hbond.range_2_auth_seq_id 
AA1 1 2 N ILE A 81  ? N ILE A 57 O VAL A 124 ? O VAL A 100 
AA1 2 3 O LEU A 123 ? O LEU A 99 N LEU A 113 ? N LEU A 89  
# 
loop_
_struct_site.id 
_struct_site.pdbx_evidence_code 
_struct_site.pdbx_auth_asym_id 
_struct_site.pdbx_auth_comp_id 
_struct_site.pdbx_auth_seq_id 
_struct_site.pdbx_auth_ins_code 
_struct_site.pdbx_num_residues 
_struct_site.details 
AC1 Software A CAQ 201 ? 5  'binding site for residue CAQ A 201' 
AC2 Software A SO4 202 ? 12 'binding site for residue SO4 A 202' 
AC3 Software A SO4 203 ? 6  'binding site for residue SO4 A 203' 
AC4 Software A SO4 204 ? 8  'binding site for residue SO4 A 204' 
# 
loop_
_struct_site_gen.id 
_struct_site_gen.site_id 
_struct_site_gen.pdbx_num_res 
_struct_site_gen.label_comp_id 
_struct_site_gen.label_asym_id 
_struct_site_gen.label_seq_id 
_struct_site_gen.pdbx_auth_ins_code 
_struct_site_gen.auth_comp_id 
_struct_site_gen.auth_asym_id 
_struct_site_gen.auth_seq_id 
_struct_site_gen.label_atom_id 
_struct_site_gen.label_alt_id 
_struct_site_gen.symmetry 
_struct_site_gen.details 
1  AC1 5  ALA A 42  ? ALA A 18  . ? 2_565  ? 
2  AC1 5  ARG A 70  ? ARG A 46  . ? 1_555  ? 
3  AC1 5  SER A 74  ? SER A 50  . ? 1_555  ? 
4  AC1 5  VAL A 89  ? VAL A 65  . ? 1_555  ? 
5  AC1 5  HOH F .   ? HOH A 338 . ? 1_555  ? 
6  AC2 12 ARG A 125 ? ARG A 101 . ? 1_555  ? 
7  AC2 12 ARG A 125 ? ARG A 101 . ? 14_555 ? 
8  AC2 12 THR A 127 ? THR A 103 . ? 14_555 ? 
9  AC2 12 THR A 127 ? THR A 103 . ? 1_555  ? 
10 AC2 12 ARG A 128 ? ARG A 104 . ? 14_555 ? 
11 AC2 12 ARG A 128 ? ARG A 104 . ? 1_555  ? 
12 AC2 12 HOH F .   ? HOH A 310 . ? 14_555 ? 
13 AC2 12 HOH F .   ? HOH A 310 . ? 1_555  ? 
14 AC2 12 HOH F .   ? HOH A 346 . ? 1_555  ? 
15 AC2 12 HOH F .   ? HOH A 346 . ? 14_555 ? 
16 AC2 12 HOH F .   ? HOH A 367 . ? 14_555 ? 
17 AC2 12 HOH F .   ? HOH A 367 . ? 1_555  ? 
18 AC3 6  SER A 53  ? SER A 29  . ? 1_555  ? 
19 AC3 6  HIS A 56  ? HIS A 32  . ? 1_555  ? 
20 AC3 6  ARG A 60  ? ARG A 36  . ? 1_555  ? 
21 AC3 6  HOH F .   ? HOH A 302 . ? 1_555  ? 
22 AC3 6  HOH F .   ? HOH A 305 . ? 1_555  ? 
23 AC3 6  HOH F .   ? HOH A 328 . ? 1_555  ? 
24 AC4 8  ARG A 60  ? ARG A 36  . ? 1_555  ? 
25 AC4 8  SER A 65  ? SER A 41  . ? 1_555  ? 
26 AC4 8  VAL A 66  ? VAL A 42  . ? 1_555  ? 
27 AC4 8  ARG A 99  ? ARG A 75  . ? 3_556  ? 
28 AC4 8  ARG A 103 ? ARG A 79  . ? 3_556  ? 
29 AC4 8  HOH F .   ? HOH A 308 . ? 1_555  ? 
30 AC4 8  HOH F .   ? HOH A 314 . ? 1_555  ? 
31 AC4 8  HOH F .   ? HOH A 375 . ? 1_555  ? 
# 
_atom_sites.entry_id                    7KK0 
_atom_sites.Cartn_transf_matrix[1][1]   ? 
_atom_sites.Cartn_transf_matrix[1][2]   ? 
_atom_sites.Cartn_transf_matrix[1][3]   ? 
_atom_sites.Cartn_transf_matrix[2][1]   ? 
_atom_sites.Cartn_transf_matrix[2][2]   ? 
_atom_sites.Cartn_transf_matrix[2][3]   ? 
_atom_sites.Cartn_transf_matrix[3][1]   ? 
_atom_sites.Cartn_transf_matrix[3][2]   ? 
_atom_sites.Cartn_transf_matrix[3][3]   ? 
_atom_sites.Cartn_transf_vector[1]      ? 
_atom_sites.Cartn_transf_vector[2]      ? 
_atom_sites.Cartn_transf_vector[3]      ? 
_atom_sites.fract_transf_matrix[1][1]   0.01548540 
_atom_sites.fract_transf_matrix[1][2]   -0.00836526 
_atom_sites.fract_transf_matrix[1][3]   -0.00491939 
_atom_sites.fract_transf_matrix[2][1]   -0.00303421 
_atom_sites.fract_transf_matrix[2][2]   -0.00756611 
_atom_sites.fract_transf_matrix[2][3]   0.00331474 
_atom_sites.fract_transf_matrix[3][1]   -0.00351038 
_atom_sites.fract_transf_matrix[3][2]   -0.00196754 
_atom_sites.fract_transf_matrix[3][3]   -0.00770434 
_atom_sites.fract_transf_vector[1]      0.066738 
_atom_sites.fract_transf_vector[2]      0.408493 
_atom_sites.fract_transf_vector[3]      0.374407 
_atom_sites.solution_primary            ? 
_atom_sites.solution_secondary          ? 
_atom_sites.solution_hydrogens          ? 
_atom_sites.special_details             ? 
# 
loop_
_atom_type.symbol 
_atom_type.scat_dispersion_real 
_atom_type.scat_dispersion_imag 
_atom_type.scat_Cromer_Mann_a1 
_atom_type.scat_Cromer_Mann_a2 
_atom_type.scat_Cromer_Mann_a3 
_atom_type.scat_Cromer_Mann_a4 
_atom_type.scat_Cromer_Mann_b1 
_atom_type.scat_Cromer_Mann_b2 
_atom_type.scat_Cromer_Mann_b3 
_atom_type.scat_Cromer_Mann_b4 
_atom_type.scat_Cromer_Mann_c 
_atom_type.scat_source 
_atom_type.scat_dispersion_source 
C ? ? 3.54356 2.42580 ? ? 25.62398 1.50364  ? ? 0.0 
;2-Gaussian fit: Grosse-Kunstleve RW, Sauter NK, Adams PD: Newsletter of the IUCr Commission on Crystallographic Computing 2004, 3, 22-31.
;
? 
H ? ? 0.51345 0.48472 ? ? 24.73122 6.32584  ? ? 0.0 
;2-Gaussian fit: Grosse-Kunstleve RW, Sauter NK, Adams PD: Newsletter of the IUCr Commission on Crystallographic Computing 2004, 3, 22-31.
;
? 
N ? ? 4.01032 2.96436 ? ? 19.97189 1.75589  ? ? 0.0 
;2-Gaussian fit: Grosse-Kunstleve RW, Sauter NK, Adams PD: Newsletter of the IUCr Commission on Crystallographic Computing 2004, 3, 22-31.
;
? 
O ? ? 4.49882 3.47563 ? ? 15.80542 1.70748  ? ? 0.0 
;2-Gaussian fit: Grosse-Kunstleve RW, Sauter NK, Adams PD: Newsletter of the IUCr Commission on Crystallographic Computing 2004, 3, 22-31.
;
? 
S ? ? 9.55732 6.39887 ? ? 1.23737  29.19336 ? ? 0.0 
;2-Gaussian fit: Grosse-Kunstleve RW, Sauter NK, Adams PD: Newsletter of the IUCr Commission on Crystallographic Computing 2004, 3, 22-31.
;
? 
# 
loop_
_atom_site.group_PDB 
_atom_site.id 
_atom_site.type_symbol 
_atom_site.label_atom_id 
_atom_site.label_alt_id 
_atom_site.label_comp_id 
_atom_site.label_asym_id 
_atom_site.label_entity_id 
_atom_site.label_seq_id 
_atom_site.pdbx_PDB_ins_code 
_atom_site.Cartn_x 
_atom_site.Cartn_y 
_atom_site.Cartn_z 
_atom_site.occupancy 
_atom_site.B_iso_or_equiv 
_atom_site.pdbx_formal_charge 
_atom_site.auth_seq_id 
_atom_site.auth_comp_id 
_atom_site.auth_asym_id 
_atom_site.auth_atom_id 
_atom_site.pdbx_PDB_model_num 
ATOM   1    N N   . ARG A 1 34  ? -17.80766 -16.12719 21.90858  1.000 47.88653 ? 10  ARG A N   1 
ATOM   2    C CA  . ARG A 1 34  ? -17.92856 -16.09201 20.45488  1.000 38.87726 ? 10  ARG A CA  1 
ATOM   3    C C   . ARG A 1 34  ? -16.55797 -16.16131 19.78305  1.000 27.81914 ? 10  ARG A C   1 
ATOM   4    O O   . ARG A 1 34  ? -15.72855 -15.27938 19.97150  1.000 30.85810 ? 10  ARG A O   1 
ATOM   5    C CB  . ARG A 1 34  ? -18.65817 -14.83355 20.01847  1.000 39.22069 ? 10  ARG A CB  1 
ATOM   6    C CG  . ARG A 1 34  ? -19.17950 -14.90603 18.61682  1.000 46.69722 ? 10  ARG A CG  1 
ATOM   7    C CD  . ARG A 1 34  ? -19.77753 -13.59474 18.19500  1.000 53.62830 ? 10  ARG A CD  1 
ATOM   8    N NE  . ARG A 1 34  ? -20.19933 -13.65552 16.80361  1.000 46.09055 ? 10  ARG A NE  1 
ATOM   9    C CZ  . ARG A 1 34  ? -20.31442 -12.59727 16.01423  1.000 52.33952 ? 10  ARG A CZ  1 
ATOM   10   N NH1 . ARG A 1 34  ? -20.71243 -12.75522 14.76540  1.000 38.28176 ? 10  ARG A NH1 1 
ATOM   11   N NH2 . ARG A 1 34  ? -20.03686 -11.38380 16.47421  1.000 71.14596 ? 10  ARG A NH2 1 
ATOM   12   N N   . PHE A 1 35  ? -16.35254 -17.22279 18.99910  1.000 33.13062 ? 11  PHE A N   1 
ATOM   13   C CA  . PHE A 1 35  ? -15.03190 -17.51860 18.45079  1.000 29.32629 ? 11  PHE A CA  1 
ATOM   14   C C   . PHE A 1 35  ? -14.42154 -16.30095 17.76945  1.000 25.94078 ? 11  PHE A C   1 
ATOM   15   O O   . PHE A 1 35  ? -13.26168 -15.94847 18.01119  1.000 25.46965 ? 11  PHE A O   1 
ATOM   16   C CB  . PHE A 1 35  ? -15.13522 -18.67134 17.45766  1.000 28.08985 ? 11  PHE A CB  1 
ATOM   17   C CG  . PHE A 1 35  ? -13.85767 -18.93511 16.70740  1.000 26.07417 ? 11  PHE A CG  1 
ATOM   18   C CD1 . PHE A 1 35  ? -12.80151 -19.59212 17.31022  1.000 33.90608 ? 11  PHE A CD1 1 
ATOM   19   C CD2 . PHE A 1 35  ? -13.71435 -18.51090 15.40378  1.000 25.93428 ? 11  PHE A CD2 1 
ATOM   20   C CE1 . PHE A 1 35  ? -11.62753 -19.83496 16.61371  1.000 33.87480 ? 11  PHE A CE1 1 
ATOM   21   C CE2 . PHE A 1 35  ? -12.53896 -18.75153 14.70571  1.000 23.77935 ? 11  PHE A CE2 1 
ATOM   22   C CZ  . PHE A 1 35  ? -11.49770 -19.40612 15.30871  1.000 26.48595 ? 11  PHE A CZ  1 
ATOM   23   N N   . VAL A 1 36  ? -15.19167 -15.64953 16.90092  1.000 22.45920 ? 12  VAL A N   1 
ATOM   24   C CA  . VAL A 1 36  ? -14.60536 -14.63849 16.02354  1.000 19.65810 ? 12  VAL A CA  1 
ATOM   25   C C   . VAL A 1 36  ? -14.24817 -13.35328 16.75944  1.000 23.01862 ? 12  VAL A C   1 
ATOM   26   O O   . VAL A 1 36  ? -13.40772 -12.58027 16.27842  1.000 24.59323 ? 12  VAL A O   1 
ATOM   27   C CB  . VAL A 1 36  ? -15.57815 -14.37849 14.86860  1.000 19.66846 ? 12  VAL A CB  1 
ATOM   28   C CG1 . VAL A 1 36  ? -16.75808 -13.54712 15.33531  1.000 23.84777 ? 12  VAL A CG1 1 
ATOM   29   C CG2 . VAL A 1 36  ? -14.86179 -13.68865 13.71651  1.000 22.75356 ? 12  VAL A CG2 1 
ATOM   30   N N   . ASP A 1 37  ? -14.82459 -13.11506 17.93843  1.000 23.22323 ? 13  ASP A N   1 
ATOM   31   C CA  . ASP A 1 37  ? -14.62113 -11.83609 18.61247  1.000 26.22444 ? 13  ASP A CA  1 
ATOM   32   C C   . ASP A 1 37  ? -13.15626 -11.57580 18.94207  1.000 22.36726 ? 13  ASP A C   1 
ATOM   33   O O   . ASP A 1 37  ? -12.72922 -10.41620 18.95424  1.000 25.52864 ? 13  ASP A O   1 
ATOM   34   C CB  . ASP A 1 37  ? -15.44940 -11.77535 19.89980  1.000 27.51992 ? 13  ASP A CB  1 
ATOM   35   C CG  . ASP A 1 37  ? -16.92085 -11.47362 19.64814  1.000 42.62820 ? 13  ASP A CG  1 
ATOM   36   O OD1 . ASP A 1 37  ? -17.26965 -10.91165 18.58226  1.000 39.43318 ? 13  ASP A OD1 1 
ATOM   37   O OD2 . ASP A 1 37  ? -17.73018 -11.78924 20.54299  1.000 39.17312 ? 13  ASP A OD2 1 
ATOM   38   N N   A ASP A 1 38  ? -12.38673 -12.63277 19.21827  0.473 23.15554 ? 14  ASP A N   1 
ATOM   39   N N   B ASP A 1 38  ? -12.35952 -12.61413 19.20589  0.527 23.13540 ? 14  ASP A N   1 
ATOM   40   C CA  A ASP A 1 38  ? -10.98951 -12.52301 19.61813  0.473 23.83201 ? 14  ASP A CA  1 
ATOM   41   C CA  B ASP A 1 38  ? -10.95960 -12.39328 19.55979  0.527 23.78887 ? 14  ASP A CA  1 
ATOM   42   C C   A ASP A 1 38  ? -10.10777 -13.43179 18.76736  0.473 22.90535 ? 14  ASP A C   1 
ATOM   43   C C   B ASP A 1 38  ? -9.99529  -13.15690 18.65415  0.527 20.84803 ? 14  ASP A C   1 
ATOM   44   O O   A ASP A 1 38  ? -9.11073  -13.97507 19.25102  0.473 27.13221 ? 14  ASP A O   1 
ATOM   45   O O   B ASP A 1 38  ? -8.81583  -13.29104 18.98655  0.527 23.24887 ? 14  ASP A O   1 
ATOM   46   C CB  A ASP A 1 38  ? -10.82756 -12.84540 21.10510  0.473 30.95765 ? 14  ASP A CB  1 
ATOM   47   C CB  B ASP A 1 38  ? -10.71600 -12.74418 21.03000  0.527 30.97896 ? 14  ASP A CB  1 
ATOM   48   C CG  A ASP A 1 38  ? -9.50460  -12.35995 21.67417  0.473 35.65649 ? 14  ASP A CG  1 
ATOM   49   C CG  B ASP A 1 38  ? -10.85196 -14.22403 21.31276  0.527 29.40011 ? 14  ASP A CG  1 
ATOM   50   O OD1 A ASP A 1 38  ? -9.23452  -11.14060 21.61472  0.473 35.19167 ? 14  ASP A OD1 1 
ATOM   51   O OD1 B ASP A 1 38  ? -11.61481 -14.90843 20.60421  0.527 33.46398 ? 14  ASP A OD1 1 
ATOM   52   O OD2 A ASP A 1 38  ? -8.74050  -13.20380 22.19380  0.473 42.58533 ? 14  ASP A OD2 1 
ATOM   53   O OD2 B ASP A 1 38  ? -10.19218 -14.70782 22.25931  0.527 43.85964 ? 14  ASP A OD2 1 
ATOM   54   N N   . TYR A 1 39  ? -10.46647 -13.62376 17.50021  1.000 21.42005 ? 15  TYR A N   1 
ATOM   55   C CA  . TYR A 1 39  ? -9.66575  -14.44289 16.58957  1.000 19.14604 ? 15  TYR A CA  1 
ATOM   56   C C   . TYR A 1 39  ? -8.77784  -13.51532 15.75220  1.000 19.67952 ? 15  TYR A C   1 
ATOM   57   O O   . TYR A 1 39  ? -9.29074  -12.72086 14.95634  1.000 19.37935 ? 15  TYR A O   1 
ATOM   58   C CB  . TYR A 1 39  ? -10.59616 -15.29969 15.72955  1.000 19.11236 ? 15  TYR A CB  1 
ATOM   59   C CG  . TYR A 1 39  ? -9.91253  -16.14714 14.70967  1.000 17.92940 ? 15  TYR A CG  1 
ATOM   60   C CD1 . TYR A 1 39  ? -8.90509  -17.03274 15.07273  1.000 19.37797 ? 15  TYR A CD1 1 
ATOM   61   C CD2 . TYR A 1 39  ? -10.28539 -16.07662 13.36824  1.000 19.09402 ? 15  TYR A CD2 1 
ATOM   62   C CE1 . TYR A 1 39  ? -8.26383  -17.79731 14.12268  1.000 19.55707 ? 15  TYR A CE1 1 
ATOM   63   C CE2 . TYR A 1 39  ? -9.66751  -16.85192 12.41425  1.000 18.04401 ? 15  TYR A CE2 1 
ATOM   64   C CZ  . TYR A 1 39  ? -8.65195  -17.70191 12.78325  1.000 18.57767 ? 15  TYR A CZ  1 
ATOM   65   O OH  . TYR A 1 39  ? -8.03903  -18.45317 11.81387  1.000 19.45634 ? 15  TYR A OH  1 
ATOM   66   N N   . LEU A 1 40  ? -7.45115  -13.61730 15.93668  1.000 19.58152 ? 16  LEU A N   1 
ATOM   67   C CA  . LEU A 1 40  ? -6.52182  -12.64406 15.34638  1.000 19.15094 ? 16  LEU A CA  1 
ATOM   68   C C   . LEU A 1 40  ? -6.71048  -12.42958 13.84832  1.000 18.14278 ? 16  LEU A C   1 
ATOM   69   O O   . LEU A 1 40  ? -6.75520  -11.26376 13.41886  1.000 17.18770 ? 16  LEU A O   1 
ATOM   70   C CB  . LEU A 1 40  ? -5.07037  -13.05831 15.61691  1.000 18.89167 ? 16  LEU A CB  1 
ATOM   71   C CG  . LEU A 1 40  ? -4.03497  -12.11075 14.97250  1.000 20.75604 ? 16  LEU A CG  1 
ATOM   72   C CD1 . LEU A 1 40  ? -4.07721  -10.72458 15.61158  1.000 25.21479 ? 16  LEU A CD1 1 
ATOM   73   C CD2 . LEU A 1 40  ? -2.61211  -12.69098 15.07040  1.000 25.75234 ? 16  LEU A CD2 1 
ATOM   74   N N   . PRO A 1 41  ? -6.76771  -13.46408 13.00431  1.000 17.97767 ? 17  PRO A N   1 
ATOM   75   C CA  . PRO A 1 41  ? -6.92264  -13.19756 11.56288  1.000 17.20356 ? 17  PRO A CA  1 
ATOM   76   C C   . PRO A 1 41  ? -8.18494  -12.40516 11.24837  1.000 16.77257 ? 17  PRO A C   1 
ATOM   77   O O   . PRO A 1 41  ? -8.18973  -11.55105 10.35195  1.000 18.24755 ? 17  PRO A O   1 
ATOM   78   C CB  . PRO A 1 41  ? -6.93654  -14.60759 10.94429  1.000 19.51423 ? 17  PRO A CB  1 
ATOM   79   C CG  . PRO A 1 41  ? -6.18608  -15.47982 11.96430  1.000 20.71191 ? 17  PRO A CG  1 
ATOM   80   C CD  . PRO A 1 41  ? -6.61120  -14.90890 13.29867  1.000 19.81819 ? 17  PRO A CD  1 
ATOM   81   N N   . ALA A 1 42  ? -9.28149  -12.66222 11.97427  1.000 16.64790 ? 18  ALA A N   1 
ATOM   82   C CA  . ALA A 1 42  ? -10.48136 -11.88015 11.71744  1.000 15.35501 ? 18  ALA A CA  1 
ATOM   83   C C   . ALA A 1 42  ? -10.31765 -10.43640 12.19075  1.000 16.04308 ? 18  ALA A C   1 
ATOM   84   O O   . ALA A 1 42  ? -10.80838 -9.50106  11.53624  1.000 17.05412 ? 18  ALA A O   1 
ATOM   85   C CB  . ALA A 1 42  ? -11.69071 -12.52731 12.40579  1.000 17.75467 ? 18  ALA A CB  1 
ATOM   86   N N   . LEU A 1 43  ? -9.63174  -10.23238 13.32050  1.000 17.61762 ? 19  LEU A N   1 
ATOM   87   C CA  . LEU A 1 43  ? -9.40091  -8.87095  13.79712  1.000 16.88485 ? 19  LEU A CA  1 
ATOM   88   C C   . LEU A 1 43  ? -8.53361  -8.08968  12.81815  1.000 16.22186 ? 19  LEU A C   1 
ATOM   89   O O   . LEU A 1 43  ? -8.82422  -6.93182  12.49399  1.000 17.48878 ? 19  LEU A O   1 
ATOM   90   C CB  . LEU A 1 43  ? -8.75285  -8.89418  15.18336  1.000 20.47745 ? 19  LEU A CB  1 
ATOM   91   C CG  . LEU A 1 43  ? -9.58707  -9.47726  16.32151  1.000 21.21057 ? 19  LEU A CG  1 
ATOM   92   C CD1 . LEU A 1 43  ? -8.74120  -9.61172  17.59754  1.000 23.46672 ? 19  LEU A CD1 1 
ATOM   93   C CD2 . LEU A 1 43  ? -10.75984 -8.55812  16.57980  1.000 20.73735 ? 19  LEU A CD2 1 
ATOM   94   N N   . LEU A 1 44  ? -7.47329  -8.71879  12.32031  1.000 16.66432 ? 20  LEU A N   1 
ATOM   95   C CA  . LEU A 1 44  ? -6.61165  -8.03915  11.35206  1.000 18.40759 ? 20  LEU A CA  1 
ATOM   96   C C   . LEU A 1 44  ? -7.38068  -7.73717  10.07184  1.000 16.87954 ? 20  LEU A C   1 
ATOM   97   O O   . LEU A 1 44  ? -7.23836  -6.64850  9.48255   1.000 17.33722 ? 20  LEU A O   1 
ATOM   98   C CB  . LEU A 1 44  ? -5.38854  -8.90371  11.03123  1.000 18.25906 ? 20  LEU A CB  1 
ATOM   99   C CG  . LEU A 1 44  ? -4.25835  -8.99994  12.05914  1.000 17.96960 ? 20  LEU A CG  1 
ATOM   100  C CD1 . LEU A 1 44  ? -3.31035  -10.17400 11.72009  1.000 20.17820 ? 20  LEU A CD1 1 
ATOM   101  C CD2 . LEU A 1 44  ? -3.51411  -7.68042  12.11440  1.000 18.27280 ? 20  LEU A CD2 1 
ATOM   102  N N   . ALA A 1 45  ? -8.18266  -8.69724  9.60097   1.000 16.53884 ? 21  ALA A N   1 
ATOM   103  C CA  . ALA A 1 45  ? -8.89211  -8.50907  8.34570   1.000 16.48764 ? 21  ALA A CA  1 
ATOM   104  C C   . ALA A 1 45  ? -9.89442  -7.37654  8.43890   1.000 16.97327 ? 21  ALA A C   1 
ATOM   105  O O   . ALA A 1 45  ? -10.00485 -6.55557  7.51470   1.000 16.67859 ? 21  ALA A O   1 
ATOM   106  C CB  . ALA A 1 45  ? -9.59010  -9.81603  7.94516   1.000 16.26365 ? 21  ALA A CB  1 
ATOM   107  N N   . GLN A 1 46  ? -10.63278 -7.30824  9.55754   1.000 16.45329 ? 22  GLN A N   1 
ATOM   108  C CA  . GLN A 1 46  ? -11.61769 -6.23849  9.69952   1.000 15.73543 ? 22  GLN A CA  1 
ATOM   109  C C   . GLN A 1 46  ? -10.95030 -4.88258  9.87623   1.000 16.51035 ? 22  GLN A C   1 
ATOM   110  O O   . GLN A 1 46  ? -11.35000 -3.89973  9.23024   1.000 17.27066 ? 22  GLN A O   1 
ATOM   111  C CB  . GLN A 1 46  ? -12.53150 -6.50419  10.89196  1.000 16.30550 ? 22  GLN A CB  1 
ATOM   112  C CG  . GLN A 1 46  ? -13.40872 -7.76021  10.74061  1.000 18.00205 ? 22  GLN A CG  1 
ATOM   113  C CD  . GLN A 1 46  ? -13.99589 -8.14690  12.08521  1.000 18.92257 ? 22  GLN A CD  1 
ATOM   114  O OE1 . GLN A 1 46  ? -13.47850 -9.05665  12.76449  1.000 22.53556 ? 22  GLN A OE1 1 
ATOM   115  N NE2 . GLN A 1 46  ? -15.04012 -7.43608  12.50404  1.000 17.19200 ? 22  GLN A NE2 1 
ATOM   116  N N   . ALA A 1 47  ? -9.94060  -4.79473  10.75439  1.000 15.86244 ? 23  ALA A N   1 
ATOM   117  C CA  . ALA A 1 47  ? -9.29446  -3.48963  10.94202  1.000 15.22481 ? 23  ALA A CA  1 
ATOM   118  C C   . ALA A 1 47  ? -8.68708  -3.00644  9.63017   1.000 18.06860 ? 23  ALA A C   1 
ATOM   119  O O   . ALA A 1 47  ? -8.82532  -1.82621  9.25199   1.000 18.42216 ? 23  ALA A O   1 
ATOM   120  C CB  . ALA A 1 47  ? -8.22509  -3.58583  12.02536  1.000 19.21257 ? 23  ALA A CB  1 
ATOM   121  N N   . SER A 1 48  ? -8.04418  -3.92353  8.90269   1.000 15.85189 ? 24  SER A N   1 
ATOM   122  C CA  . SER A 1 48  ? -7.41710  -3.52839  7.64643   1.000 17.00070 ? 24  SER A CA  1 
ATOM   123  C C   . SER A 1 48  ? -8.46342  -3.07170  6.63533   1.000 17.05507 ? 24  SER A C   1 
ATOM   124  O O   . SER A 1 48  ? -8.30573  -2.02269  5.99692   1.000 18.33353 ? 24  SER A O   1 
ATOM   125  C CB  . SER A 1 48  ? -6.58520  -4.69178  7.10782   1.000 17.53947 ? 24  SER A CB  1 
ATOM   126  O OG  . SER A 1 48  ? -5.97900  -4.32509  5.86710   1.000 18.85198 ? 24  SER A OG  1 
ATOM   127  N N   . GLN A 1 49  ? -9.55557  -3.83092  6.47519   1.000 16.18920 ? 25  GLN A N   1 
ATOM   128  C CA  . GLN A 1 49  ? -10.58259 -3.42709  5.51901   1.000 17.40827 ? 25  GLN A CA  1 
ATOM   129  C C   . GLN A 1 49  ? -11.14868 -2.05806  5.86773   1.000 19.29199 ? 25  GLN A C   1 
ATOM   130  O O   . GLN A 1 49  ? -11.31600 -1.20417  4.99439   1.000 18.23126 ? 25  GLN A O   1 
ATOM   131  C CB  . GLN A 1 49  ? -11.70298 -4.48000  5.48755   1.000 18.60716 ? 25  GLN A CB  1 
ATOM   132  C CG  . GLN A 1 49  ? -12.82002 -4.13635  4.50899   1.000 21.41445 ? 25  GLN A CG  1 
ATOM   133  C CD  . GLN A 1 49  ? -13.93666 -3.32756  5.13353   1.000 26.83766 ? 25  GLN A CD  1 
ATOM   134  O OE1 . GLN A 1 49  ? -14.43496 -3.65747  6.20893   1.000 27.20273 ? 25  GLN A OE1 1 
ATOM   135  N NE2 . GLN A 1 49  ? -14.33031 -2.25376  4.46324   1.000 27.02302 ? 25  GLN A NE2 1 
ATOM   136  N N   . LEU A 1 50  ? -11.47228 -1.82609  7.14716   1.000 17.45501 ? 26  LEU A N   1 
ATOM   137  C CA  . LEU A 1 50  ? -12.14842 -0.57952  7.49839   1.000 17.88790 ? 26  LEU A CA  1 
ATOM   138  C C   . LEU A 1 50  ? -11.23576 0.62989   7.28248   1.000 19.82397 ? 26  LEU A C   1 
ATOM   139  O O   . LEU A 1 50  ? -11.65338 1.65207   6.69508   1.000 20.61322 ? 26  LEU A O   1 
ATOM   140  C CB  . LEU A 1 50  ? -12.63951 -0.66005  8.95359   1.000 17.99063 ? 26  LEU A CB  1 
ATOM   141  C CG  . LEU A 1 50  ? -13.72881 -1.70744  9.17815   1.000 17.98833 ? 26  LEU A CG  1 
ATOM   142  C CD1 . LEU A 1 50  ? -13.83136 -2.05733  10.66908  1.000 21.21568 ? 26  LEU A CD1 1 
ATOM   143  C CD2 . LEU A 1 50  ? -15.05709 -1.20033  8.65745   1.000 21.95677 ? 26  LEU A CD2 1 
ATOM   144  N N   A ILE A 1 51  ? -9.98092  0.53569   7.73026   0.614 17.52888 ? 27  ILE A N   1 
ATOM   145  N N   B ILE A 1 51  ? -9.98251  0.53719   7.74716   0.386 17.66040 ? 27  ILE A N   1 
ATOM   146  C CA  A ILE A 1 51  ? -9.08917  1.69006   7.59740   0.614 17.59737 ? 27  ILE A CA  1 
ATOM   147  C CA  B ILE A 1 51  ? -9.04434  1.65523   7.59739   0.386 17.58430 ? 27  ILE A CA  1 
ATOM   148  C C   A ILE A 1 51  ? -8.72401  1.93637   6.12644   0.614 19.79089 ? 27  ILE A C   1 
ATOM   149  C C   B ILE A 1 51  ? -8.75930  1.92424   6.11856   0.386 19.76717 ? 27  ILE A C   1 
ATOM   150  O O   A ILE A 1 51  ? -8.70448  3.09508   5.64264   0.614 21.84070 ? 27  ILE A O   1 
ATOM   151  O O   B ILE A 1 51  ? -8.79985  3.07899   5.63148   0.386 22.11781 ? 27  ILE A O   1 
ATOM   152  C CB  A ILE A 1 51  ? -7.85367  1.47280   8.48599   0.614 18.65913 ? 27  ILE A CB  1 
ATOM   153  C CB  B ILE A 1 51  ? -7.74861  1.34993   8.37075   0.386 18.82489 ? 27  ILE A CB  1 
ATOM   154  C CG1 A ILE A 1 51  ? -8.22905  1.60366   9.96772   0.614 21.22923 ? 27  ILE A CG1 1 
ATOM   155  C CG1 B ILE A 1 51  ? -8.02827  1.18648   9.86528   0.386 21.33288 ? 27  ILE A CG1 1 
ATOM   156  C CG2 A ILE A 1 51  ? -6.75825  2.46874   8.12894   0.614 21.55817 ? 27  ILE A CG2 1 
ATOM   157  C CG2 B ILE A 1 51  ? -6.72057  2.45097   8.14403   0.386 21.62415 ? 27  ILE A CG2 1 
ATOM   158  C CD1 A ILE A 1 51  ? -7.17955  1.08261   10.91608  0.614 25.42310 ? 27  ILE A CD1 1 
ATOM   159  C CD1 B ILE A 1 51  ? -8.78717  2.34281   10.44376  0.386 15.26400 ? 27  ILE A CD1 1 
ATOM   160  N N   . SER A 1 52  ? -8.42246  0.86096   5.38531   1.000 18.84952 ? 28  SER A N   1 
ATOM   161  C CA  . SER A 1 52  ? -8.14036  1.00171   3.96359   1.000 19.91205 ? 28  SER A CA  1 
ATOM   162  C C   . SER A 1 52  ? -9.32833  1.56899   3.20703   1.000 19.09090 ? 28  SER A C   1 
ATOM   163  O O   . SER A 1 52  ? -9.14326  2.42271   2.33608   1.000 21.01562 ? 28  SER A O   1 
ATOM   164  C CB  . SER A 1 52  ? -7.73127  -0.33385  3.34440   1.000 21.84249 ? 28  SER A CB  1 
ATOM   165  O OG  . SER A 1 52  ? -6.38066  -0.63014  3.67578   1.000 24.36889 ? 28  SER A OG  1 
ATOM   166  N N   A SER A 1 53  ? -10.53433 1.11176   3.51230   0.478 18.77701 ? 29  SER A N   1 
ATOM   167  N N   B SER A 1 53  ? -10.53399 1.08636   3.50176   0.325 18.81101 ? 29  SER A N   1 
ATOM   168  N N   C SER A 1 53  ? -10.52969 1.09075   3.51098   0.197 18.80883 ? 29  SER A N   1 
ATOM   169  C CA  A SER A 1 53  ? -11.67674 1.59520   2.74695   0.478 19.99989 ? 29  SER A CA  1 
ATOM   170  C CA  B SER A 1 53  ? -11.70793 1.57835   2.78570   0.325 20.05895 ? 29  SER A CA  1 
ATOM   171  C CA  C SER A 1 53  ? -11.69738 1.57263   2.77989   0.197 20.09398 ? 29  SER A CA  1 
ATOM   172  C C   A SER A 1 53  ? -11.85571 3.09489   2.93047   0.478 20.24212 ? 29  SER A C   1 
ATOM   173  C C   B SER A 1 53  ? -11.83316 3.08624   2.93068   0.325 20.23676 ? 29  SER A C   1 
ATOM   174  C C   C SER A 1 53  ? -11.85409 3.08023   2.93617   0.197 20.26642 ? 29  SER A C   1 
ATOM   175  O O   A SER A 1 53  ? -12.21804 3.80449   1.98040   0.478 21.41447 ? 29  SER A O   1 
ATOM   176  O O   B SER A 1 53  ? -12.14906 3.78900   1.96049   0.325 21.43194 ? 29  SER A O   1 
ATOM   177  O O   C SER A 1 53  ? -12.20892 3.77811   1.97714   0.197 21.48512 ? 29  SER A O   1 
ATOM   178  C CB  A SER A 1 53  ? -12.93208 0.82781   3.14397   0.478 21.56136 ? 29  SER A CB  1 
ATOM   179  C CB  B SER A 1 53  ? -12.97268 0.88477   3.29527   0.325 21.56086 ? 29  SER A CB  1 
ATOM   180  C CB  C SER A 1 53  ? -12.95163 0.83994   3.25226   0.197 21.56883 ? 29  SER A CB  1 
ATOM   181  O OG  A SER A 1 53  ? -12.87570 -0.46510  2.57832   0.478 19.88109 ? 29  SER A OG  1 
ATOM   182  O OG  B SER A 1 53  ? -14.13766 1.47398   2.73131   0.325 23.11133 ? 29  SER A OG  1 
ATOM   183  O OG  C SER A 1 53  ? -13.31630 1.25330   4.55238   0.197 19.20394 ? 29  SER A OG  1 
ATOM   184  N N   . GLU A 1 54  ? -11.58779 3.60178   4.13621   1.000 20.33601 ? 30  GLU A N   1 
ATOM   185  C CA  . GLU A 1 54  ? -11.62587 5.04574   4.34339   1.000 19.98953 ? 30  GLU A CA  1 
ATOM   186  C C   . GLU A 1 54  ? -10.67654 5.76143   3.39902   1.000 21.46651 ? 30  GLU A C   1 
ATOM   187  O O   . GLU A 1 54  ? -11.05742 6.75173   2.75358   1.000 25.09005 ? 30  GLU A O   1 
ATOM   188  C CB  . GLU A 1 54  ? -11.25217 5.38888   5.78553   1.000 21.95258 ? 30  GLU A CB  1 
ATOM   189  C CG  . GLU A 1 54  ? -12.32270 4.97250   6.76473   1.000 21.87948 ? 30  GLU A CG  1 
ATOM   190  C CD  . GLU A 1 54  ? -11.98306 5.35942   8.17660   1.000 27.23529 ? 30  GLU A CD  1 
ATOM   191  O OE1 . GLU A 1 54  ? -10.91019 5.95741   8.41431   1.000 26.09111 ? 30  GLU A OE1 1 
ATOM   192  O OE2 . GLU A 1 54  ? -12.81324 5.05425   9.05487   1.000 26.39282 ? 30  GLU A OE2 1 
ATOM   193  N N   . PHE A 1 55  ? -9.41035  5.30911   3.35085   1.000 20.34031 ? 31  PHE A N   1 
ATOM   194  C CA  . PHE A 1 55  ? -8.51657  6.09022   2.47911   1.000 19.40317 ? 31  PHE A CA  1 
ATOM   195  C C   . PHE A 1 55  ? -8.73380  5.82160   0.98086   1.000 20.30545 ? 31  PHE A C   1 
ATOM   196  O O   . PHE A 1 55  ? -8.48925  6.71369   0.14277   1.000 20.23043 ? 31  PHE A O   1 
ATOM   197  C CB  . PHE A 1 55  ? -7.03054  5.89450   2.79544   1.000 20.15129 ? 31  PHE A CB  1 
ATOM   198  C CG  . PHE A 1 55  ? -6.19532  6.96797   2.13700   1.000 19.14881 ? 31  PHE A CG  1 
ATOM   199  C CD1 . PHE A 1 55  ? -6.27775  8.26496   2.60417   1.000 20.55814 ? 31  PHE A CD1 1 
ATOM   200  C CD2 . PHE A 1 55  ? -5.44304  6.71429   0.99620   1.000 21.56450 ? 31  PHE A CD2 1 
ATOM   201  C CE1 . PHE A 1 55  ? -5.59207  9.31520   1.99147   1.000 20.84067 ? 31  PHE A CE1 1 
ATOM   202  C CE2 . PHE A 1 55  ? -4.73520  7.76745   0.37331   1.000 21.56736 ? 31  PHE A CE2 1 
ATOM   203  C CZ  . PHE A 1 55  ? -4.81275  9.05808   0.87859   1.000 22.31411 ? 31  PHE A CZ  1 
ATOM   204  N N   . HIS A 1 56  ? -9.19537  4.62821   0.61107   1.000 20.73385 ? 32  HIS A N   1 
ATOM   205  C CA  . HIS A 1 56  ? -9.42364  4.34383   -0.79953  1.000 19.02301 ? 32  HIS A CA  1 
ATOM   206  C C   . HIS A 1 56  ? -10.45797 5.29922   -1.39083  1.000 20.21554 ? 32  HIS A C   1 
ATOM   207  O O   . HIS A 1 56  ? -10.40056 5.62836   -2.58799  1.000 22.38542 ? 32  HIS A O   1 
ATOM   208  C CB  . HIS A 1 56  ? -9.81174  2.87045   -0.94945  1.000 22.14123 ? 32  HIS A CB  1 
ATOM   209  C CG  . HIS A 1 56  ? -8.69231  1.91909   -0.62873  1.000 20.28274 ? 32  HIS A CG  1 
ATOM   210  N ND1 . HIS A 1 56  ? -8.88210  0.55391   -0.53111  1.000 23.04067 ? 32  HIS A ND1 1 
ATOM   211  C CD2 . HIS A 1 56  ? -7.37533  2.13142   -0.38014  1.000 22.15412 ? 32  HIS A CD2 1 
ATOM   212  C CE1 . HIS A 1 56  ? -7.73368  -0.03165  -0.24529  1.000 25.11125 ? 32  HIS A CE1 1 
ATOM   213  N NE2 . HIS A 1 56  ? -6.80341  0.90047   -0.14014  1.000 26.14383 ? 32  HIS A NE2 1 
ATOM   214  N N   A GLU A 1 57  ? -11.40487 5.76554   -0.57564  0.606 21.51952 ? 33  GLU A N   1 
ATOM   215  N N   B GLU A 1 57  ? -11.40920 5.76903   -0.57889  0.394 21.28597 ? 33  GLU A N   1 
ATOM   216  C CA  A GLU A 1 57  ? -12.38402 6.73301   -1.05621  0.606 23.93564 ? 33  GLU A CA  1 
ATOM   217  C CA  B GLU A 1 57  ? -12.38052 6.73712   -1.07946  0.394 23.99489 ? 33  GLU A CA  1 
ATOM   218  C C   A GLU A 1 57  ? -11.70475 8.03043   -1.47006  0.606 23.44674 ? 33  GLU A C   1 
ATOM   219  C C   B GLU A 1 57  ? -11.69224 8.03174   -1.48336  0.394 23.45265 ? 33  GLU A C   1 
ATOM   220  O O   A GLU A 1 57  ? -12.02901 8.60839   -2.51830  0.606 25.51087 ? 33  GLU A O   1 
ATOM   221  O O   B GLU A 1 57  ? -12.00369 8.61420   -2.53266  0.394 25.52857 ? 33  GLU A O   1 
ATOM   222  C CB  A GLU A 1 57  ? -13.43050 6.98535   0.03138   0.606 27.44425 ? 33  GLU A CB  1 
ATOM   223  C CB  B GLU A 1 57  ? -13.45583 7.00607   -0.02339  0.394 27.61170 ? 33  GLU A CB  1 
ATOM   224  C CG  A GLU A 1 57  ? -14.53282 7.95623   -0.35931  0.606 26.66850 ? 33  GLU A CG  1 
ATOM   225  C CG  B GLU A 1 57  ? -14.23933 5.77707   0.38962   0.394 30.57522 ? 33  GLU A CG  1 
ATOM   226  C CD  A GLU A 1 57  ? -15.41788 7.43678   -1.47039  0.606 38.89599 ? 33  GLU A CD  1 
ATOM   227  C CD  B GLU A 1 57  ? -15.54342 6.10904   1.09775   0.394 41.29219 ? 33  GLU A CD  1 
ATOM   228  O OE1 A GLU A 1 57  ? -16.07432 8.26722   -2.13502  0.606 39.95061 ? 33  GLU A OE1 1 
ATOM   229  O OE1 B GLU A 1 57  ? -15.76957 7.29417   1.42110   0.394 38.78955 ? 33  GLU A OE1 1 
ATOM   230  O OE2 A GLU A 1 57  ? -15.45700 6.20421   -1.68163  0.606 36.17905 ? 33  GLU A OE2 1 
ATOM   231  O OE2 B GLU A 1 57  ? -16.34145 5.17560   1.33489   0.394 46.60547 ? 33  GLU A OE2 1 
ATOM   232  N N   . VAL A 1 58  ? -10.74118 8.48721   -0.66374  1.000 21.86524 ? 34  VAL A N   1 
ATOM   233  C CA  . VAL A 1 58  ? -9.97107  9.68285   -0.99757  1.000 19.84108 ? 34  VAL A CA  1 
ATOM   234  C C   . VAL A 1 58  ? -9.18021  9.45390   -2.27447  1.000 23.50848 ? 34  VAL A C   1 
ATOM   235  O O   . VAL A 1 58  ? -9.11929  10.32156  -3.16513  1.000 21.70979 ? 34  VAL A O   1 
ATOM   236  C CB  . VAL A 1 58  ? -9.03956  10.05874  0.17074   1.000 21.14589 ? 34  VAL A CB  1 
ATOM   237  C CG1 . VAL A 1 58  ? -8.23718  11.30564  -0.18920  1.000 21.31926 ? 34  VAL A CG1 1 
ATOM   238  C CG2 . VAL A 1 58  ? -9.83189  10.28241  1.44310   1.000 23.60626 ? 34  VAL A CG2 1 
ATOM   239  N N   . ALA A 1 59  ? -8.55293  8.28175   -2.38408  1.000 21.31297 ? 35  ALA A N   1 
ATOM   240  C CA  . ALA A 1 59  ? -7.75309  8.00226   -3.56834  1.000 20.55269 ? 35  ALA A CA  1 
ATOM   241  C C   . ALA A 1 59  ? -8.59982  8.11584   -4.82764  1.000 21.18743 ? 35  ALA A C   1 
ATOM   242  O O   . ALA A 1 59  ? -8.18759  8.73950   -5.81112  1.000 19.89923 ? 35  ALA A O   1 
ATOM   243  C CB  . ALA A 1 59  ? -7.09613  6.61851   -3.46326  1.000 20.62800 ? 35  ALA A CB  1 
ATOM   244  N N   A ARG A 1 60  ? -9.79425  7.51030   -4.81301  0.463 20.91088 ? 36  ARG A N   1 
ATOM   245  N N   B ARG A 1 60  ? -9.80532  7.55258   -4.80819  0.537 20.85455 ? 36  ARG A N   1 
ATOM   246  C CA  A ARG A 1 60  ? -10.65208 7.52569   -5.99697  0.463 23.74088 ? 36  ARG A CA  1 
ATOM   247  C CA  B ARG A 1 60  ? -10.64743 7.62865   -5.99880  0.537 23.69064 ? 36  ARG A CA  1 
ATOM   248  C C   A ARG A 1 60  ? -11.16993 8.92218   -6.29789  0.463 23.84307 ? 36  ARG A C   1 
ATOM   249  C C   B ARG A 1 60  ? -11.10349 9.04970   -6.28014  0.537 23.85185 ? 36  ARG A C   1 
ATOM   250  O O   A ARG A 1 60  ? -11.33034 9.28600   -7.47042  0.463 22.77131 ? 36  ARG A O   1 
ATOM   251  O O   B ARG A 1 60  ? -11.14254 9.47419   -7.44344  0.537 23.17686 ? 36  ARG A O   1 
ATOM   252  C CB  A ARG A 1 60  ? -11.80660 6.55348   -5.80326  0.463 24.38499 ? 36  ARG A CB  1 
ATOM   253  C CB  B ARG A 1 60  ? -11.83932 6.71786   -5.82976  0.537 24.15629 ? 36  ARG A CB  1 
ATOM   254  C CG  A ARG A 1 60  ? -11.28463 5.14848   -5.80554  0.463 23.64700 ? 36  ARG A CG  1 
ATOM   255  C CG  B ARG A 1 60  ? -11.39611 5.31216   -5.76158  0.537 22.62336 ? 36  ARG A CG  1 
ATOM   256  C CD  A ARG A 1 60  ? -12.35434 4.17107   -5.56266  0.463 35.74421 ? 36  ARG A CD  1 
ATOM   257  C CD  B ARG A 1 60  ? -12.59872 4.51271   -5.63068  0.537 29.13738 ? 36  ARG A CD  1 
ATOM   258  N NE  A ARG A 1 60  ? -13.04133 4.43837   -4.28212  0.463 47.53802 ? 36  ARG A NE  1 
ATOM   259  N NE  B ARG A 1 60  ? -12.24938 3.27981   -4.96207  0.537 42.08716 ? 36  ARG A NE  1 
ATOM   260  C CZ  A ARG A 1 60  ? -12.77461 3.77307   -3.14852  0.463 42.08250 ? 36  ARG A CZ  1 
ATOM   261  C CZ  B ARG A 1 60  ? -12.17632 3.14410   -3.65070  0.537 48.91962 ? 36  ARG A CZ  1 
ATOM   262  N NH1 A ARG A 1 60  ? -11.78205 2.88812   -3.05815  0.463 57.26478 ? 36  ARG A NH1 1 
ATOM   263  N NH1 B ARG A 1 60  ? -12.33805 4.21383   -2.87081  0.537 54.07264 ? 36  ARG A NH1 1 
ATOM   264  N NH2 A ARG A 1 60  ? -13.47421 4.05582   -2.06220  0.463 44.11930 ? 36  ARG A NH2 1 
ATOM   265  N NH2 B ARG A 1 60  ? -11.91749 1.94251   -3.16936  0.537 38.73079 ? 36  ARG A NH2 1 
ATOM   266  N N   A GLN A 1 61  ? -11.45325 9.71480   -5.25660  0.463 23.71763 ? 37  GLN A N   1 
ATOM   267  N N   B GLN A 1 61  ? -11.47671 9.79628   -5.23430  0.537 23.63079 ? 37  GLN A N   1 
ATOM   268  C CA  A GLN A 1 61  ? -11.84476 11.09829  -5.49674  0.463 29.08314 ? 37  GLN A CA  1 
ATOM   269  C CA  B GLN A 1 61  ? -11.85094 11.18530  -5.45947  0.537 29.17703 ? 37  GLN A CA  1 
ATOM   270  C C   A GLN A 1 61  ? -10.72923 11.90222  -6.15255  0.463 27.87275 ? 37  GLN A C   1 
ATOM   271  C C   B GLN A 1 61  ? -10.71092 11.97863  -6.08319  0.537 27.85684 ? 37  GLN A C   1 
ATOM   272  O O   A GLN A 1 61  ? -11.01245 12.89620  -6.83248  0.463 30.22132 ? 37  GLN A O   1 
ATOM   273  O O   B GLN A 1 61  ? -10.95777 13.03206  -6.68266  0.537 29.77702 ? 37  GLN A O   1 
ATOM   274  C CB  A GLN A 1 61  ? -12.27728 11.75923  -4.18770  0.463 30.50275 ? 37  GLN A CB  1 
ATOM   275  C CB  B GLN A 1 61  ? -12.30189 11.84266  -4.15244  0.537 30.53282 ? 37  GLN A CB  1 
ATOM   276  C CG  A GLN A 1 61  ? -13.69783 11.42571  -3.78918  0.463 31.52256 ? 37  GLN A CG  1 
ATOM   277  C CG  B GLN A 1 61  ? -13.28141 11.02118  -3.32696  0.537 34.86088 ? 37  GLN A CG  1 
ATOM   278  C CD  A GLN A 1 61  ? -14.14166 12.15234  -2.53780  0.463 37.90658 ? 37  GLN A CD  1 
ATOM   279  C CD  B GLN A 1 61  ? -14.39255 10.39695  -4.15451  0.537 38.54945 ? 37  GLN A CD  1 
ATOM   280  O OE1 A GLN A 1 61  ? -14.02907 11.62756  -1.42951  0.463 40.51558 ? 37  GLN A OE1 1 
ATOM   281  O OE1 B GLN A 1 61  ? -15.01156 11.05960  -4.99090  0.537 36.87971 ? 37  GLN A OE1 1 
ATOM   282  N NE2 A GLN A 1 61  ? -14.65125 13.36857  -2.70740  0.463 43.94108 ? 37  GLN A NE2 1 
ATOM   283  N NE2 B GLN A 1 61  ? -14.65229 9.11148   -3.92051  0.537 32.77838 ? 37  GLN A NE2 1 
ATOM   284  N N   . HIS A 1 62  ? -9.47239  11.49451  -5.97274  1.000 23.00715 ? 38  HIS A N   1 
ATOM   285  C CA  . HIS A 1 62  ? -8.33295  12.13648  -6.61674  1.000 23.95889 ? 38  HIS A CA  1 
ATOM   286  C C   . HIS A 1 62  ? -7.91366  11.45214  -7.92255  1.000 23.99742 ? 38  HIS A C   1 
ATOM   287  O O   . HIS A 1 62  ? -6.80810  11.70569  -8.42430  1.000 27.05718 ? 38  HIS A O   1 
ATOM   288  C CB  . HIS A 1 62  ? -7.16242  12.22131  -5.63932  1.000 29.33662 ? 38  HIS A CB  1 
ATOM   289  C CG  . HIS A 1 62  ? -7.37209  13.23830  -4.56247  1.000 27.50887 ? 38  HIS A CG  1 
ATOM   290  N ND1 . HIS A 1 62  ? -8.22260  13.03277  -3.49814  1.000 26.91017 ? 38  HIS A ND1 1 
ATOM   291  C CD2 . HIS A 1 62  ? -6.89226  14.49950  -4.42485  1.000 30.73687 ? 38  HIS A CD2 1 
ATOM   292  C CE1 . HIS A 1 62  ? -8.23336  14.11205  -2.73176  1.000 32.24522 ? 38  HIS A CE1 1 
ATOM   293  N NE2 . HIS A 1 62  ? -7.43809  15.01465  -3.27384  1.000 34.41898 ? 38  HIS A NE2 1 
ATOM   294  N N   . GLY A 1 63  ? -8.77733  10.60962  -8.49407  1.000 23.45385 ? 39  GLY A N   1 
ATOM   295  C CA  . GLY A 1 63  ? -8.53235  9.99629   -9.79258  1.000 22.15375 ? 39  GLY A CA  1 
ATOM   296  C C   . GLY A 1 63  ? -7.72802  8.70733   -9.79846  1.000 25.56388 ? 39  GLY A C   1 
ATOM   297  O O   . GLY A 1 63  ? -7.39531  8.21312   -10.88327 1.000 27.58230 ? 39  GLY A O   1 
ATOM   298  N N   . PHE A 1 64  ? -7.41928  8.13181   -8.63559  1.000 21.82809 ? 40  PHE A N   1 
ATOM   299  C CA  . PHE A 1 64  ? -6.63366  6.90561   -8.54162  1.000 21.85591 ? 40  PHE A CA  1 
ATOM   300  C C   . PHE A 1 64  ? -7.51974  5.70545   -8.27792  1.000 21.91680 ? 40  PHE A C   1 
ATOM   301  O O   . PHE A 1 64  ? -8.39750  5.75801   -7.41497  1.000 22.31186 ? 40  PHE A O   1 
ATOM   302  C CB  . PHE A 1 64  ? -5.62606  6.97497   -7.39384  1.000 20.72023 ? 40  PHE A CB  1 
ATOM   303  C CG  . PHE A 1 64  ? -4.45934  7.84182   -7.66511  1.000 27.28149 ? 40  PHE A CG  1 
ATOM   304  C CD1 . PHE A 1 64  ? -4.59252  9.21043   -7.61768  1.000 25.87197 ? 40  PHE A CD1 1 
ATOM   305  C CD2 . PHE A 1 64  ? -3.22227  7.28698   -7.94951  1.000 32.87606 ? 40  PHE A CD2 1 
ATOM   306  C CE1 . PHE A 1 64  ? -3.50296  10.03374  -7.86739  1.000 35.34459 ? 40  PHE A CE1 1 
ATOM   307  C CE2 . PHE A 1 64  ? -2.12712  8.10121   -8.19694  1.000 35.05179 ? 40  PHE A CE2 1 
ATOM   308  C CZ  . PHE A 1 64  ? -2.27402  9.47106   -8.16323  1.000 32.28503 ? 40  PHE A CZ  1 
ATOM   309  N N   . SER A 1 65  ? -7.23425  4.59773   -8.96388  1.000 22.42172 ? 41  SER A N   1 
ATOM   310  C CA  . SER A 1 65  ? -7.78109  3.33442   -8.50277  1.000 23.05412 ? 41  SER A CA  1 
ATOM   311  C C   . SER A 1 65  ? -6.99572  2.85160   -7.28338  1.000 19.12018 ? 41  SER A C   1 
ATOM   312  O O   . SER A 1 65  ? -5.88227  3.32452   -6.99825  1.000 21.36871 ? 41  SER A O   1 
ATOM   313  C CB  . SER A 1 65  ? -7.74731  2.27770   -9.61237  1.000 25.62744 ? 41  SER A CB  1 
ATOM   314  O OG  . SER A 1 65  ? -6.45562  1.69991   -9.71982  1.000 27.09408 ? 41  SER A OG  1 
ATOM   315  N N   . VAL A 1 66  ? -7.59363  1.91120   -6.55031  1.000 20.47900 ? 42  VAL A N   1 
ATOM   316  C CA  . VAL A 1 66  ? -6.92202  1.36552   -5.37251  1.000 19.23883 ? 42  VAL A CA  1 
ATOM   317  C C   . VAL A 1 66  ? -5.57259  0.76110   -5.74787  1.000 21.24854 ? 42  VAL A C   1 
ATOM   318  O O   . VAL A 1 66  ? -4.55709  0.99660   -5.07658  1.000 20.54021 ? 42  VAL A O   1 
ATOM   319  C CB  . VAL A 1 66  ? -7.81330  0.32818   -4.67782  1.000 22.41144 ? 42  VAL A CB  1 
ATOM   320  C CG1 . VAL A 1 66  ? -7.03054  -0.40898  -3.59592  1.000 22.61848 ? 42  VAL A CG1 1 
ATOM   321  C CG2 . VAL A 1 66  ? -9.05169  1.02764   -4.10555  1.000 26.74763 ? 42  VAL A CG2 1 
ATOM   322  N N   A SER A 1 67  ? -5.54907  -0.05530  -6.80566  0.560 22.16190 ? 43  SER A N   1 
ATOM   323  N N   B SER A 1 67  ? -5.54080  -0.05910  -6.80361  0.440 22.16483 ? 43  SER A N   1 
ATOM   324  C CA  A SER A 1 67  ? -4.30946  -0.73164  -7.17744  0.560 20.78165 ? 43  SER A CA  1 
ATOM   325  C CA  B SER A 1 67  ? -4.28547  -0.72541  -7.14476  0.440 20.69621 ? 43  SER A CA  1 
ATOM   326  C C   A SER A 1 67  ? -3.25316  0.26012   -7.65359  0.560 19.44689 ? 43  SER A C   1 
ATOM   327  C C   B SER A 1 67  ? -3.24299  0.27187   -7.63983  0.440 19.50007 ? 43  SER A C   1 
ATOM   328  O O   A SER A 1 67  ? -2.06641  0.09967   -7.34284  0.560 19.47667 ? 43  SER A O   1 
ATOM   329  O O   B SER A 1 67  ? -2.05300  0.12429   -7.33729  0.440 19.56322 ? 43  SER A O   1 
ATOM   330  C CB  A SER A 1 67  ? -4.59407  -1.78353  -8.24873  0.560 24.37216 ? 43  SER A CB  1 
ATOM   331  C CB  B SER A 1 67  ? -4.51890  -1.82048  -8.18613  0.440 24.44465 ? 43  SER A CB  1 
ATOM   332  O OG  A SER A 1 67  ? -5.43070  -2.80213  -7.71976  0.560 25.63185 ? 43  SER A OG  1 
ATOM   333  O OG  B SER A 1 67  ? -5.22595  -1.33135  -9.30394  0.440 25.79425 ? 43  SER A OG  1 
ATOM   334  N N   . GLU A 1 68  ? -3.66592  1.29545   -8.38696  1.000 21.05651 ? 44  GLU A N   1 
ATOM   335  C CA  . GLU A 1 68  ? -2.72348  2.32687   -8.81223  1.000 20.37849 ? 44  GLU A CA  1 
ATOM   336  C C   . GLU A 1 68  ? -2.12905  3.04599   -7.61184  1.000 19.02598 ? 44  GLU A C   1 
ATOM   337  O O   . GLU A 1 68  ? -0.91826  3.29564   -7.55205  1.000 20.47599 ? 44  GLU A O   1 
ATOM   338  C CB  . GLU A 1 68  ? -3.42396  3.33062   -9.73520  1.000 23.76520 ? 44  GLU A CB  1 
ATOM   339  C CG  . GLU A 1 68  ? -3.70938  2.79967   -11.14691 1.000 27.96910 ? 44  GLU A CG  1 
ATOM   340  C CD  . GLU A 1 68  ? -4.87014  3.51677   -11.84524 1.000 44.29619 ? 44  GLU A CD  1 
ATOM   341  O OE1 . GLU A 1 68  ? -5.38264  4.52891   -11.31354 1.000 30.53719 ? 44  GLU A OE1 1 
ATOM   342  O OE2 . GLU A 1 68  ? -5.28094  3.05763   -12.93421 1.000 42.44632 ? 44  GLU A OE2 1 
ATOM   343  N N   . TRP A 1 69  ? -2.97485  3.40475   -6.64735  1.000 17.73776 ? 45  TRP A N   1 
ATOM   344  C CA  . TRP A 1 69  ? -2.47730  4.03346   -5.42937  1.000 20.04111 ? 45  TRP A CA  1 
ATOM   345  C C   . TRP A 1 69  ? -1.49999  3.11771   -4.69442  1.000 19.89276 ? 45  TRP A C   1 
ATOM   346  O O   . TRP A 1 69  ? -0.43145  3.55434   -4.27959  1.000 19.09990 ? 45  TRP A O   1 
ATOM   347  C CB  . TRP A 1 69  ? -3.65843  4.44191   -4.54055  1.000 20.73591 ? 45  TRP A CB  1 
ATOM   348  C CG  . TRP A 1 69  ? -3.35473  4.52478   -3.07798  1.000 19.31118 ? 45  TRP A CG  1 
ATOM   349  C CD1 . TRP A 1 69  ? -3.86403  3.73668   -2.09495  1.000 19.76032 ? 45  TRP A CD1 1 
ATOM   350  C CD2 . TRP A 1 69  ? -2.48755  5.45519   -2.43084  1.000 17.98201 ? 45  TRP A CD2 1 
ATOM   351  N NE1 . TRP A 1 69  ? -3.36561  4.11172   -0.87312  1.000 20.52617 ? 45  TRP A NE1 1 
ATOM   352  C CE2 . TRP A 1 69  ? -2.51227  5.17100   -1.05453  1.000 19.68925 ? 45  TRP A CE2 1 
ATOM   353  C CE3 . TRP A 1 69  ? -1.69131  6.50435   -2.88371  1.000 19.47851 ? 45  TRP A CE3 1 
ATOM   354  C CZ2 . TRP A 1 69  ? -1.75850  5.88775   -0.12510  1.000 19.07030 ? 45  TRP A CZ2 1 
ATOM   355  C CZ3 . TRP A 1 69  ? -0.95315  7.22540   -1.95710  1.000 20.32154 ? 45  TRP A CZ3 1 
ATOM   356  C CH2 . TRP A 1 69  ? -0.98784  6.91926   -0.59988  1.000 18.99509 ? 45  TRP A CH2 1 
ATOM   357  N N   A ARG A 1 70  ? -1.84619  1.83675   -4.52459  0.663 17.74948 ? 46  ARG A N   1 
ATOM   358  N N   B ARG A 1 70  ? -1.85175  1.83908   -4.52746  0.337 17.76972 ? 46  ARG A N   1 
ATOM   359  C CA  A ARG A 1 70  ? -0.94321  0.95027   -3.79137  0.663 16.83842 ? 46  ARG A CA  1 
ATOM   360  C CA  B ARG A 1 70  ? -0.96060  0.93730   -3.80151  0.337 16.97178 ? 46  ARG A CA  1 
ATOM   361  C C   A ARG A 1 70  ? 0.40843   0.82517   -4.48223  0.663 16.76901 ? 46  ARG A C   1 
ATOM   362  C C   B ARG A 1 70  ? 0.39817   0.82761   -4.48305  0.337 16.85603 ? 46  ARG A C   1 
ATOM   363  O O   A ARG A 1 70  ? 1.44920   0.83047   -3.81187  0.663 18.03375 ? 46  ARG A O   1 
ATOM   364  O O   B ARG A 1 70  ? 1.43577   0.86797   -3.81111  0.337 18.09740 ? 46  ARG A O   1 
ATOM   365  C CB  A ARG A 1 70  ? -1.57542  -0.42722  -3.61758  0.663 18.81605 ? 46  ARG A CB  1 
ATOM   366  C CB  B ARG A 1 70  ? -1.60470  -0.44167  -3.65286  0.337 18.85025 ? 46  ARG A CB  1 
ATOM   367  C CG  A ARG A 1 70  ? -2.67627  -0.44158  -2.57672  0.663 20.24586 ? 46  ARG A CG  1 
ATOM   368  C CG  B ARG A 1 70  ? -2.72421  -0.47044  -2.61788  0.337 20.26864 ? 46  ARG A CG  1 
ATOM   369  C CD  A ARG A 1 70  ? -3.27649  -1.82667  -2.49872  0.663 24.67055 ? 46  ARG A CD  1 
ATOM   370  C CD  B ARG A 1 70  ? -3.11783  -1.89774  -2.26182  0.337 23.36729 ? 46  ARG A CD  1 
ATOM   371  N NE  A ARG A 1 70  ? -3.85262  -2.06081  -1.18350  0.663 28.91762 ? 46  ARG A NE  1 
ATOM   372  N NE  B ARG A 1 70  ? -4.17554  -1.91034  -1.25507  0.337 28.66512 ? 46  ARG A NE  1 
ATOM   373  C CZ  A ARG A 1 70  ? -4.85623  -2.90220  -0.96765  0.663 28.51552 ? 46  ARG A CZ  1 
ATOM   374  C CZ  B ARG A 1 70  ? -4.31788  -2.85123  -0.32511  0.337 30.37764 ? 46  ARG A CZ  1 
ATOM   375  N NH1 A ARG A 1 70  ? -5.33598  -3.06924  0.25613   0.663 37.78356 ? 46  ARG A NH1 1 
ATOM   376  N NH1 B ARG A 1 70  ? -5.31140  -2.77441  0.54878   0.337 33.73495 ? 46  ARG A NH1 1 
ATOM   377  N NH2 A ARG A 1 70  ? -5.37690  -3.56211  -1.99074  0.663 26.80972 ? 46  ARG A NH2 1 
ATOM   378  N NH2 B ARG A 1 70  ? -3.46703  -3.86699  -0.26468  0.337 25.54394 ? 46  ARG A NH2 1 
ATOM   379  N N   . VAL A 1 71  ? 0.41588   0.69896   -5.81328  1.000 17.75110 ? 47  VAL A N   1 
ATOM   380  C CA  . VAL A 1 71  ? 1.69472   0.59314   -6.52720  1.000 18.79609 ? 47  VAL A CA  1 
ATOM   381  C C   . VAL A 1 71  ? 2.51246   1.87434   -6.36024  1.000 19.14941 ? 47  VAL A C   1 
ATOM   382  O O   . VAL A 1 71  ? 3.70326   1.83302   -6.01458  1.000 19.57745 ? 47  VAL A O   1 
ATOM   383  C CB  . VAL A 1 71  ? 1.46217   0.25168   -8.00889  1.000 16.45802 ? 47  VAL A CB  1 
ATOM   384  C CG1 . VAL A 1 71  ? 2.75694   0.47338   -8.82066  1.000 20.43443 ? 47  VAL A CG1 1 
ATOM   385  C CG2 . VAL A 1 71  ? 0.97652   -1.20870  -8.15522  1.000 19.43213 ? 47  VAL A CG2 1 
ATOM   386  N N   . MET A 1 72  ? 1.90080   3.03128   -6.60597  1.000 20.06445 ? 48  MET A N   1 
ATOM   387  C CA  . MET A 1 72  ? 2.69215   4.26021   -6.51958  1.000 18.59896 ? 48  MET A CA  1 
ATOM   388  C C   . MET A 1 72  ? 3.15570   4.52766   -5.09328  1.000 20.94055 ? 48  MET A C   1 
ATOM   389  O O   . MET A 1 72  ? 4.31073   4.91321   -4.87524  1.000 22.18284 ? 48  MET A O   1 
ATOM   390  C CB  . MET A 1 72  ? 1.91500   5.43898   -7.10294  1.000 22.12175 ? 48  MET A CB  1 
ATOM   391  C CG  . MET A 1 72  ? 2.19939   5.53991   -8.59435  1.000 34.67233 ? 48  MET A CG  1 
ATOM   392  S SD  . MET A 1 72  ? 1.41946   6.91348   -9.43762  1.000 30.75892 ? 48  MET A SD  1 
ATOM   393  C CE  . MET A 1 72  ? -0.18375  6.19511   -9.71094  1.000 33.48356 ? 48  MET A CE  1 
ATOM   394  N N   . ALA A 1 73  ? 2.28705   4.31539   -4.09600  1.000 18.07940 ? 49  ALA A N   1 
ATOM   395  C CA  . ALA A 1 73  ? 2.69882   4.48827   -2.70890  1.000 18.98950 ? 49  ALA A CA  1 
ATOM   396  C C   . ALA A 1 73  ? 3.81240   3.51633   -2.32900  1.000 20.77174 ? 49  ALA A C   1 
ATOM   397  O O   . ALA A 1 73  ? 4.69881   3.87111   -1.54638  1.000 23.98724 ? 49  ALA A O   1 
ATOM   398  C CB  . ALA A 1 73  ? 1.49451   4.31241   -1.77154  1.000 20.72466 ? 49  ALA A CB  1 
ATOM   399  N N   . SER A 1 74  ? 3.77541   2.27460   -2.84540  1.000 19.19850 ? 50  SER A N   1 
ATOM   400  C CA  . SER A 1 74  ? 4.80104   1.29967   -2.48703  1.000 20.28321 ? 50  SER A CA  1 
ATOM   401  C C   . SER A 1 74  ? 6.13200   1.58694   -3.14885  1.000 21.74282 ? 50  SER A C   1 
ATOM   402  O O   . SER A 1 74  ? 7.17549   1.18626   -2.61667  1.000 24.48878 ? 50  SER A O   1 
ATOM   403  C CB  . SER A 1 74  ? 4.36615   -0.10123  -2.86138  1.000 19.85910 ? 50  SER A CB  1 
ATOM   404  O OG  . SER A 1 74  ? 3.16910   -0.47446  -2.15605  1.000 19.04863 ? 50  SER A OG  1 
ATOM   405  N N   . LEU A 1 75  ? 6.11490   2.26091   -4.30190  1.000 20.37985 ? 51  LEU A N   1 
ATOM   406  C CA  . LEU A 1 75  ? 7.36001   2.56163   -5.00158  1.000 21.95538 ? 51  LEU A CA  1 
ATOM   407  C C   . LEU A 1 75  ? 7.93116   3.92266   -4.63229  1.000 25.46471 ? 51  LEU A C   1 
ATOM   408  O O   . LEU A 1 75  ? 9.11433   4.17984   -4.90694  1.000 25.91238 ? 51  LEU A O   1 
ATOM   409  C CB  . LEU A 1 75  ? 7.12514   2.46399   -6.51676  1.000 18.09594 ? 51  LEU A CB  1 
ATOM   410  C CG  . LEU A 1 75  ? 6.81260   1.04701   -7.03454  1.000 19.05207 ? 51  LEU A CG  1 
ATOM   411  C CD1 . LEU A 1 75  ? 6.45514   1.04516   -8.51605  1.000 22.41083 ? 51  LEU A CD1 1 
ATOM   412  C CD2 . LEU A 1 75  ? 7.93207   0.05734   -6.72679  1.000 25.76910 ? 51  LEU A CD2 1 
ATOM   413  N N   . ALA A 1 76  ? 7.13507   4.80734   -4.03313  1.000 23.48686 ? 52  ALA A N   1 
ATOM   414  C CA  . ALA A 1 76  ? 7.61629   6.15793   -3.74830  1.000 25.41702 ? 52  ALA A CA  1 
ATOM   415  C C   . ALA A 1 76  ? 8.79916   6.12361   -2.78868  1.000 29.11904 ? 52  ALA A C   1 
ATOM   416  O O   . ALA A 1 76  ? 8.74680   5.50202   -1.72365  1.000 27.47405 ? 52  ALA A O   1 
ATOM   417  C CB  . ALA A 1 76  ? 6.49180   7.02255   -3.17300  1.000 23.93378 ? 52  ALA A CB  1 
ATOM   418  N N   . GLY A 1 77  ? 9.87646   6.80491   -3.17544  1.000 30.08299 ? 53  GLY A N   1 
ATOM   419  C CA  . GLY A 1 77  ? 11.06206  6.84226   -2.35057  1.000 35.05572 ? 53  GLY A CA  1 
ATOM   420  C C   . GLY A 1 77  ? 11.81322  5.54000   -2.25591  1.000 33.43168 ? 53  GLY A C   1 
ATOM   421  O O   . GLY A 1 77  ? 12.61522  5.36443   -1.33426  1.000 39.54714 ? 53  GLY A O   1 
ATOM   422  N N   . SER A 1 78  ? 11.58085  4.60601   -3.17343  1.000 30.28548 ? 54  SER A N   1 
ATOM   423  C CA  . SER A 1 78  ? 12.21084  3.30529   -3.07830  1.000 28.53493 ? 54  SER A CA  1 
ATOM   424  C C   . SER A 1 78  ? 13.14146  3.07815   -4.26201  1.000 32.37615 ? 54  SER A C   1 
ATOM   425  O O   . SER A 1 78  ? 12.94937  3.62974   -5.35108  1.000 31.11828 ? 54  SER A O   1 
ATOM   426  C CB  . SER A 1 78  ? 11.14579  2.17564   -2.99996  1.000 32.63041 ? 54  SER A CB  1 
ATOM   427  O OG  . SER A 1 78  ? 11.67577  0.88349   -3.25776  1.000 32.43320 ? 54  SER A OG  1 
ATOM   428  N N   A GLU A 1 79  ? 14.16909  2.27044   -4.03375  0.483 33.23595 ? 55  GLU A N   1 
ATOM   429  N N   B GLU A 1 79  ? 14.17113  2.27489   -4.01493  0.517 33.20835 ? 55  GLU A N   1 
ATOM   430  C CA  A GLU A 1 79  ? 14.95186  1.77107   -5.14160  0.483 36.23691 ? 55  GLU A CA  1 
ATOM   431  C CA  B GLU A 1 79  ? 14.95893  1.68033   -5.07463  0.517 36.29547 ? 55  GLU A CA  1 
ATOM   432  C C   A GLU A 1 79  ? 14.15259  0.69745   -5.87576  0.483 35.53481 ? 55  GLU A C   1 
ATOM   433  C C   B GLU A 1 79  ? 14.06808  0.77190   -5.91902  0.517 35.57830 ? 55  GLU A C   1 
ATOM   434  O O   A GLU A 1 79  ? 13.20743  0.12815   -5.32344  0.483 34.21673 ? 55  GLU A O   1 
ATOM   435  O O   B GLU A 1 79  ? 12.98063  0.38189   -5.48504  0.517 31.75282 ? 55  GLU A O   1 
ATOM   436  C CB  A GLU A 1 79  ? 16.28505  1.21713   -4.64838  0.483 39.02777 ? 55  GLU A CB  1 
ATOM   437  C CB  B GLU A 1 79  ? 16.11354  0.87463   -4.47780  0.517 38.12926 ? 55  GLU A CB  1 
ATOM   438  C CG  A GLU A 1 79  ? 17.31750  2.29742   -4.34309  0.483 41.99570 ? 55  GLU A CG  1 
ATOM   439  C CG  B GLU A 1 79  ? 16.48252  1.26581   -3.04352  0.517 43.23893 ? 55  GLU A CG  1 
ATOM   440  C CD  A GLU A 1 79  ? 18.19781  2.61420   -5.53584  0.483 42.48592 ? 55  GLU A CD  1 
ATOM   441  C CD  B GLU A 1 79  ? 15.42335  0.87507   -2.01796  0.517 45.61371 ? 55  GLU A CD  1 
ATOM   442  O OE1 A GLU A 1 79  ? 19.06169  1.77883   -5.87426  0.483 53.28623 ? 55  GLU A OE1 1 
ATOM   443  O OE1 B GLU A 1 79  ? 15.03692  -0.31066  -1.96805  0.517 45.85924 ? 55  GLU A OE1 1 
ATOM   444  O OE2 A GLU A 1 79  ? 18.02660  3.69547   -6.13588  0.483 43.03763 ? 55  GLU A OE2 1 
ATOM   445  O OE2 B GLU A 1 79  ? 14.96243  1.76935   -1.27742  0.517 39.19333 ? 55  GLU A OE2 1 
ATOM   446  N N   . PRO A 1 80  ? 14.49896  0.41784   -7.12899  1.000 30.73336 ? 56  PRO A N   1 
ATOM   447  C CA  . PRO A 1 80  ? 13.72569  -0.55569  -7.90766  1.000 32.35408 ? 56  PRO A CA  1 
ATOM   448  C C   . PRO A 1 80  ? 13.61483  -1.87766  -7.15931  1.000 33.12213 ? 56  PRO A C   1 
ATOM   449  O O   . PRO A 1 80  ? 14.58159  -2.34902  -6.55240  1.000 32.69893 ? 56  PRO A O   1 
ATOM   450  C CB  . PRO A 1 80  ? 14.52999  -0.69716  -9.20439  1.000 35.16437 ? 56  PRO A CB  1 
ATOM   451  C CG  . PRO A 1 80  ? 15.30274  0.57746   -9.30995  1.000 32.25115 ? 56  PRO A CG  1 
ATOM   452  C CD  . PRO A 1 80  ? 15.63609  0.96579   -7.89427  1.000 33.60967 ? 56  PRO A CD  1 
ATOM   453  N N   . ILE A 1 81  ? 12.41143  -2.46100  -7.17821  1.000 27.43479 ? 57  ILE A N   1 
ATOM   454  C CA  . ILE A 1 81  ? 12.13682  -3.72382  -6.50067  1.000 26.22702 ? 57  ILE A CA  1 
ATOM   455  C C   . ILE A 1 81  ? 11.58399  -4.71736  -7.51783  1.000 24.07146 ? 57  ILE A C   1 
ATOM   456  O O   . ILE A 1 81  ? 11.12892  -4.34546  -8.59837  1.000 27.05643 ? 57  ILE A O   1 
ATOM   457  C CB  . ILE A 1 81  ? 11.15839  -3.55717  -5.30843  1.000 25.25920 ? 57  ILE A CB  1 
ATOM   458  C CG1 . ILE A 1 81  ? 9.77434   -3.10249  -5.79252  1.000 28.44905 ? 57  ILE A CG1 1 
ATOM   459  C CG2 . ILE A 1 81  ? 11.70085  -2.55495  -4.28921  1.000 27.25220 ? 57  ILE A CG2 1 
ATOM   460  C CD1 . ILE A 1 81  ? 8.73716   -2.96787  -4.63003  1.000 25.95739 ? 57  ILE A CD1 1 
ATOM   461  N N   . SER A 1 82  ? 11.63185  -6.00210  -7.17108  1.000 24.70588 ? 58  SER A N   1 
ATOM   462  C CA  . SER A 1 82  ? 11.14643  -7.00023  -8.11113  1.000 24.61249 ? 58  SER A CA  1 
ATOM   463  C C   . SER A 1 82  ? 9.61841   -6.96088  -8.20308  1.000 27.59804 ? 58  SER A C   1 
ATOM   464  O O   . SER A 1 82  ? 8.92858   -6.43924  -7.31813  1.000 26.77281 ? 58  SER A O   1 
ATOM   465  C CB  . SER A 1 82  ? 11.59214  -8.40956  -7.71410  1.000 29.91632 ? 58  SER A CB  1 
ATOM   466  O OG  . SER A 1 82  ? 10.84465  -8.90898  -6.60536  1.000 30.48872 ? 58  SER A OG  1 
ATOM   467  N N   . ILE A 1 83  ? 9.09083   -7.53394  -9.28782  1.000 25.33602 ? 59  ILE A N   1 
ATOM   468  C CA  . ILE A 1 83  ? 7.63795   -7.63523  -9.42197  1.000 26.11908 ? 59  ILE A CA  1 
ATOM   469  C C   . ILE A 1 83  ? 7.05332   -8.46722  -8.28757  1.000 29.48139 ? 59  ILE A C   1 
ATOM   470  O O   . ILE A 1 83  ? 5.98124   -8.15084  -7.76460  1.000 24.02325 ? 59  ILE A O   1 
ATOM   471  C CB  . ILE A 1 83  ? 7.24503   -8.19510  -10.80254 1.000 29.37622 ? 59  ILE A CB  1 
ATOM   472  C CG1 . ILE A 1 83  ? 7.92127   -7.38790  -11.91340 1.000 39.32358 ? 59  ILE A CG1 1 
ATOM   473  C CG2 . ILE A 1 83  ? 5.73111   -8.15401  -10.97643 1.000 32.25032 ? 59  ILE A CG2 1 
ATOM   474  C CD1 . ILE A 1 83  ? 7.64519   -5.90473  -11.83689 1.000 44.15413 ? 59  ILE A CD1 1 
ATOM   475  N N   . GLY A 1 84  ? 7.73966   -9.53782  -7.88171  1.000 25.82419 ? 60  GLY A N   1 
ATOM   476  C CA  . GLY A 1 84  ? 7.24637   -10.32996 -6.76131  1.000 27.99737 ? 60  GLY A CA  1 
ATOM   477  C C   . GLY A 1 84  ? 7.19831   -9.55244  -5.45705  1.000 24.08073 ? 60  GLY A C   1 
ATOM   478  O O   . GLY A 1 84  ? 6.24076   -9.67341  -4.67979  1.000 22.82060 ? 60  GLY A O   1 
ATOM   479  N N   . GLN A 1 85  ? 8.22260   -8.73735  -5.19222  1.000 24.02829 ? 61  GLN A N   1 
ATOM   480  C CA  . GLN A 1 85  ? 8.19702   -7.88677  -4.00408  1.000 23.35883 ? 61  GLN A CA  1 
ATOM   481  C C   . GLN A 1 85  ? 7.03156   -6.90776  -4.06168  1.000 21.11796 ? 61  GLN A C   1 
ATOM   482  O O   . GLN A 1 85  ? 6.34331   -6.67982  -3.04981  1.000 23.00192 ? 61  GLN A O   1 
ATOM   483  C CB  . GLN A 1 85  ? 9.51638   -7.12266  -3.86176  1.000 27.23749 ? 61  GLN A CB  1 
ATOM   484  C CG  . GLN A 1 85  ? 10.70667  -8.00730  -3.50906  1.000 35.77077 ? 61  GLN A CG  1 
ATOM   485  C CD  . GLN A 1 85  ? 12.03159  -7.27018  -3.58184  1.000 39.42010 ? 61  GLN A CD  1 
ATOM   486  O OE1 . GLN A 1 85  ? 12.40874  -6.73810  -4.62494  1.000 36.51740 ? 61  GLN A OE1 1 
ATOM   487  N NE2 . GLN A 1 85  ? 12.73578  -7.22007  -2.46234  1.000 54.01031 ? 61  GLN A NE2 1 
ATOM   488  N N   . LEU A 1 86  ? 6.82446   -6.28740  -5.22589  1.000 22.06305 ? 62  LEU A N   1 
ATOM   489  C CA  . LEU A 1 86  ? 5.72037   -5.34221  -5.37954  1.000 19.66468 ? 62  LEU A CA  1 
ATOM   490  C C   . LEU A 1 86  ? 4.38608   -6.02646  -5.13509  1.000 19.40244 ? 62  LEU A C   1 
ATOM   491  O O   . LEU A 1 86  ? 3.50473   -5.46638  -4.47016  1.000 19.60465 ? 62  LEU A O   1 
ATOM   492  C CB  . LEU A 1 86  ? 5.75561   -4.72400  -6.77793  1.000 20.43355 ? 62  LEU A CB  1 
ATOM   493  C CG  . LEU A 1 86  ? 4.69283   -3.65446  -7.04368  1.000 20.97132 ? 62  LEU A CG  1 
ATOM   494  C CD1 . LEU A 1 86  ? 4.85421   -2.46556  -6.14785  1.000 19.15506 ? 62  LEU A CD1 1 
ATOM   495  C CD2 . LEU A 1 86  ? 4.69263   -3.23263  -8.51082  1.000 21.22282 ? 62  LEU A CD2 1 
ATOM   496  N N   . ALA A 1 87  ? 4.21348   -7.23181  -5.67425  1.000 18.51768 ? 63  ALA A N   1 
ATOM   497  C CA  . ALA A 1 87  ? 2.97589   -7.96982  -5.45079  1.000 19.39653 ? 63  ALA A CA  1 
ATOM   498  C C   . ALA A 1 87  ? 2.75608   -8.21072  -3.96725  1.000 21.05664 ? 63  ALA A C   1 
ATOM   499  O O   . ALA A 1 87  ? 1.62490   -8.08565  -3.46939  1.000 20.02688 ? 63  ALA A O   1 
ATOM   500  C CB  . ALA A 1 87  ? 3.00999   -9.29571  -6.21139  1.000 20.96247 ? 63  ALA A CB  1 
ATOM   501  N N   . GLN A 1 88  ? 3.82088   -8.57058  -3.23990  1.000 19.97296 ? 64  GLN A N   1 
ATOM   502  C CA  . GLN A 1 88  ? 3.66708   -8.80809  -1.80413  1.000 19.28596 ? 64  GLN A CA  1 
ATOM   503  C C   . GLN A 1 88  ? 3.25948   -7.53382  -1.05894  1.000 18.20956 ? 64  GLN A C   1 
ATOM   504  O O   . GLN A 1 88  ? 2.28174   -7.53217  -0.30156  1.000 18.97196 ? 64  GLN A O   1 
ATOM   505  C CB  . GLN A 1 88  ? 4.95371   -9.40236  -1.22827  1.000 22.18077 ? 64  GLN A CB  1 
ATOM   506  C CG  . GLN A 1 88  ? 4.82968   -9.76404  0.25151   1.000 21.44674 ? 64  GLN A CG  1 
ATOM   507  C CD  . GLN A 1 88  ? 5.26105   -8.62704  1.15461   1.000 24.85166 ? 64  GLN A CD  1 
ATOM   508  O OE1 . GLN A 1 88  ? 6.31849   -8.02486  0.94619   1.000 27.40923 ? 64  GLN A OE1 1 
ATOM   509  N NE2 . GLN A 1 88  ? 4.45096   -8.32413  2.17138   1.000 21.09617 ? 64  GLN A NE2 1 
ATOM   510  N N   A VAL A 1 89  ? 3.97699   -6.42752  -1.27210  0.651 17.83596 ? 65  VAL A N   1 
ATOM   511  N N   B VAL A 1 89  ? 3.98764   -6.43496  -1.26630  0.349 17.96345 ? 65  VAL A N   1 
ATOM   512  C CA  A VAL A 1 89  ? 3.70892   -5.23683  -0.46655  0.651 17.16736 ? 65  VAL A CA  1 
ATOM   513  C CA  B VAL A 1 89  ? 3.70587   -5.23658  -0.48004  0.349 17.19169 ? 65  VAL A CA  1 
ATOM   514  C C   A VAL A 1 89  ? 2.36188   -4.61113  -0.82883  0.651 18.07547 ? 65  VAL A C   1 
ATOM   515  C C   B VAL A 1 89  ? 2.33597   -4.66130  -0.82083  0.349 18.04938 ? 65  VAL A C   1 
ATOM   516  O O   A VAL A 1 89  ? 1.71628   -3.98179  0.02900   0.651 18.92156 ? 65  VAL A O   1 
ATOM   517  O O   B VAL A 1 89  ? 1.65692   -4.10442  0.05441   0.349 18.99206 ? 65  VAL A O   1 
ATOM   518  C CB  A VAL A 1 89  ? 4.87560   -4.22963  -0.58595  0.651 19.11048 ? 65  VAL A CB  1 
ATOM   519  C CB  B VAL A 1 89  ? 4.82140   -4.19390  -0.67217  0.349 19.25380 ? 65  VAL A CB  1 
ATOM   520  C CG1 A VAL A 1 89  ? 4.96435   -3.62996  -1.98757  0.651 19.29225 ? 65  VAL A CG1 1 
ATOM   521  C CG1 B VAL A 1 89  ? 4.46441   -2.88554  0.02134   0.349 18.89697 ? 65  VAL A CG1 1 
ATOM   522  C CG2 A VAL A 1 89  ? 4.76259   -3.12703  0.45151   0.651 21.69669 ? 65  VAL A CG2 1 
ATOM   523  C CG2 B VAL A 1 89  ? 6.13435   -4.73573  -0.14754  0.349 20.92097 ? 65  VAL A CG2 1 
ATOM   524  N N   . THR A 1 90  ? 1.90544   -4.77795  -2.07696  1.000 17.60240 ? 66  THR A N   1 
ATOM   525  C CA  . THR A 1 90  ? 0.59795   -4.26989  -2.50123  1.000 19.08665 ? 66  THR A CA  1 
ATOM   526  C C   . THR A 1 90  ? -0.52164  -5.27445  -2.28893  1.000 20.40030 ? 66  THR A C   1 
ATOM   527  O O   . THR A 1 90  ? -1.66082  -4.97209  -2.66067  1.000 22.32183 ? 66  THR A O   1 
ATOM   528  C CB  . THR A 1 90  ? 0.57675   -3.86597  -3.99003  1.000 17.55394 ? 66  THR A CB  1 
ATOM   529  O OG1 . THR A 1 90  ? 0.79345   -5.01348  -4.82305  1.000 17.73048 ? 66  THR A OG1 1 
ATOM   530  C CG2 . THR A 1 90  ? 1.62747   -2.78280  -4.27120  1.000 19.05974 ? 66  THR A CG2 1 
ATOM   531  N N   A VAL A 1 91  ? -0.23184  -6.43182  -1.68961  0.589 17.02839 ? 67  VAL A N   1 
ATOM   532  N N   B VAL A 1 91  ? -0.21173  -6.46148  -1.76258  0.411 17.13789 ? 67  VAL A N   1 
ATOM   533  C CA  A VAL A 1 91  ? -1.17475  -7.53940  -1.49656  0.589 17.11925 ? 67  VAL A CA  1 
ATOM   534  C CA  B VAL A 1 91  ? -1.16523  -7.54355  -1.50737  0.411 17.17734 ? 67  VAL A CA  1 
ATOM   535  C C   A VAL A 1 91  ? -2.02426  -7.74955  -2.74926  0.589 20.13261 ? 67  VAL A C   1 
ATOM   536  C C   B VAL A 1 91  ? -2.00570  -7.85020  -2.74310  0.411 20.07467 ? 67  VAL A C   1 
ATOM   537  O O   A VAL A 1 91  ? -3.26132  -7.82329  -2.68013  0.589 23.24265 ? 67  VAL A O   1 
ATOM   538  O O   B VAL A 1 91  ? -3.21703  -8.09725  -2.65008  0.411 21.83697 ? 67  VAL A O   1 
ATOM   539  C CB  A VAL A 1 91  ? -2.05058  -7.32715  -0.23838  0.589 18.56455 ? 67  VAL A CB  1 
ATOM   540  C CB  B VAL A 1 91  ? -2.05666  -7.21617  -0.29733  0.411 18.58654 ? 67  VAL A CB  1 
ATOM   541  C CG1 A VAL A 1 91  ? -1.18246  -7.28102  1.03010   0.589 21.12418 ? 67  VAL A CG1 1 
ATOM   542  C CG1 B VAL A 1 91  ? -2.69645  -8.48984  0.21016   0.411 19.10861 ? 67  VAL A CG1 1 
ATOM   543  C CG2 A VAL A 1 91  ? -2.93781  -6.09379  -0.35921  0.589 21.56065 ? 67  VAL A CG2 1 
ATOM   544  C CG2 B VAL A 1 91  ? -1.23244  -6.56508  0.79531   0.411 20.18061 ? 67  VAL A CG2 1 
ATOM   545  N N   . THR A 1 92  ? -1.36079  -7.87036  -3.90398  1.000 20.80288 ? 68  THR A N   1 
ATOM   546  C CA  . THR A 1 92  ? -2.01533  -8.12161  -5.17922  1.000 22.79366 ? 68  THR A CA  1 
ATOM   547  C C   . THR A 1 92  ? -1.33638  -9.31373  -5.83988  1.000 24.91266 ? 68  THR A C   1 
ATOM   548  O O   . THR A 1 92  ? -0.12025  -9.46649  -5.73889  1.000 28.87858 ? 68  THR A O   1 
ATOM   549  C CB  . THR A 1 92  ? -1.93324  -6.86603  -6.07868  1.000 26.06428 ? 68  THR A CB  1 
ATOM   550  O OG1 . THR A 1 92  ? -2.57576  -5.75953  -5.42446  1.000 30.52568 ? 68  THR A OG1 1 
ATOM   551  C CG2 . THR A 1 92  ? -2.62943  -7.10826  -7.43934  1.000 31.71882 ? 68  THR A CG2 1 
ATOM   552  N N   . LYS A 1 93  ? -2.10938  -10.17905 -6.49750  1.000 24.91603 ? 69  LYS A N   1 
ATOM   553  C CA  . LYS A 1 93  ? -1.49984  -11.33638 -7.14331  1.000 25.92561 ? 69  LYS A CA  1 
ATOM   554  C C   . LYS A 1 93  ? -0.60433  -10.89131 -8.29385  1.000 27.92177 ? 69  LYS A C   1 
ATOM   555  O O   . LYS A 1 93  ? -0.86999  -9.89231  -8.96729  1.000 26.49703 ? 69  LYS A O   1 
ATOM   556  C CB  . LYS A 1 93  ? -2.56874  -12.31367 -7.64190  1.000 29.43851 ? 69  LYS A CB  1 
ATOM   557  C CG  . LYS A 1 93  ? -3.64244  -12.60677 -6.58791  1.000 43.02032 ? 69  LYS A CG  1 
ATOM   558  C CD  . LYS A 1 93  ? -3.79953  -14.10145 -6.33672  1.000 60.22184 ? 69  LYS A CD  1 
ATOM   559  C CE  . LYS A 1 93  ? -5.02906  -14.39778 -5.48753  1.000 60.24992 ? 69  LYS A CE  1 
ATOM   560  N NZ  . LYS A 1 93  ? -6.20316  -13.59053 -5.92016  1.000 68.39985 ? 69  LYS A NZ  1 
ATOM   561  N N   . GLN A 1 94  ? 0.46907   -11.64806 -8.51235  1.000 26.89161 ? 70  GLN A N   1 
ATOM   562  C CA  . GLN A 1 94  ? 1.48402   -11.21405 -9.46609  1.000 27.24862 ? 70  GLN A CA  1 
ATOM   563  C C   . GLN A 1 94  ? 0.95686   -11.04514 -10.88958 1.000 32.56175 ? 70  GLN A C   1 
ATOM   564  O O   . GLN A 1 94  ? 1.33501   -10.05285 -11.53845 1.000 30.00043 ? 70  GLN A O   1 
ATOM   565  C CB  . GLN A 1 94  ? 2.67165   -12.18091 -9.43507  1.000 32.06887 ? 70  GLN A CB  1 
ATOM   566  C CG  . GLN A 1 94  ? 3.87309   -11.66103 -10.19765 1.000 44.17635 ? 70  GLN A CG  1 
ATOM   567  C CD  . GLN A 1 94  ? 5.15189   -12.39289 -9.84473  1.000 50.45094 ? 70  GLN A CD  1 
ATOM   568  O OE1 . GLN A 1 94  ? 5.28443   -12.93891 -8.74997  1.000 53.92942 ? 70  GLN A OE1 1 
ATOM   569  N NE2 . GLN A 1 94  ? 6.10479   -12.40176 -10.77103 1.000 56.62689 ? 70  GLN A NE2 1 
ATOM   570  N N   . PRO A 1 95  ? 0.12402   -11.93712 -11.43634 1.000 30.28115 ? 71  PRO A N   1 
ATOM   571  C CA  . PRO A 1 95  ? -0.40281  -11.69089 -12.79736 1.000 28.25063 ? 71  PRO A CA  1 
ATOM   572  C C   . PRO A 1 95  ? -1.19850  -10.39816 -12.90506 1.000 26.97297 ? 71  PRO A C   1 
ATOM   573  O O   . PRO A 1 95  ? -1.08579  -9.66748  -13.90637 1.000 30.43240 ? 71  PRO A O   1 
ATOM   574  C CB  . PRO A 1 95  ? -1.28019  -12.92532 -13.06558 1.000 33.56689 ? 71  PRO A CB  1 
ATOM   575  C CG  . PRO A 1 95  ? -0.75222  -13.98759 -12.13080 1.000 32.68386 ? 71  PRO A CG  1 
ATOM   576  C CD  . PRO A 1 95  ? -0.27342  -13.25434 -10.90448 1.000 32.12843 ? 71  PRO A CD  1 
ATOM   577  N N   . THR A 1 96  ? -1.99274  -10.09327 -11.87333 1.000 25.94330 ? 72  THR A N   1 
ATOM   578  C CA  . THR A 1 96  ? -2.73417  -8.83965  -11.82289 1.000 22.66666 ? 72  THR A CA  1 
ATOM   579  C C   . THR A 1 96  ? -1.78519  -7.65661  -11.80102 1.000 23.77637 ? 72  THR A C   1 
ATOM   580  O O   . THR A 1 96  ? -2.01032  -6.65190  -12.48802 1.000 24.03538 ? 72  THR A O   1 
ATOM   581  C CB  . THR A 1 96  ? -3.63390  -8.82551  -10.59076 1.000 28.76355 ? 72  THR A CB  1 
ATOM   582  O OG1 . THR A 1 96  ? -4.49748  -9.97013  -10.63684 1.000 29.56637 ? 72  THR A OG1 1 
ATOM   583  C CG2 . THR A 1 96  ? -4.47257  -7.56954  -10.55528 1.000 27.60000 ? 72  THR A CG2 1 
ATOM   584  N N   . VAL A 1 97  ? -0.71582  -7.76812  -11.01320 1.000 23.91968 ? 73  VAL A N   1 
ATOM   585  C CA  . VAL A 1 97  ? 0.29255   -6.71051  -10.96190 1.000 22.98694 ? 73  VAL A CA  1 
ATOM   586  C C   . VAL A 1 97  ? 0.92941   -6.50230  -12.32916 1.000 23.03048 ? 73  VAL A C   1 
ATOM   587  O O   . VAL A 1 97  ? 1.16649   -5.36925  -12.74694 1.000 23.02641 ? 73  VAL A O   1 
ATOM   588  C CB  . VAL A 1 97  ? 1.36002   -7.02801  -9.89732  1.000 26.66312 ? 73  VAL A CB  1 
ATOM   589  C CG1 . VAL A 1 97  ? 2.52021   -6.04346  -9.99875  1.000 30.39950 ? 73  VAL A CG1 1 
ATOM   590  C CG2 . VAL A 1 97  ? 0.74919   -6.97227  -8.50383  1.000 29.15617 ? 73  VAL A CG2 1 
ATOM   591  N N   . THR A 1 98  ? 1.26170   -7.58053  -13.03249 1.000 25.36417 ? 74  THR A N   1 
ATOM   592  C CA  . THR A 1 98  ? 1.91652   -7.40018  -14.32901 1.000 26.85526 ? 74  THR A CA  1 
ATOM   593  C C   . THR A 1 98  ? 1.01549   -6.64579  -15.29922 1.000 24.48112 ? 74  THR A C   1 
ATOM   594  O O   . THR A 1 98  ? 1.46264   -5.74755  -16.02307 1.000 26.47911 ? 74  THR A O   1 
ATOM   595  C CB  . THR A 1 98  ? 2.30176   -8.75798  -14.89572 1.000 33.90636 ? 74  THR A CB  1 
ATOM   596  O OG1 . THR A 1 98  ? 3.32302   -9.32200  -14.06582 1.000 38.76746 ? 74  THR A OG1 1 
ATOM   597  C CG2 . THR A 1 98  ? 2.80601   -8.61937  -16.32004 1.000 38.42581 ? 74  THR A CG2 1 
ATOM   598  N N   . ARG A 1 99  ? -0.26877  -6.97293  -15.28558 1.000 25.57060 ? 75  ARG A N   1 
ATOM   599  C CA  . ARG A 1 99  ? -1.23460  -6.31998  -16.16318 1.000 23.92961 ? 75  ARG A CA  1 
ATOM   600  C C   . ARG A 1 99  ? -1.42114  -4.82526  -15.78330 1.000 21.96481 ? 75  ARG A C   1 
ATOM   601  O O   . ARG A 1 99  ? -1.42749  -3.90682  -16.65345 1.000 23.69030 ? 75  ARG A O   1 
ATOM   602  C CB  . ARG A 1 99  ? -2.44317  -7.19564  -15.97517 1.000 28.22710 ? 75  ARG A CB  1 
ATOM   603  C CG  . ARG A 1 99  ? -2.06028  -8.66824  -16.56540 1.000 43.55126 ? 75  ARG A CG  1 
ATOM   604  C CD  . ARG A 1 99  ? -3.34611  -9.05111  -17.18196 1.000 54.90842 ? 75  ARG A CD  1 
ATOM   605  N NE  . ARG A 1 99  ? -4.06900  -9.13863  -15.92094 1.000 55.32165 ? 75  ARG A NE  1 
ATOM   606  C CZ  . ARG A 1 99  ? -5.13474  -8.42737  -15.82875 1.000 67.83949 ? 75  ARG A CZ  1 
ATOM   607  N NH1 . ARG A 1 99  ? -5.81987  -8.23379  -14.73209 1.000 67.65797 ? 75  ARG A NH1 1 
ATOM   608  N NH2 . ARG A 1 99  ? -5.20760  -7.66858  -16.85488 1.000 63.45473 ? 75  ARG A NH2 1 
ATOM   609  N N   . LEU A 1 100 ? -1.42758  -4.55957  -14.46716 1.000 21.37858 ? 76  LEU A N   1 
ATOM   610  C CA  . LEU A 1 100 ? -1.45454  -3.19369  -13.94993 1.000 20.60265 ? 76  LEU A CA  1 
ATOM   611  C C   . LEU A 1 100 ? -0.23937  -2.40796  -14.41098 1.000 20.04918 ? 76  LEU A C   1 
ATOM   612  O O   . LEU A 1 100 ? -0.35759  -1.26718  -14.86945 1.000 22.54820 ? 76  LEU A O   1 
ATOM   613  C CB  . LEU A 1 100 ? -1.51152  -3.24447  -12.42139 1.000 23.25260 ? 76  LEU A CB  1 
ATOM   614  C CG  . LEU A 1 100 ? -1.52481  -1.92579  -11.67775 1.000 25.16303 ? 76  LEU A CG  1 
ATOM   615  C CD1 . LEU A 1 100 ? -2.71106  -1.08333  -12.12784 1.000 25.50431 ? 76  LEU A CD1 1 
ATOM   616  C CD2 . LEU A 1 100 ? -1.58325  -2.17785  -10.18221 1.000 27.03306 ? 76  LEU A CD2 1 
ATOM   617  N N   . LEU A 1 101 ? 0.94025   -3.01415  -14.29433 1.000 21.72580 ? 77  LEU A N   1 
ATOM   618  C CA  . LEU A 1 101 ? 2.15601   -2.33979  -14.72442 1.000 21.78594 ? 77  LEU A CA  1 
ATOM   619  C C   . LEU A 1 101 ? 2.16006   -2.11300  -16.23016 1.000 21.39928 ? 77  LEU A C   1 
ATOM   620  O O   . LEU A 1 101 ? 2.68063   -1.09452  -16.68031 1.000 23.86784 ? 77  LEU A O   1 
ATOM   621  C CB  . LEU A 1 101 ? 3.38089   -3.14548  -14.29909 1.000 22.47179 ? 77  LEU A CB  1 
ATOM   622  C CG  . LEU A 1 101 ? 3.61593   -3.24399  -12.79215 1.000 22.78180 ? 77  LEU A CG  1 
ATOM   623  C CD1 . LEU A 1 101 ? 4.85724   -4.07498  -12.53576 1.000 23.97483 ? 77  LEU A CD1 1 
ATOM   624  C CD2 . LEU A 1 101 ? 3.74329   -1.87396  -12.13253 1.000 23.00022 ? 77  LEU A CD2 1 
ATOM   625  N N   . ASP A 1 102 ? 1.57732   -3.01938  -17.02436 1.000 21.69321 ? 78  ASP A N   1 
ATOM   626  C CA  . ASP A 1 102 ? 1.47642   -2.73774  -18.45744 1.000 23.98361 ? 78  ASP A CA  1 
ATOM   627  C C   . ASP A 1 102 ? 0.80468   -1.38766  -18.67455 1.000 23.33043 ? 78  ASP A C   1 
ATOM   628  O O   . ASP A 1 102 ? 1.32255   -0.50616  -19.39694 1.000 24.84135 ? 78  ASP A O   1 
ATOM   629  C CB  . ASP A 1 102 ? 0.70544   -3.84485  -19.18539 1.000 23.97077 ? 78  ASP A CB  1 
ATOM   630  C CG  . ASP A 1 102 ? 1.46387   -5.16965  -19.24408 1.000 28.41704 ? 78  ASP A CG  1 
ATOM   631  O OD1 . ASP A 1 102 ? 2.69639   -5.17110  -19.07316 1.000 32.00381 ? 78  ASP A OD1 1 
ATOM   632  O OD2 . ASP A 1 102 ? 0.81076   -6.22024  -19.46059 1.000 33.64680 ? 78  ASP A OD2 1 
ATOM   633  N N   A ARG A 1 103 ? -0.33799  -1.18828  -18.01063 0.383 21.56024 ? 79  ARG A N   1 
ATOM   634  N N   B ARG A 1 103 ? -0.34796  -1.17593  -18.04186 0.617 21.46581 ? 79  ARG A N   1 
ATOM   635  C CA  A ARG A 1 103 ? -1.08390  0.04885   -18.25293 0.383 23.16428 ? 79  ARG A CA  1 
ATOM   636  C CA  B ARG A 1 103 ? -1.01369  0.09984   -18.32176 0.617 23.07448 ? 79  ARG A CA  1 
ATOM   637  C C   A ARG A 1 103 ? -0.44714  1.26886   -17.57272 0.383 22.55822 ? 79  ARG A C   1 
ATOM   638  C C   B ARG A 1 103 ? -0.32086  1.27885   -17.63132 0.617 22.17506 ? 79  ARG A C   1 
ATOM   639  O O   A ARG A 1 103 ? -0.52402  2.38272   -18.10965 0.383 23.95561 ? 79  ARG A O   1 
ATOM   640  O O   B ARG A 1 103 ? -0.24732  2.37517   -18.20144 0.617 23.80312 ? 79  ARG A O   1 
ATOM   641  C CB  A ARG A 1 103 ? -2.54568  -0.13357  -17.83628 0.383 25.66422 ? 79  ARG A CB  1 
ATOM   642  C CB  B ARG A 1 103 ? -2.49562  0.05729   -17.96276 0.617 25.90640 ? 79  ARG A CB  1 
ATOM   643  C CG  A ARG A 1 103 ? -2.89649  0.24412   -16.41144 0.383 24.77136 ? 79  ARG A CG  1 
ATOM   644  C CG  B ARG A 1 103 ? -2.88166  -0.78588  -16.79176 0.617 25.49853 ? 79  ARG A CG  1 
ATOM   645  C CD  A ARG A 1 103 ? -4.41705  0.23819   -16.24937 0.383 28.90573 ? 79  ARG A CD  1 
ATOM   646  C CD  B ARG A 1 103 ? -4.38825  -0.83045  -16.76546 0.617 21.22924 ? 79  ARG A CD  1 
ATOM   647  N NE  A ARG A 1 103 ? -4.85005  0.60163   -14.90248 0.383 28.23225 ? 79  ARG A NE  1 
ATOM   648  N NE  B ARG A 1 103 ? -4.91846  -1.45537  -15.56211 0.617 26.15537 ? 79  ARG A NE  1 
ATOM   649  C CZ  A ARG A 1 103 ? -5.36153  -0.25372  -14.02071 0.383 25.75564 ? 79  ARG A CZ  1 
ATOM   650  C CZ  B ARG A 1 103 ? -5.26622  -0.79438  -14.46452 0.617 29.42889 ? 79  ARG A CZ  1 
ATOM   651  N NH1 A ARG A 1 103 ? -5.73116  0.17399   -12.82505 0.383 28.21838 ? 79  ARG A NH1 1 
ATOM   652  N NH1 B ARG A 1 103 ? -5.75941  -1.45713  -13.42856 0.617 33.14247 ? 79  ARG A NH1 1 
ATOM   653  N NH2 A ARG A 1 103 ? -5.51271  -1.53759  -14.33218 0.383 26.91674 ? 79  ARG A NH2 1 
ATOM   654  N NH2 B ARG A 1 103 ? -5.12629  0.52249   -14.39905 0.617 26.28131 ? 79  ARG A NH2 1 
ATOM   655  N N   . MET A 1 104 ? 0.19512   1.09093   -16.41399 1.000 22.26588 ? 80  MET A N   1 
ATOM   656  C CA  . MET A 1 104 ? 0.83554   2.22729   -15.73922 1.000 21.20829 ? 80  MET A CA  1 
ATOM   657  C C   . MET A 1 104 ? 2.12767   2.64554   -16.43856 1.000 22.20578 ? 80  MET A C   1 
ATOM   658  O O   . MET A 1 104 ? 2.46615   3.83609   -16.44548 1.000 23.58906 ? 80  MET A O   1 
ATOM   659  C CB  . MET A 1 104 ? 1.11671   1.89216   -14.26893 1.000 24.14605 ? 80  MET A CB  1 
ATOM   660  C CG  . MET A 1 104 ? -0.16268  1.66545   -13.42710 1.000 21.75206 ? 80  MET A CG  1 
ATOM   661  S SD  . MET A 1 104 ? 0.20633   1.26187   -11.68020 1.000 23.53146 ? 80  MET A SD  1 
ATOM   662  C CE  . MET A 1 104 ? 0.79976   2.85868   -11.10466 1.000 21.99115 ? 80  MET A CE  1 
ATOM   663  N N   . GLU A 1 105 ? 2.86145   1.69003   -17.01324 1.000 22.57393 ? 81  GLU A N   1 
ATOM   664  C CA  . GLU A 1 105 ? 4.04486   2.02327   -17.79545 1.000 22.04137 ? 81  GLU A CA  1 
ATOM   665  C C   . GLU A 1 105 ? 3.65315   2.71992   -19.08885 1.000 23.93340 ? 81  GLU A C   1 
ATOM   666  O O   . GLU A 1 105 ? 4.33283   3.66414   -19.51480 1.000 25.48600 ? 81  GLU A O   1 
ATOM   667  C CB  . GLU A 1 105 ? 4.85710   0.75725   -18.07822 1.000 25.59877 ? 81  GLU A CB  1 
ATOM   668  C CG  . GLU A 1 105 ? 6.26138   1.04404   -18.61052 1.000 31.12726 ? 81  GLU A CG  1 
ATOM   669  C CD  . GLU A 1 105 ? 7.19205   -0.16095  -18.52678 1.000 29.28026 ? 81  GLU A CD  1 
ATOM   670  O OE1 . GLU A 1 105 ? 6.69809   -1.30932  -18.52418 1.000 39.50101 ? 81  GLU A OE1 1 
ATOM   671  O OE2 . GLU A 1 105 ? 8.42063   0.05326   -18.46099 1.000 36.46798 ? 81  GLU A OE2 1 
ATOM   672  N N   . ALA A 1 106 ? 2.54812   2.28566   -19.71533 1.000 23.43195 ? 82  ALA A N   1 
ATOM   673  C CA  . ALA A 1 106 ? 2.04235   3.00253   -20.89015 1.000 26.62943 ? 82  ALA A CA  1 
ATOM   674  C C   . ALA A 1 106 ? 1.77855   4.47390   -20.58151 1.000 25.32192 ? 82  ALA A C   1 
ATOM   675  O O   . ALA A 1 106 ? 1.96823   5.34268   -21.44544 1.000 29.42108 ? 82  ALA A O   1 
ATOM   676  C CB  . ALA A 1 106 ? 0.76822   2.33209   -21.41277 1.000 25.11791 ? 82  ALA A CB  1 
ATOM   677  N N   . ARG A 1 107 ? 1.33006   4.77809   -19.36131 1.000 24.30107 ? 83  ARG A N   1 
ATOM   678  C CA  . ARG A 1 107 ? 1.04311   6.14652   -18.95043 1.000 25.13974 ? 83  ARG A CA  1 
ATOM   679  C C   . ARG A 1 107 ? 2.26555   6.86148   -18.39283 1.000 26.70450 ? 83  ARG A C   1 
ATOM   680  O O   . ARG A 1 107 ? 2.14208   8.01017   -17.94690 1.000 31.47801 ? 83  ARG A O   1 
ATOM   681  C CB  . ARG A 1 107 ? -0.08257  6.16726   -17.91268 1.000 25.87084 ? 83  ARG A CB  1 
ATOM   682  C CG  . ARG A 1 107 ? -1.43951  5.79844   -18.52462 1.000 29.21802 ? 83  ARG A CG  1 
ATOM   683  C CD  . ARG A 1 107 ? -2.51807  5.62354   -17.48112 1.000 31.35854 ? 83  ARG A CD  1 
ATOM   684  N NE  . ARG A 1 107 ? -2.72596  6.83580   -16.70205 1.000 41.34544 ? 83  ARG A NE  1 
ATOM   685  C CZ  . ARG A 1 107 ? -3.55090  6.91244   -15.66516 1.000 51.98876 ? 83  ARG A CZ  1 
ATOM   686  N NH1 . ARG A 1 107 ? -4.25565  5.84709   -15.29711 1.000 49.29269 ? 83  ARG A NH1 1 
ATOM   687  N NH2 . ARG A 1 107 ? -3.67680  8.05021   -15.00027 1.000 52.52682 ? 83  ARG A NH2 1 
ATOM   688  N N   . GLY A 1 108 ? 3.42514   6.20781   -18.39922 1.000 26.99562 ? 84  GLY A N   1 
ATOM   689  C CA  . GLY A 1 108 ? 4.64881   6.83863   -17.93956 1.000 28.12443 ? 84  GLY A CA  1 
ATOM   690  C C   . GLY A 1 108 ? 4.76573   7.01813   -16.44233 1.000 29.88035 ? 84  GLY A C   1 
ATOM   691  O O   . GLY A 1 108 ? 5.60289   7.80324   -15.99589 1.000 27.26774 ? 84  GLY A O   1 
ATOM   692  N N   . GLN A 1 109 ? 3.95625   6.30361   -15.64897 1.000 23.47553 ? 85  GLN A N   1 
ATOM   693  C CA  . GLN A 1 109 ? 3.96741   6.43492   -14.19349 1.000 20.96199 ? 85  GLN A CA  1 
ATOM   694  C C   . GLN A 1 109 ? 4.96872   5.52567   -13.49688 1.000 19.50397 ? 85  GLN A C   1 
ATOM   695  O O   . GLN A 1 109 ? 5.35709   5.81222   -12.35826 1.000 22.26180 ? 85  GLN A O   1 
ATOM   696  C CB  . GLN A 1 109 ? 2.57889   6.12434   -13.62060 1.000 23.58059 ? 85  GLN A CB  1 
ATOM   697  C CG  . GLN A 1 109 ? 1.47835   7.02639   -14.15145 1.000 27.76051 ? 85  GLN A CG  1 
ATOM   698  C CD  . GLN A 1 109 ? 0.10107   6.52339   -13.77958 1.000 33.20026 ? 85  GLN A CD  1 
ATOM   699  O OE1 . GLN A 1 109 ? -0.12450  5.31517   -13.68413 1.000 36.61291 ? 85  GLN A OE1 1 
ATOM   700  N NE2 . GLN A 1 109 ? -0.82665  7.44498   -13.56295 1.000 41.77038 ? 85  GLN A NE2 1 
ATOM   701  N N   . VAL A 1 110 ? 5.36467   4.43427   -14.14587 1.000 20.88397 ? 86  VAL A N   1 
ATOM   702  C CA  . VAL A 1 110 ? 6.31899   3.46801   -13.62808 1.000 20.96177 ? 86  VAL A CA  1 
ATOM   703  C C   . VAL A 1 110 ? 7.20256   3.05421   -14.79742 1.000 25.28001 ? 86  VAL A C   1 
ATOM   704  O O   . VAL A 1 110 ? 6.91367   3.34528   -15.96337 1.000 27.65986 ? 86  VAL A O   1 
ATOM   705  C CB  . VAL A 1 110 ? 5.64623   2.21677   -13.00837 1.000 21.98565 ? 86  VAL A CB  1 
ATOM   706  C CG1 . VAL A 1 110 ? 4.77447   2.61383   -11.85310 1.000 23.52791 ? 86  VAL A CG1 1 
ATOM   707  C CG2 . VAL A 1 110 ? 4.83769   1.44507   -14.07986 1.000 23.11470 ? 86  VAL A CG2 1 
ATOM   708  N N   . GLU A 1 111 ? 8.27491   2.34074   -14.46379 1.000 24.83030 ? 87  GLU A N   1 
ATOM   709  C CA  . GLU A 1 111 ? 9.18822   1.78145   -15.44958 1.000 28.88860 ? 87  GLU A CA  1 
ATOM   710  C C   . GLU A 1 111 ? 9.65789   0.41670   -14.97634 1.000 28.53937 ? 87  GLU A C   1 
ATOM   711  O O   . GLU A 1 111 ? 10.07404  0.26793   -13.82119 1.000 29.17135 ? 87  GLU A O   1 
ATOM   712  C CB  . GLU A 1 111 ? 10.39806  2.69813   -15.67783 1.000 33.40822 ? 87  GLU A CB  1 
ATOM   713  C CG  . GLU A 1 111 ? 11.34479  2.17434   -16.75934 1.000 35.41296 ? 87  GLU A CG  1 
ATOM   714  C CD  . GLU A 1 111 ? 12.66964  2.93223   -16.83242 1.000 39.86571 ? 87  GLU A CD  1 
ATOM   715  O OE1 . GLU A 1 111 ? 12.97986  3.71724   -15.91772 1.000 39.95677 ? 87  GLU A OE1 1 
ATOM   716  O OE2 . GLU A 1 111 ? 13.40673  2.73708   -17.82525 1.000 53.20925 ? 87  GLU A OE2 1 
ATOM   717  N N   . ARG A 1 112 ? 9.58302   -0.57085  -15.86585 1.000 25.93417 ? 88  ARG A N   1 
ATOM   718  C CA  . ARG A 1 112 ? 10.17953  -1.87080  -15.61953 1.000 26.46142 ? 88  ARG A CA  1 
ATOM   719  C C   . ARG A 1 112 ? 11.58527  -1.89937  -16.21093 1.000 36.95248 ? 88  ARG A C   1 
ATOM   720  O O   . ARG A 1 112 ? 11.86403  -1.25674  -17.22770 1.000 34.37938 ? 88  ARG A O   1 
ATOM   721  C CB  . ARG A 1 112 ? 9.31457   -2.98421  -16.20844 1.000 28.11934 ? 88  ARG A CB  1 
ATOM   722  C CG  . ARG A 1 112 ? 8.17194   -3.37799  -15.26538 1.000 32.05233 ? 88  ARG A CG  1 
ATOM   723  C CD  . ARG A 1 112 ? 7.19732   -4.34598  -15.89101 1.000 33.80384 ? 88  ARG A CD  1 
ATOM   724  N NE  . ARG A 1 112 ? 6.42956   -3.71768  -16.95896 1.000 32.04186 ? 88  ARG A NE  1 
ATOM   725  C CZ  . ARG A 1 112 ? 5.30001   -4.21490  -17.44206 1.000 29.18047 ? 88  ARG A CZ  1 
ATOM   726  N NH1 . ARG A 1 112 ? 4.80961   -5.34542  -16.94560 1.000 34.63183 ? 88  ARG A NH1 1 
ATOM   727  N NH2 . ARG A 1 112 ? 4.66838   -3.58883  -18.41783 1.000 34.84580 ? 88  ARG A NH2 1 
ATOM   728  N N   . LEU A 1 113 ? 12.46732  -2.63302  -15.54678 1.000 30.48848 ? 89  LEU A N   1 
ATOM   729  C CA  . LEU A 1 113 ? 13.88360  -2.70038  -15.88064 1.000 36.51757 ? 89  LEU A CA  1 
ATOM   730  C C   . LEU A 1 113 ? 14.38792  -4.11740  -15.66202 1.000 41.61230 ? 89  LEU A C   1 
ATOM   731  O O   . LEU A 1 113 ? 13.81970  -4.87410  -14.87310 1.000 38.22247 ? 89  LEU A O   1 
ATOM   732  C CB  . LEU A 1 113 ? 14.70977  -1.73751  -15.02050 1.000 40.30257 ? 89  LEU A CB  1 
ATOM   733  C CG  . LEU A 1 113 ? 14.36719  -0.25011  -15.06218 1.000 39.87443 ? 89  LEU A CG  1 
ATOM   734  C CD1 . LEU A 1 113 ? 14.53437  0.36223   -13.68095 1.000 48.97560 ? 89  LEU A CD1 1 
ATOM   735  C CD2 . LEU A 1 113 ? 15.23912  0.46309   -16.08164 1.000 51.12370 ? 89  LEU A CD2 1 
ATOM   736  N N   . PRO A 1 114 ? 15.46524  -4.49998  -16.34047 1.000 46.57865 ? 90  PRO A N   1 
ATOM   737  C CA  . PRO A 1 114 ? 16.07006  -5.80346  -16.06417 1.000 40.30008 ? 90  PRO A CA  1 
ATOM   738  C C   . PRO A 1 114 ? 16.93089  -5.74496  -14.81493 1.000 36.09376 ? 90  PRO A C   1 
ATOM   739  O O   . PRO A 1 114 ? 17.52241  -4.71569  -14.48548 1.000 46.50771 ? 90  PRO A O   1 
ATOM   740  C CB  . PRO A 1 114 ? 16.92095  -6.05887  -17.31232 1.000 51.06162 ? 90  PRO A CB  1 
ATOM   741  C CG  . PRO A 1 114 ? 17.35309  -4.68877  -17.71963 1.000 42.11992 ? 90  PRO A CG  1 
ATOM   742  C CD  . PRO A 1 114 ? 16.21142  -3.75330  -17.36759 1.000 49.45489 ? 90  PRO A CD  1 
ATOM   743  N N   . HIS A 1 115 ? 16.98963  -6.86993  -14.11113 1.000 47.84238 ? 91  HIS A N   1 
ATOM   744  C CA  . HIS A 1 115 ? 17.81213  -6.95145  -12.90767 1.000 55.22661 ? 91  HIS A CA  1 
ATOM   745  C C   . HIS A 1 115 ? 19.27863  -6.65738  -13.21700 1.000 63.23940 ? 91  HIS A C   1 
ATOM   746  O O   . HIS A 1 115 ? 19.85565  -7.23761  -14.13584 1.000 61.03336 ? 91  HIS A O   1 
ATOM   747  C CB  . HIS A 1 115 ? 17.68602  -8.32742  -12.25541 1.000 55.75223 ? 91  HIS A CB  1 
ATOM   748  C CG  . HIS A 1 115 ? 18.35355  -8.42065  -10.91878 1.000 76.92848 ? 91  HIS A CG  1 
ATOM   749  N ND1 . HIS A 1 115 ? 19.14974  -9.48531  -10.55486 1.000 88.63668 ? 91  HIS A ND1 1 
ATOM   750  C CD2 . HIS A 1 115 ? 18.34968  -7.57529  -9.86074  1.000 86.74152 ? 91  HIS A CD2 1 
ATOM   751  C CE1 . HIS A 1 115 ? 19.60180  -9.29517  -9.32793  1.000 78.99388 ? 91  HIS A CE1 1 
ATOM   752  N NE2 . HIS A 1 115 ? 19.13215  -8.14285  -8.88455  1.000 77.83908 ? 91  HIS A NE2 1 
ATOM   753  N N   . ILE A 1 121 ? 14.13751  -12.11736 -13.58409 1.000 61.35990 ? 97  ILE A N   1 
ATOM   754  C CA  . ILE A 1 121 ? 13.73614  -11.12445 -12.59645 1.000 49.70355 ? 97  ILE A CA  1 
ATOM   755  C C   . ILE A 1 121 ? 13.59233  -9.74336  -13.22313 1.000 57.70752 ? 97  ILE A C   1 
ATOM   756  O O   . ILE A 1 121 ? 14.55071  -9.19016  -13.76629 1.000 49.11164 ? 97  ILE A O   1 
ATOM   757  C CB  . ILE A 1 121 ? 14.73119  -11.06414 -11.43014 1.000 58.21112 ? 97  ILE A CB  1 
ATOM   758  C CG1 . ILE A 1 121 ? 14.70142  -12.36961 -10.63359 1.000 48.51153 ? 97  ILE A CG1 1 
ATOM   759  C CG2 . ILE A 1 121 ? 14.42565  -9.86522  -10.53479 1.000 55.45804 ? 97  ILE A CG2 1 
ATOM   760  C CD1 . ILE A 1 121 ? 15.38010  -12.27105 -9.28866  1.000 59.06891 ? 97  ILE A CD1 1 
ATOM   761  N N   . THR A 1 122 ? 12.38904  -9.18687  -13.13138 1.000 39.13000 ? 98  THR A N   1 
ATOM   762  C CA  . THR A 1 122 ? 12.10935  -7.83205  -13.58640 1.000 42.71364 ? 98  THR A CA  1 
ATOM   763  C C   . THR A 1 122 ? 11.98543  -6.91628  -12.37901 1.000 37.14245 ? 98  THR A C   1 
ATOM   764  O O   . THR A 1 122 ? 11.28822  -7.25363  -11.41529 1.000 33.78591 ? 98  THR A O   1 
ATOM   765  C CB  . THR A 1 122 ? 10.82370  -7.78608  -14.41153 1.000 43.60093 ? 98  THR A CB  1 
ATOM   766  O OG1 . THR A 1 122 ? 10.91592  -8.71837  -15.49557 1.000 46.95905 ? 98  THR A OG1 1 
ATOM   767  C CG2 . THR A 1 122 ? 10.57870  -6.38300  -14.95172 1.000 34.97443 ? 98  THR A CG2 1 
ATOM   768  N N   . LEU A 1 123 ? 12.67654  -5.77918  -12.42311 1.000 29.82783 ? 99  LEU A N   1 
ATOM   769  C CA  . LEU A 1 123 ? 12.56011  -4.74224  -11.41042 1.000 30.24559 ? 99  LEU A CA  1 
ATOM   770  C C   . LEU A 1 123 ? 11.57489  -3.68473  -11.88751 1.000 26.16803 ? 99  LEU A C   1 
ATOM   771  O O   . LEU A 1 123 ? 11.28481  -3.56978  -13.07879 1.000 28.36215 ? 99  LEU A O   1 
ATOM   772  C CB  . LEU A 1 123 ? 13.92006  -4.09687  -11.11400 1.000 34.27867 ? 99  LEU A CB  1 
ATOM   773  C CG  . LEU A 1 123 ? 15.03762  -5.04268  -10.66821 1.000 36.81110 ? 99  LEU A CG  1 
ATOM   774  C CD1 . LEU A 1 123 ? 16.34272  -4.28537  -10.50075 1.000 36.88856 ? 99  LEU A CD1 1 
ATOM   775  C CD2 . LEU A 1 123 ? 14.65881  -5.75237  -9.36815  1.000 36.86147 ? 99  LEU A CD2 1 
ATOM   776  N N   . VAL A 1 124 ? 11.07269  -2.89443  -10.94222 1.000 26.82366 ? 100 VAL A N   1 
ATOM   777  C CA  . VAL A 1 124 ? 10.13498  -1.82693  -11.26929 1.000 26.16499 ? 100 VAL A CA  1 
ATOM   778  C C   . VAL A 1 124 ? 10.37684  -0.64005  -10.34508 1.000 24.60089 ? 100 VAL A C   1 
ATOM   779  O O   . VAL A 1 124 ? 10.75123  -0.80001  -9.17818  1.000 24.06871 ? 100 VAL A O   1 
ATOM   780  C CB  . VAL A 1 124 ? 8.67164   -2.32374  -11.19247 1.000 26.73331 ? 100 VAL A CB  1 
ATOM   781  C CG1 . VAL A 1 124 ? 8.36637   -2.86227  -9.82113  1.000 27.03467 ? 100 VAL A CG1 1 
ATOM   782  C CG2 . VAL A 1 124 ? 7.68609   -1.21991  -11.59787 1.000 27.62513 ? 100 VAL A CG2 1 
ATOM   783  N N   A ARG A 1 125 ? 10.17810  0.56145   -10.89069 0.480 23.35237 ? 101 ARG A N   1 
ATOM   784  N N   B ARG A 1 125 ? 10.17630  0.56164   -10.88941 0.520 23.34655 ? 101 ARG A N   1 
ATOM   785  C CA  A ARG A 1 125 ? 10.36495  1.80822   -10.16153 0.480 21.99156 ? 101 ARG A CA  1 
ATOM   786  C CA  B ARG A 1 125 ? 10.35547  1.80217   -10.14870 0.520 21.99335 ? 101 ARG A CA  1 
ATOM   787  C C   A ARG A 1 125 ? 9.26329   2.79317   -10.53424 0.480 21.18078 ? 101 ARG A C   1 
ATOM   788  C C   B ARG A 1 125 ? 9.27237   2.80105   -10.53783 0.520 21.18409 ? 101 ARG A C   1 
ATOM   789  O O   A ARG A 1 125 ? 8.63818   2.68886   -11.59561 0.480 23.69911 ? 101 ARG A O   1 
ATOM   790  O O   B ARG A 1 125 ? 8.66097   2.70663   -11.60771 0.520 23.73217 ? 101 ARG A O   1 
ATOM   791  C CB  A ARG A 1 125 ? 11.73097  2.44814   -10.46733 0.480 24.79099 ? 101 ARG A CB  1 
ATOM   792  C CB  B ARG A 1 125 ? 11.74349  2.41962   -10.40308 0.520 24.79061 ? 101 ARG A CB  1 
ATOM   793  C CG  A ARG A 1 125 ? 11.74622  3.08860   -11.84108 0.480 24.85127 ? 101 ARG A CG  1 
ATOM   794  C CG  B ARG A 1 125 ? 12.04657  2.62898   -11.87822 0.520 24.96389 ? 101 ARG A CG  1 
ATOM   795  C CD  A ARG A 1 125 ? 13.07762  3.72669   -12.20738 0.480 28.11234 ? 101 ARG A CD  1 
ATOM   796  C CD  B ARG A 1 125 ? 13.37098  3.38023   -12.07284 0.520 23.61832 ? 101 ARG A CD  1 
ATOM   797  N NE  A ARG A 1 125 ? 12.98179  4.25410   -13.56283 0.480 25.08873 ? 101 ARG A NE  1 
ATOM   798  N NE  B ARG A 1 125 ? 13.30607  4.76092   -11.58739 0.520 27.75189 ? 101 ARG A NE  1 
ATOM   799  C CZ  A ARG A 1 125 ? 12.68758  5.51434   -13.86185 0.480 25.40456 ? 101 ARG A CZ  1 
ATOM   800  C CZ  B ARG A 1 125 ? 12.98864  5.80812   -12.34456 0.520 17.91104 ? 101 ARG A CZ  1 
ATOM   801  N NH1 A ARG A 1 125 ? 12.49233  6.40614   -12.90385 0.480 17.05268 ? 101 ARG A NH1 1 
ATOM   802  N NH1 B ARG A 1 125 ? 12.69562  5.63723   -13.62398 0.520 23.63699 ? 101 ARG A NH1 1 
ATOM   803  N NH2 A ARG A 1 125 ? 12.60004  5.88103   -15.13074 0.480 29.22903 ? 101 ARG A NH2 1 
ATOM   804  N NH2 B ARG A 1 125 ? 12.94739  7.02646   -11.82412 0.520 21.55856 ? 101 ARG A NH2 1 
ATOM   805  N N   . ILE A 1 126 ? 9.04338   3.76807   -9.65823  1.000 20.48689 ? 102 ILE A N   1 
ATOM   806  C CA  . ILE A 1 126 ? 8.15890   4.88752   -9.96905  1.000 20.23355 ? 102 ILE A CA  1 
ATOM   807  C C   . ILE A 1 126 ? 8.95549   5.92641   -10.75077 1.000 23.91386 ? 102 ILE A C   1 
ATOM   808  O O   . ILE A 1 126 ? 10.14339  6.13273   -10.48627 1.000 26.33061 ? 102 ILE A O   1 
ATOM   809  C CB  . ILE A 1 126 ? 7.56570   5.50092   -8.68674  1.000 22.17911 ? 102 ILE A CB  1 
ATOM   810  C CG1 . ILE A 1 126 ? 6.36863   6.39431   -9.01805  1.000 21.43192 ? 102 ILE A CG1 1 
ATOM   811  C CG2 . ILE A 1 126 ? 8.63415   6.26663   -7.89215  1.000 26.33017 ? 102 ILE A CG2 1 
ATOM   812  C CD1 . ILE A 1 126 ? 5.60074   6.87143   -7.77582  1.000 22.67292 ? 102 ILE A CD1 1 
ATOM   813  N N   . THR A 1 127 ? 8.31175   6.57006   -11.71067 1.000 23.49585 ? 103 THR A N   1 
ATOM   814  C CA  . THR A 1 127 ? 8.95189   7.67104   -12.43332 1.000 25.25535 ? 103 THR A CA  1 
ATOM   815  C C   . THR A 1 127 ? 8.69993   9.00643   -11.73902 1.000 24.89554 ? 103 THR A C   1 
ATOM   816  O O   . THR A 1 127 ? 7.85769   9.14079   -10.85581 1.000 23.28765 ? 103 THR A O   1 
ATOM   817  C CB  . THR A 1 127 ? 8.41508   7.77688   -13.86037 1.000 20.68365 ? 103 THR A CB  1 
ATOM   818  O OG1 . THR A 1 127 ? 7.03455   8.16560   -13.79023 1.000 22.08808 ? 103 THR A OG1 1 
ATOM   819  C CG2 . THR A 1 127 ? 8.56840   6.48006   -14.63376 1.000 22.72707 ? 103 THR A CG2 1 
ATOM   820  N N   . ARG A 1 128 ? 9.40464   10.04924  -12.19650 1.000 22.85633 ? 104 ARG A N   1 
ATOM   821  C CA  . ARG A 1 128 ? 9.09943   11.37401  -11.67801 1.000 21.97497 ? 104 ARG A CA  1 
ATOM   822  C C   . ARG A 1 128 ? 7.64768   11.75596  -11.93913 1.000 23.62849 ? 104 ARG A C   1 
ATOM   823  O O   . ARG A 1 128 ? 7.00248   12.37443  -11.08746 1.000 25.50722 ? 104 ARG A O   1 
ATOM   824  C CB  . ARG A 1 128 ? 10.04626  12.41391  -12.29454 1.000 24.56439 ? 104 ARG A CB  1 
ATOM   825  C CG  . ARG A 1 128 ? 9.87680   13.79312  -11.67923 1.000 30.62333 ? 104 ARG A CG  1 
ATOM   826  C CD  . ARG A 1 128 ? 10.56077  14.88634  -12.49372 1.000 36.37492 ? 104 ARG A CD  1 
ATOM   827  N NE  . ARG A 1 128 ? 10.41200  16.19656  -11.86649 1.000 38.72762 ? 104 ARG A NE  1 
ATOM   828  C CZ  . ARG A 1 128 ? 9.48560   17.08847  -12.20021 1.000 31.36464 ? 104 ARG A CZ  1 
ATOM   829  N NH1 . ARG A 1 128 ? 8.62223   16.82442  -13.16914 1.000 39.09834 ? 104 ARG A NH1 1 
ATOM   830  N NH2 . ARG A 1 128 ? 9.43063   18.25180  -11.56649 1.000 47.96203 ? 104 ARG A NH2 1 
ATOM   831  N N   . LYS A 1 129 ? 7.11742   11.40919  -13.11557 1.000 22.90972 ? 105 LYS A N   1 
ATOM   832  C CA  . LYS A 1 129 ? 5.71807   11.70214  -13.41369 1.000 22.37095 ? 105 LYS A CA  1 
ATOM   833  C C   . LYS A 1 129 ? 4.79550   11.05299  -12.38619 1.000 24.51598 ? 105 LYS A C   1 
ATOM   834  O O   . LYS A 1 129 ? 3.85930   11.68266  -11.88387 1.000 26.23101 ? 105 LYS A O   1 
ATOM   835  C CB  . LYS A 1 129 ? 5.37396   11.21441  -14.82240 1.000 26.79227 ? 105 LYS A CB  1 
ATOM   836  C CG  . LYS A 1 129 ? 3.93713   11.47804  -15.22506 1.000 31.60225 ? 105 LYS A CG  1 
ATOM   837  C CD  . LYS A 1 129 ? 3.64159   10.91948  -16.61709 1.000 32.95872 ? 105 LYS A CD  1 
ATOM   838  C CE  . LYS A 1 129 ? 2.18750   11.14035  -16.99355 1.000 42.88736 ? 105 LYS A CE  1 
ATOM   839  N NZ  . LYS A 1 129 ? 1.91137   10.71433  -18.38851 1.000 38.95181 ? 105 LYS A NZ  1 
ATOM   840  N N   . GLY A 1 130 ? 5.05291   9.79205   -12.05996 1.000 23.44300 ? 106 GLY A N   1 
ATOM   841  C CA  . GLY A 1 130 ? 4.19699   9.11367   -11.08772 1.000 23.85700 ? 106 GLY A CA  1 
ATOM   842  C C   . GLY A 1 130 ? 4.32453   9.70483   -9.69593  1.000 28.73300 ? 106 GLY A C   1 
ATOM   843  O O   . GLY A 1 130 ? 3.32386   9.89905   -8.99056  1.000 28.10181 ? 106 GLY A O   1 
ATOM   844  N N   . LEU A 1 131 ? 5.55558   10.02645  -9.28522  1.000 23.56865 ? 107 LEU A N   1 
ATOM   845  C CA  . LEU A 1 131 ? 5.76127   10.64474  -7.98045  1.000 23.66236 ? 107 LEU A CA  1 
ATOM   846  C C   . LEU A 1 131 ? 5.02452   11.97808  -7.87748  1.000 25.93597 ? 107 LEU A C   1 
ATOM   847  O O   . LEU A 1 131 ? 4.36020   12.26509  -6.86578  1.000 25.45081 ? 107 LEU A O   1 
ATOM   848  C CB  . LEU A 1 131 ? 7.26140   10.81971  -7.72702  1.000 25.74938 ? 107 LEU A CB  1 
ATOM   849  C CG  . LEU A 1 131 ? 7.65044   11.15098  -6.28427  1.000 34.22044 ? 107 LEU A CG  1 
ATOM   850  C CD1 . LEU A 1 131 ? 7.19663   10.03681  -5.34819  1.000 34.79258 ? 107 LEU A CD1 1 
ATOM   851  C CD2 . LEU A 1 131 ? 9.16135   11.36769  -6.17083  1.000 34.38064 ? 107 LEU A CD2 1 
ATOM   852  N N   . LYS A 1 132 ? 5.14870   12.83002  -8.90288  1.000 24.80723 ? 108 LYS A N   1 
ATOM   853  C CA  . LYS A 1 132 ? 4.43139   14.09339  -8.84050  1.000 28.05054 ? 108 LYS A CA  1 
ATOM   854  C C   . LYS A 1 132 ? 2.92878   13.86956  -8.87659  1.000 27.15689 ? 108 LYS A C   1 
ATOM   855  O O   . LYS A 1 132 ? 2.18051   14.64182  -8.26735  1.000 30.98893 ? 108 LYS A O   1 
ATOM   856  C CB  . LYS A 1 132 ? 4.87911   15.02354  -9.97545  1.000 33.15218 ? 108 LYS A CB  1 
ATOM   857  C CG  . LYS A 1 132 ? 6.25773   15.65405  -9.73475  1.000 36.71305 ? 108 LYS A CG  1 
ATOM   858  C CD  . LYS A 1 132 ? 6.15294   16.94945  -8.92210  1.000 46.55587 ? 108 LYS A CD  1 
ATOM   859  C CE  . LYS A 1 132 ? 7.49075   17.33838  -8.28301  1.000 63.22033 ? 108 LYS A CE  1 
ATOM   860  N NZ  . LYS A 1 132 ? 7.51890   17.12538  -6.80134  1.000 66.97342 ? 108 LYS A NZ  1 
ATOM   861  N N   . ALA A 1 133 ? 2.47066   12.80091  -9.54706  1.000 28.65833 ? 109 ALA A N   1 
ATOM   862  C CA  . ALA A 1 133 ? 1.03712   12.53146  -9.58880  1.000 29.25100 ? 109 ALA A CA  1 
ATOM   863  C C   . ALA A 1 133 ? 0.49564   12.14056  -8.21726  1.000 29.52869 ? 109 ALA A C   1 
ATOM   864  O O   . ALA A 1 133 ? -0.66824  12.42981  -7.90644  1.000 28.35898 ? 109 ALA A O   1 
ATOM   865  C CB  . ALA A 1 133 ? 0.73182   11.43085  -10.60825 1.000 26.31694 ? 109 ALA A CB  1 
ATOM   866  N N   . VAL A 1 134 ? 1.31264   11.49258  -7.39010  1.000 24.78377 ? 110 VAL A N   1 
ATOM   867  C CA  . VAL A 1 134 ? 0.82247   10.92742  -6.13045  1.000 24.76451 ? 110 VAL A CA  1 
ATOM   868  C C   . VAL A 1 134 ? 1.26023   11.70928  -4.88374  1.000 26.39383 ? 110 VAL A C   1 
ATOM   869  O O   . VAL A 1 134 ? 0.82444   11.36412  -3.77969  1.000 27.65610 ? 110 VAL A O   1 
ATOM   870  C CB  . VAL A 1 134 ? 1.22796   9.44297   -6.02015  1.000 25.40871 ? 110 VAL A CB  1 
ATOM   871  C CG1 . VAL A 1 134 ? 2.68379   9.28169   -5.60094  1.000 22.26199 ? 110 VAL A CG1 1 
ATOM   872  C CG2 . VAL A 1 134 ? 0.28254   8.67420   -5.08605  1.000 28.75281 ? 110 VAL A CG2 1 
ATOM   873  N N   A GLU A 1 135 ? 2.10044   12.74216  -5.01810  0.404 24.95913 ? 111 GLU A N   1 
ATOM   874  N N   B GLU A 1 135 ? 2.10085   12.74158  -5.02428  0.596 24.89919 ? 111 GLU A N   1 
ATOM   875  C CA  A GLU A 1 135 ? 2.63532   13.41525  -3.82813  0.404 26.63895 ? 111 GLU A CA  1 
ATOM   876  C CA  B GLU A 1 135 ? 2.63857   13.43887  -3.85020  0.596 26.67145 ? 111 GLU A CA  1 
ATOM   877  C C   A GLU A 1 135 ? 1.53273   13.98553  -2.92622  0.404 23.96588 ? 111 GLU A C   1 
ATOM   878  C C   B GLU A 1 135 ? 1.54178   13.99456  -2.93540  0.596 23.88009 ? 111 GLU A C   1 
ATOM   879  O O   A GLU A 1 135 ? 1.57337   13.82270  -1.69433  0.404 28.55063 ? 111 GLU A O   1 
ATOM   880  O O   B GLU A 1 135 ? 1.60232   13.83901  -1.70354  0.596 28.45337 ? 111 GLU A O   1 
ATOM   881  C CB  A GLU A 1 135 ? 3.61060   14.52048  -4.24698  0.404 33.45590 ? 111 GLU A CB  1 
ATOM   882  C CB  B GLU A 1 135 ? 3.56844   14.56786  -4.30522  0.596 33.42050 ? 111 GLU A CB  1 
ATOM   883  C CG  A GLU A 1 135 ? 3.08898   15.44230  -5.33054  0.404 34.79595 ? 111 GLU A CG  1 
ATOM   884  C CG  B GLU A 1 135 ? 5.03645   14.28400  -4.06523  0.596 39.60974 ? 111 GLU A CG  1 
ATOM   885  C CD  A GLU A 1 135 ? 4.20314   16.19904  -6.04222  0.404 40.19181 ? 111 GLU A CD  1 
ATOM   886  C CD  B GLU A 1 135 ? 5.94080   15.33387  -4.68728  0.596 35.29720 ? 111 GLU A CD  1 
ATOM   887  O OE1 A GLU A 1 135 ? 5.38487   15.82205  -5.88007  0.404 41.69909 ? 111 GLU A OE1 1 
ATOM   888  O OE1 B GLU A 1 135 ? 5.48723   16.48595  -4.86533  0.596 44.49614 ? 111 GLU A OE1 1 
ATOM   889  O OE2 A GLU A 1 135 ? 3.89319   17.16808  -6.76685  0.404 39.81819 ? 111 GLU A OE2 1 
ATOM   890  O OE2 B GLU A 1 135 ? 7.09871   14.99666  -5.00499  0.596 44.06128 ? 111 GLU A OE2 1 
ATOM   891  N N   . HIS A 1 136 ? 0.55830   14.69197  -3.50827  1.000 26.92605 ? 112 HIS A N   1 
ATOM   892  C CA  . HIS A 1 136 ? -0.49626  15.28621  -2.68429  1.000 28.49493 ? 112 HIS A CA  1 
ATOM   893  C C   . HIS A 1 136 ? -1.29370  14.20184  -1.96603  1.000 26.04389 ? 112 HIS A C   1 
ATOM   894  O O   . HIS A 1 136 ? -1.59496  14.31114  -0.76665  1.000 25.33854 ? 112 HIS A O   1 
ATOM   895  C CB  . HIS A 1 136 ? -1.43207  16.15242  -3.53034  1.000 30.42929 ? 112 HIS A CB  1 
ATOM   896  C CG  . HIS A 1 136 ? -2.54253  16.78235  -2.74071  1.000 30.80221 ? 112 HIS A CG  1 
ATOM   897  N ND1 . HIS A 1 136 ? -2.32613  17.45593  -1.55664  1.000 36.39096 ? 112 HIS A ND1 1 
ATOM   898  C CD2 . HIS A 1 136 ? -3.88146  16.80194  -2.94236  1.000 43.96848 ? 112 HIS A CD2 1 
ATOM   899  C CE1 . HIS A 1 136 ? -3.48059  17.88427  -1.07701  1.000 33.61558 ? 112 HIS A CE1 1 
ATOM   900  N NE2 . HIS A 1 136 ? -4.44039  17.49748  -1.89632  1.000 36.16564 ? 112 HIS A NE2 1 
ATOM   901  N N   . LEU A 1 137 ? -1.66616  13.16282  -2.70548  1.000 23.23760 ? 113 LEU A N   1 
ATOM   902  C CA  . LEU A 1 137 ? -2.37549  12.03872  -2.10565  1.000 22.24490 ? 113 LEU A CA  1 
ATOM   903  C C   . LEU A 1 137 ? -1.57756  11.42775  -0.96336  1.000 25.31275 ? 113 LEU A C   1 
ATOM   904  O O   . LEU A 1 137 ? -2.15022  11.01767  0.04947   1.000 22.23283 ? 113 LEU A O   1 
ATOM   905  C CB  . LEU A 1 137 ? -2.67230  11.00394  -3.18243  1.000 24.35750 ? 113 LEU A CB  1 
ATOM   906  C CG  . LEU A 1 137 ? -3.72755  9.95122   -2.85402  1.000 27.21747 ? 113 LEU A CG  1 
ATOM   907  C CD1 . LEU A 1 137 ? -5.05349  10.58875  -2.42517  1.000 23.73311 ? 113 LEU A CD1 1 
ATOM   908  C CD2 . LEU A 1 137 ? -3.91837  9.03264   -4.07599  1.000 23.55878 ? 113 LEU A CD2 1 
ATOM   909  N N   . MET A 1 138 ? -0.25399  11.33122  -1.10181  1.000 23.04489 ? 114 MET A N   1 
ATOM   910  C CA  . MET A 1 138 ? 0.54908   10.78799  -0.00982  1.000 22.64215 ? 114 MET A CA  1 
ATOM   911  C C   . MET A 1 138 ? 0.47028   11.67094  1.22634   1.000 23.21589 ? 114 MET A C   1 
ATOM   912  O O   . MET A 1 138 ? 0.43303   11.17049  2.35946   1.000 23.88566 ? 114 MET A O   1 
ATOM   913  C CB  . MET A 1 138 ? 1.99579   10.60961  -0.45483  1.000 27.54793 ? 114 MET A CB  1 
ATOM   914  C CG  . MET A 1 138 ? 2.17678   9.40123   -1.34183  1.000 26.91089 ? 114 MET A CG  1 
ATOM   915  S SD  . MET A 1 138 ? 3.88908   9.23626   -1.85412  1.000 34.12398 ? 114 MET A SD  1 
ATOM   916  C CE  . MET A 1 138 ? 4.68240   9.09214   -0.26927  1.000 34.98957 ? 114 MET A CE  1 
ATOM   917  N N   A GLU A 1 139 ? 0.44102   12.99380  1.03899   0.505 25.43011 ? 115 GLU A N   1 
ATOM   918  N N   B GLU A 1 139 ? 0.45290   12.99315  1.03250   0.495 25.46115 ? 115 GLU A N   1 
ATOM   919  C CA  A GLU A 1 139 ? 0.27640   13.85653  2.20914   0.505 25.04514 ? 115 GLU A CA  1 
ATOM   920  C CA  B GLU A 1 139 ? 0.26511   13.88151  2.17935   0.495 25.09160 ? 115 GLU A CA  1 
ATOM   921  C C   A GLU A 1 139 ? -1.07871  13.62207  2.87708   0.505 24.34295 ? 115 GLU A C   1 
ATOM   922  C C   B GLU A 1 139 ? -1.07151  13.61049  2.86719   0.495 24.36509 ? 115 GLU A C   1 
ATOM   923  O O   A GLU A 1 139 ? -1.17911  13.56524  4.11447   0.505 25.18991 ? 115 GLU A O   1 
ATOM   924  O O   B GLU A 1 139 ? -1.15602  13.53088  4.10420   0.495 25.24294 ? 115 GLU A O   1 
ATOM   925  C CB  A GLU A 1 139 ? 0.44134   15.32626  1.82133   0.505 30.15390 ? 115 GLU A CB  1 
ATOM   926  C CB  B GLU A 1 139 ? 0.34958   15.34009  1.73272   0.495 30.10323 ? 115 GLU A CB  1 
ATOM   927  C CG  A GLU A 1 139 ? 0.49523   16.26408  3.02080   0.505 34.05076 ? 115 GLU A CG  1 
ATOM   928  C CG  B GLU A 1 139 ? 1.73179   15.78103  1.30807   0.495 26.58972 ? 115 GLU A CG  1 
ATOM   929  C CD  A GLU A 1 139 ? 1.31735   15.69724  4.16750   0.505 40.71129 ? 115 GLU A CD  1 
ATOM   930  C CD  B GLU A 1 139 ? 1.77804   17.25677  0.96715   0.495 43.25335 ? 115 GLU A CD  1 
ATOM   931  O OE1 A GLU A 1 139 ? 2.51196   15.38516  3.95227   0.505 37.85243 ? 115 GLU A OE1 1 
ATOM   932  O OE1 B GLU A 1 139 ? 1.01268   17.68556  0.07680   0.495 40.16318 ? 115 GLU A OE1 1 
ATOM   933  O OE2 A GLU A 1 139 ? 0.76705   15.55632  5.28446   0.505 42.92548 ? 115 GLU A OE2 1 
ATOM   934  O OE2 B GLU A 1 139 ? 2.57045   17.98867  1.59663   0.495 50.16095 ? 115 GLU A OE2 1 
ATOM   935  N N   . LEU A 1 140 ? -2.13224  13.47827  2.07086   1.000 22.95798 ? 116 LEU A N   1 
ATOM   936  C CA  . LEU A 1 140 ? -3.44913  13.19112  2.63465   1.000 22.78830 ? 116 LEU A CA  1 
ATOM   937  C C   . LEU A 1 140 ? -3.45347  11.84242  3.33645   1.000 22.96542 ? 116 LEU A C   1 
ATOM   938  O O   . LEU A 1 140 ? -4.12534  11.67355  4.36016   1.000 21.92988 ? 116 LEU A O   1 
ATOM   939  C CB  . LEU A 1 140 ? -4.52079  13.20776  1.54875   1.000 21.20301 ? 116 LEU A CB  1 
ATOM   940  C CG  . LEU A 1 140 ? -4.78176  14.55835  0.86595   1.000 23.69443 ? 116 LEU A CG  1 
ATOM   941  C CD1 . LEU A 1 140 ? -5.82689  14.39469  -0.21847  1.000 27.01984 ? 116 LEU A CD1 1 
ATOM   942  C CD2 . LEU A 1 140 ? -5.20444  15.61933  1.87064   1.000 28.79972 ? 116 LEU A CD2 1 
ATOM   943  N N   . ALA A 1 141 ? -2.70040  10.88136  2.80670   1.000 19.54746 ? 117 ALA A N   1 
ATOM   944  C CA  . ALA A 1 141 ? -2.60726  9.56801   3.43600   1.000 19.47941 ? 117 ALA A CA  1 
ATOM   945  C C   . ALA A 1 141 ? -1.94513  9.66348   4.80534   1.000 21.42463 ? 117 ALA A C   1 
ATOM   946  O O   . ALA A 1 141 ? -2.38246  9.01259   5.75724   1.000 20.18259 ? 117 ALA A O   1 
ATOM   947  C CB  . ALA A 1 141 ? -1.83073  8.60633   2.53268   1.000 18.80401 ? 117 ALA A CB  1 
ATOM   948  N N   . ARG A 1 142 ? -0.87358  10.46504  4.91536   1.000 20.03162 ? 118 ARG A N   1 
ATOM   949  C CA  . ARG A 1 142 ? -0.23407  10.68180  6.21302   1.000 20.55434 ? 118 ARG A CA  1 
ATOM   950  C C   . ARG A 1 142 ? -1.19393  11.34701  7.19582   1.000 22.59420 ? 118 ARG A C   1 
ATOM   951  O O   . ARG A 1 142 ? -1.23224  10.98173  8.38287   1.000 23.63472 ? 118 ARG A O   1 
ATOM   952  C CB  . ARG A 1 142 ? 1.02711   11.53971  6.03509   1.000 24.23500 ? 118 ARG A CB  1 
ATOM   953  C CG  . ARG A 1 142 ? 2.17392   10.83700  5.33137   1.000 25.90850 ? 118 ARG A CG  1 
ATOM   954  C CD  . ARG A 1 142 ? 3.38739   11.77231  5.25462   1.000 47.39439 ? 118 ARG A CD  1 
ATOM   955  N NE  . ARG A 1 142 ? 4.39774   11.29909  4.31162   1.000 48.25378 ? 118 ARG A NE  1 
ATOM   956  C CZ  . ARG A 1 142 ? 4.59761   11.81485  3.10251   1.000 45.73009 ? 118 ARG A CZ  1 
ATOM   957  N NH1 . ARG A 1 142 ? 3.85894   12.83171  2.67700   1.000 41.10081 ? 118 ARG A NH1 1 
ATOM   958  N NH2 . ARG A 1 142 ? 5.54284   11.31384  2.31704   1.000 48.04141 ? 118 ARG A NH2 1 
ATOM   959  N N   . GLU A 1 143 ? -1.97202  12.32553  6.71839   1.000 23.61644 ? 119 GLU A N   1 
ATOM   960  C CA  . GLU A 1 143 ? -2.94153  12.98702  7.59477   1.000 26.20216 ? 119 GLU A CA  1 
ATOM   961  C C   . GLU A 1 143 ? -4.00494  12.00759  8.08323   1.000 23.86906 ? 119 GLU A C   1 
ATOM   962  O O   . GLU A 1 143 ? -4.36344  11.99253  9.27495   1.000 24.06895 ? 119 GLU A O   1 
ATOM   963  C CB  . GLU A 1 143 ? -3.59551  14.15997  6.86527   1.000 27.83891 ? 119 GLU A CB  1 
ATOM   964  C CG  . GLU A 1 143 ? -4.44420  15.07745  7.74049   1.000 45.95135 ? 119 GLU A CG  1 
ATOM   965  C CD  . GLU A 1 143 ? -3.87778  15.27369  9.13924   1.000 60.81254 ? 119 GLU A CD  1 
ATOM   966  O OE1 . GLU A 1 143 ? -4.67923  15.31199  10.09628  1.000 57.80752 ? 119 GLU A OE1 1 
ATOM   967  O OE2 . GLU A 1 143 ? -2.64098  15.39695  9.28301   1.000 58.56504 ? 119 GLU A OE2 1 
ATOM   968  N N   . HIS A 1 144 ? -4.52248  11.17720  7.17395   1.000 21.00531 ? 120 HIS A N   1 
ATOM   969  C CA  . HIS A 1 144 ? -5.51385  10.17873  7.56359   1.000 24.23539 ? 120 HIS A CA  1 
ATOM   970  C C   . HIS A 1 144 ? -4.93903  9.21005   8.59225   1.000 23.65996 ? 120 HIS A C   1 
ATOM   971  O O   . HIS A 1 144 ? -5.58853  8.89026   9.59518   1.000 21.87352 ? 120 HIS A O   1 
ATOM   972  C CB  . HIS A 1 144 ? -6.00146  9.43222   6.31654   1.000 19.11355 ? 120 HIS A CB  1 
ATOM   973  C CG  . HIS A 1 144 ? -6.89741  8.27523   6.62053   1.000 21.02867 ? 120 HIS A CG  1 
ATOM   974  N ND1 . HIS A 1 144 ? -6.56285  6.97935   6.30553   1.000 20.54450 ? 120 HIS A ND1 1 
ATOM   975  C CD2 . HIS A 1 144 ? -8.11981  8.22034   7.20030   1.000 24.20938 ? 120 HIS A CD2 1 
ATOM   976  C CE1 . HIS A 1 144 ? -7.53236  6.16917   6.69751   1.000 21.17692 ? 120 HIS A CE1 1 
ATOM   977  N NE2 . HIS A 1 144 ? -8.48832  6.89821   7.24563   1.000 23.10212 ? 120 HIS A NE2 1 
ATOM   978  N N   . GLU A 1 145 ? -3.71832  8.72646   8.35772   1.000 21.61046 ? 121 GLU A N   1 
ATOM   979  C CA  . GLU A 1 145 ? -3.07321  7.83506   9.31549   1.000 19.91943 ? 121 GLU A CA  1 
ATOM   980  C C   . GLU A 1 145 ? -2.94440  8.49934   10.68205  1.000 23.81398 ? 121 GLU A C   1 
ATOM   981  O O   . GLU A 1 145 ? -3.18201  7.87076   11.72369  1.000 22.83669 ? 121 GLU A O   1 
ATOM   982  C CB  . GLU A 1 145 ? -1.69382  7.43236   8.78545   1.000 23.13398 ? 121 GLU A CB  1 
ATOM   983  C CG  . GLU A 1 145 ? -0.93750  6.47460   9.67021   1.000 24.47912 ? 121 GLU A CG  1 
ATOM   984  C CD  . GLU A 1 145 ? 0.46945   6.21512   9.15949   1.000 27.99942 ? 121 GLU A CD  1 
ATOM   985  O OE1 . GLU A 1 145 ? 1.04686   7.10143   8.47253   1.000 40.89606 ? 121 GLU A OE1 1 
ATOM   986  O OE2 . GLU A 1 145 ? 1.00721   5.13665   9.42759   1.000 29.25156 ? 121 GLU A OE2 1 
ATOM   987  N N   . ARG A 1 146 ? -2.52307  9.77004   10.69460  1.000 24.23135 ? 122 ARG A N   1 
ATOM   988  C CA  . ARG A 1 146 ? -2.37981  10.48020  11.96021  1.000 24.72637 ? 122 ARG A CA  1 
ATOM   989  C C   . ARG A 1 146 ? -3.70953  10.54390  12.69702  1.000 25.91500 ? 122 ARG A C   1 
ATOM   990  O O   . ARG A 1 146 ? -3.76231  10.32819  13.91419  1.000 29.34824 ? 122 ARG A O   1 
ATOM   991  C CB  . ARG A 1 146 ? -1.82377  11.88298  11.70923  1.000 28.20017 ? 122 ARG A CB  1 
ATOM   992  C CG  . ARG A 1 146 ? -1.44724  12.63845  12.97036  1.000 45.55133 ? 122 ARG A CG  1 
ATOM   993  C CD  . ARG A 1 146 ? -1.41072  14.14253  12.71937  1.000 50.01717 ? 122 ARG A CD  1 
ATOM   994  N NE  . ARG A 1 146 ? -2.74866  14.70875  12.56057  1.000 54.25432 ? 122 ARG A NE  1 
ATOM   995  C CZ  . ARG A 1 146 ? -3.68486  14.69393  13.50501  1.000 61.17685 ? 122 ARG A CZ  1 
ATOM   996  N NH1 . ARG A 1 146 ? -3.43380  14.14058  14.68517  1.000 60.94844 ? 122 ARG A NH1 1 
ATOM   997  N NH2 . ARG A 1 146 ? -4.87455  15.23084  13.26981  1.000 65.44983 ? 122 ARG A NH2 1 
ATOM   998  N N   . ARG A 1 147 ? -4.80032  10.80691  11.97302  1.000 23.56218 ? 123 ARG A N   1 
ATOM   999  C CA  . ARG A 1 147 ? -6.11948  10.79796  12.61068  1.000 24.73896 ? 123 ARG A CA  1 
ATOM   1000 C C   . ARG A 1 147 ? -6.48254  9.41621   13.15972  1.000 27.98977 ? 123 ARG A C   1 
ATOM   1001 O O   . ARG A 1 147 ? -7.05334  9.30376   14.25696  1.000 26.70737 ? 123 ARG A O   1 
ATOM   1002 C CB  . ARG A 1 147 ? -7.19098  11.27866  11.63486  1.000 31.34152 ? 123 ARG A CB  1 
ATOM   1003 C CG  . ARG A 1 147 ? -7.13142  12.77345  11.36910  1.000 36.99866 ? 123 ARG A CG  1 
ATOM   1004 C CD  . ARG A 1 147 ? -8.35854  13.23036  10.62038  1.000 46.42971 ? 123 ARG A CD  1 
ATOM   1005 N NE  . ARG A 1 147 ? -8.13912  13.18965  9.18150   1.000 73.40933 ? 123 ARG A NE  1 
ATOM   1006 C CZ  . ARG A 1 147 ? -7.62752  14.19729  8.48452   1.000 75.25438 ? 123 ARG A CZ  1 
ATOM   1007 N NH1 . ARG A 1 147 ? -7.29072  15.32396  9.10135   1.000 66.72638 ? 123 ARG A NH1 1 
ATOM   1008 N NH2 . ARG A 1 147 ? -7.45444  14.08014  7.17463   1.000 67.83131 ? 123 ARG A NH2 1 
ATOM   1009 N N   . VAL A 1 148 ? -6.19341  8.35203   12.39873  1.000 21.80639 ? 124 VAL A N   1 
ATOM   1010 C CA  . VAL A 1 148 ? -6.51036  6.99362   12.85089  1.000 20.43863 ? 124 VAL A CA  1 
ATOM   1011 C C   . VAL A 1 148 ? -5.75520  6.66287   14.13466  1.000 26.70602 ? 124 VAL A C   1 
ATOM   1012 O O   . VAL A 1 148 ? -6.27942  5.98210   15.03081  1.000 24.01625 ? 124 VAL A O   1 
ATOM   1013 C CB  . VAL A 1 148 ? -6.19055  5.97079   11.73665  1.000 20.67074 ? 124 VAL A CB  1 
ATOM   1014 C CG1 . VAL A 1 148 ? -6.26784  4.51217   12.27273  1.000 21.48231 ? 124 VAL A CG1 1 
ATOM   1015 C CG2 . VAL A 1 148 ? -7.14046  6.16203   10.55629  1.000 21.22896 ? 124 VAL A CG2 1 
ATOM   1016 N N   . LEU A 1 149 ? -4.50846  7.11803   14.23959  1.000 24.00370 ? 125 LEU A N   1 
ATOM   1017 C CA  . LEU A 1 149 ? -3.66817  6.70494   15.35752  1.000 23.09525 ? 125 LEU A CA  1 
ATOM   1018 C C   . LEU A 1 149 ? -3.71427  7.66482   16.53997  1.000 26.46265 ? 125 LEU A C   1 
ATOM   1019 O O   . LEU A 1 149 ? -3.29731  7.28135   17.63841  1.000 26.47477 ? 125 LEU A O   1 
ATOM   1020 C CB  . LEU A 1 149 ? -2.21828  6.53976   14.88826  1.000 24.89544 ? 125 LEU A CB  1 
ATOM   1021 C CG  . LEU A 1 149 ? -1.99759  5.31515   13.99079  1.000 25.68237 ? 125 LEU A CG  1 
ATOM   1022 C CD1 . LEU A 1 149 ? -0.60340  5.37069   13.36779  1.000 28.73137 ? 125 LEU A CD1 1 
ATOM   1023 C CD2 . LEU A 1 149 ? -2.21936  4.00266   14.74814  1.000 28.55986 ? 125 LEU A CD2 1 
ATOM   1024 N N   . GLU A 1 150 ? -4.22206  8.88249   16.35772  1.000 24.23348 ? 126 GLU A N   1 
ATOM   1025 C CA  . GLU A 1 150 ? -4.15807  9.84047   17.45902  1.000 31.32213 ? 126 GLU A CA  1 
ATOM   1026 C C   . GLU A 1 150 ? -4.91398  9.39804   18.70848  1.000 29.11164 ? 126 GLU A C   1 
ATOM   1027 O O   . GLU A 1 150 ? -4.41327  9.66103   19.81579  1.000 27.96596 ? 126 GLU A O   1 
ATOM   1028 C CB  . GLU A 1 150 ? -4.64002  11.21671  16.98699  1.000 36.15922 ? 126 GLU A CB  1 
ATOM   1029 C CG  . GLU A 1 150 ? -4.32995  12.32203  17.99533  1.000 45.81221 ? 126 GLU A CG  1 
ATOM   1030 C CD  . GLU A 1 150 ? -2.91149  12.86680  17.85493  1.000 77.93448 ? 126 GLU A CD  1 
ATOM   1031 O OE1 . GLU A 1 150 ? -2.43980  13.03152  16.70835  1.000 79.95777 ? 126 GLU A OE1 1 
ATOM   1032 O OE2 . GLU A 1 150 ? -2.26322  13.11985  18.89503  1.000 90.56335 ? 126 GLU A OE2 1 
ATOM   1033 N N   . PRO A 1 151 ? -6.07543  8.74364   18.63385  1.000 26.68767 ? 127 PRO A N   1 
ATOM   1034 C CA  . PRO A 1 151 ? -6.74947  8.33863   19.87857  1.000 27.38708 ? 127 PRO A CA  1 
ATOM   1035 C C   . PRO A 1 151 ? -5.96284  7.32465   20.68406  1.000 26.51158 ? 127 PRO A C   1 
ATOM   1036 O O   . PRO A 1 151 ? -6.19608  7.19295   21.89723  1.000 28.74169 ? 127 PRO A O   1 
ATOM   1037 C CB  . PRO A 1 151 ? -8.07975  7.75058   19.38866  1.000 36.13276 ? 127 PRO A CB  1 
ATOM   1038 C CG  . PRO A 1 151 ? -8.25155  8.27781   18.01062  1.000 36.69468 ? 127 PRO A CG  1 
ATOM   1039 C CD  . PRO A 1 151 ? -6.88429  8.42557   17.44836  1.000 28.48702 ? 127 PRO A CD  1 
ATOM   1040 N N   . PHE A 1 152 ? -5.03824  6.59624   20.05560  1.000 24.78164 ? 128 PHE A N   1 
ATOM   1041 C CA  . PHE A 1 152 ? -4.27277  5.56331   20.73687  1.000 30.26916 ? 128 PHE A CA  1 
ATOM   1042 C C   . PHE A 1 152 ? -3.02426  6.08863   21.42819  1.000 30.90196 ? 128 PHE A C   1 
ATOM   1043 O O   . PHE A 1 152 ? -2.51744  5.42614   22.33841  1.000 31.36224 ? 128 PHE A O   1 
ATOM   1044 C CB  . PHE A 1 152 ? -3.92068  4.45110   19.73849  1.000 29.28758 ? 128 PHE A CB  1 
ATOM   1045 C CG  . PHE A 1 152 ? -5.13374  3.72485   19.26132  1.000 26.40940 ? 128 PHE A CG  1 
ATOM   1046 C CD1 . PHE A 1 152 ? -5.69731  2.72822   20.04219  1.000 25.05860 ? 128 PHE A CD1 1 
ATOM   1047 C CD2 . PHE A 1 152 ? -5.77359  4.09472   18.08886  1.000 24.83913 ? 128 PHE A CD2 1 
ATOM   1048 C CE1 . PHE A 1 152 ? -6.85414  2.09349   19.64993  1.000 23.79420 ? 128 PHE A CE1 1 
ATOM   1049 C CE2 . PHE A 1 152 ? -6.93812  3.45747   17.68761  1.000 26.14058 ? 128 PHE A CE2 1 
ATOM   1050 C CZ  . PHE A 1 152 ? -7.47792  2.44792   18.47215  1.000 22.36382 ? 128 PHE A CZ  1 
ATOM   1051 N N   . GLY A 1 153 ? -2.53361  7.25681   21.04082  1.000 32.68709 ? 129 GLY A N   1 
ATOM   1052 C CA  . GLY A 1 153 ? -1.31220  7.78009   21.60910  1.000 33.85601 ? 129 GLY A CA  1 
ATOM   1053 C C   . GLY A 1 153 ? -0.07729  7.20467   20.93847  1.000 41.56557 ? 129 GLY A C   1 
ATOM   1054 O O   . GLY A 1 153 ? -0.10667  6.15084   20.29977  1.000 31.94297 ? 129 GLY A O   1 
ATOM   1055 N N   . LEU A 1 154 ? 1.03930   7.92306   21.09920  1.000 34.10692 ? 130 LEU A N   1 
ATOM   1056 C CA  . LEU A 1 154 ? 2.25065   7.55649   20.37881  1.000 32.77652 ? 130 LEU A CA  1 
ATOM   1057 C C   . LEU A 1 154 ? 2.77439   6.19802   20.82069  1.000 34.54987 ? 130 LEU A C   1 
ATOM   1058 O O   . LEU A 1 154 ? 3.24867   5.41386   19.99485  1.000 33.07099 ? 130 LEU A O   1 
ATOM   1059 C CB  . LEU A 1 154 ? 3.32660   8.62763   20.55639  1.000 38.45285 ? 130 LEU A CB  1 
ATOM   1060 C CG  . LEU A 1 154 ? 4.50576   8.43544   19.59770  1.000 41.58524 ? 130 LEU A CG  1 
ATOM   1061 C CD1 . LEU A 1 154 ? 4.19857   9.03165   18.22802  1.000 51.36691 ? 130 LEU A CD1 1 
ATOM   1062 C CD2 . LEU A 1 154 ? 5.78423   9.02208   20.17475  1.000 63.68741 ? 130 LEU A CD2 1 
ATOM   1063 N N   . ARG A 1 155 ? 2.68535   5.88983   22.11510  1.000 31.27472 ? 131 ARG A N   1 
ATOM   1064 C CA  . ARG A 1 155 ? 3.20556   4.61705   22.60322  1.000 33.17870 ? 131 ARG A CA  1 
ATOM   1065 C C   . ARG A 1 155 ? 2.47601   3.44098   21.95945  1.000 30.22150 ? 131 ARG A C   1 
ATOM   1066 O O   . ARG A 1 155 ? 3.10012   2.53936   21.38085  1.000 31.48281 ? 131 ARG A O   1 
ATOM   1067 C CB  . ARG A 1 155 ? 3.08383   4.56615   24.12508  1.000 36.59276 ? 131 ARG A CB  1 
ATOM   1068 C CG  . ARG A 1 155 ? 4.04554   3.61223   24.81057  1.000 52.26699 ? 131 ARG A CG  1 
ATOM   1069 C CD  . ARG A 1 155 ? 3.36261   2.30220   25.18558  1.000 61.46099 ? 131 ARG A CD  1 
ATOM   1070 N NE  . ARG A 1 155 ? 2.28244   2.49360   26.15152  1.000 57.37311 ? 131 ARG A NE  1 
ATOM   1071 C CZ  . ARG A 1 155 ? 1.33735   1.59170   26.39997  1.000 59.67657 ? 131 ARG A CZ  1 
ATOM   1072 N NH1 . ARG A 1 155 ? 1.34321   0.43114   25.75908  1.000 61.96784 ? 131 ARG A NH1 1 
ATOM   1073 N NH2 . ARG A 1 155 ? 0.38666   1.84668   27.28899  1.000 71.24068 ? 131 ARG A NH2 1 
ATOM   1074 N N   . ARG A 1 156 ? 1.15075   3.43335   22.05112  1.000 27.84094 ? 132 ARG A N   1 
ATOM   1075 C CA  . ARG A 1 156 ? 0.39927   2.31193   21.49549  1.000 26.28859 ? 132 ARG A CA  1 
ATOM   1076 C C   . ARG A 1 156 ? 0.48687   2.28373   19.97408  1.000 29.61394 ? 132 ARG A C   1 
ATOM   1077 O O   . ARG A 1 156 ? 0.51041   1.19508   19.38054  1.000 27.55116 ? 132 ARG A O   1 
ATOM   1078 C CB  . ARG A 1 156 ? -1.04828  2.38414   21.95854  1.000 26.54671 ? 132 ARG A CB  1 
ATOM   1079 C CG  . ARG A 1 156 ? -1.23025  2.11098   23.45422  1.000 30.09166 ? 132 ARG A CG  1 
ATOM   1080 C CD  . ARG A 1 156 ? -2.68624  2.16687   23.80969  1.000 35.77384 ? 132 ARG A CD  1 
ATOM   1081 N NE  . ARG A 1 156 ? -3.37424  0.98987   23.29164  1.000 31.12482 ? 132 ARG A NE  1 
ATOM   1082 C CZ  . ARG A 1 156 ? -4.68887  0.88187   23.19878  1.000 35.14305 ? 132 ARG A CZ  1 
ATOM   1083 N NH1 . ARG A 1 156 ? -5.46768  1.88717   23.58639  1.000 33.01098 ? 132 ARG A NH1 1 
ATOM   1084 N NH2 . ARG A 1 156 ? -5.22386  -0.22900  22.71554  1.000 31.46721 ? 132 ARG A NH2 1 
ATOM   1085 N N   . ALA A 1 157 ? 0.55224   3.45172   19.32536  1.000 26.75392 ? 133 ALA A N   1 
ATOM   1086 C CA  . ALA A 1 157 ? 0.69407   3.48271   17.87184  1.000 22.76992 ? 133 ALA A CA  1 
ATOM   1087 C C   . ALA A 1 157 ? 2.00566   2.84630   17.44231  1.000 28.17893 ? 133 ALA A C   1 
ATOM   1088 O O   . ALA A 1 157 ? 2.04874   2.01859   16.51758  1.000 25.94703 ? 133 ALA A O   1 
ATOM   1089 C CB  . ALA A 1 157 ? 0.61387   4.92588   17.36635  1.000 27.14479 ? 133 ALA A CB  1 
ATOM   1090 N N   . GLU A 1 158 ? 3.09985   3.22408   18.10135  1.000 28.34471 ? 134 GLU A N   1 
ATOM   1091 C CA  . GLU A 1 158 ? 4.38559   2.67051   17.71540  1.000 27.12960 ? 134 GLU A CA  1 
ATOM   1092 C C   . GLU A 1 158 ? 4.45301   1.18120   18.01714  1.000 23.67331 ? 134 GLU A C   1 
ATOM   1093 O O   . GLU A 1 158 ? 5.02324   0.41915   17.23050  1.000 26.93897 ? 134 GLU A O   1 
ATOM   1094 C CB  . GLU A 1 158 ? 5.51537   3.43079   18.40952  1.000 33.16394 ? 134 GLU A CB  1 
ATOM   1095 C CG  . GLU A 1 158 ? 5.78759   4.79583   17.78324  1.000 38.21768 ? 134 GLU A CG  1 
ATOM   1096 C CD  . GLU A 1 158 ? 5.81422   4.76234   16.25446  1.000 61.48543 ? 134 GLU A CD  1 
ATOM   1097 O OE1 . GLU A 1 158 ? 5.08683   5.56436   15.62818  1.000 52.44200 ? 134 GLU A OE1 1 
ATOM   1098 O OE2 . GLU A 1 158 ? 6.56081   3.93973   15.67776  1.000 61.24120 ? 134 GLU A OE2 1 
ATOM   1099 N N   . GLU A 1 159 ? 3.85174   0.74583   19.13321  1.000 24.68346 ? 135 GLU A N   1 
ATOM   1100 C CA  . GLU A 1 159 ? 3.79825   -0.68198  19.43965  1.000 27.55165 ? 135 GLU A CA  1 
ATOM   1101 C C   . GLU A 1 159 ? 3.04987   -1.45355  18.35780  1.000 27.46967 ? 135 GLU A C   1 
ATOM   1102 O O   . GLU A 1 159 ? 3.48457   -2.53227  17.92934  1.000 25.65242 ? 135 GLU A O   1 
ATOM   1103 C CB  . GLU A 1 159 ? 3.13817   -0.89752  20.79918  1.000 25.41658 ? 135 GLU A CB  1 
ATOM   1104 C CG  . GLU A 1 159 ? 2.59453   -2.30163  21.02942  1.000 33.34541 ? 135 GLU A CG  1 
ATOM   1105 C CD  . GLU A 1 159 ? 3.67628   -3.32663  21.32767  1.000 53.33387 ? 135 GLU A CD  1 
ATOM   1106 O OE1 . GLU A 1 159 ? 4.83808   -3.11590  20.92032  1.000 57.94872 ? 135 GLU A OE1 1 
ATOM   1107 O OE2 . GLU A 1 159 ? 3.35807   -4.35213  21.96890  1.000 51.80317 ? 135 GLU A OE2 1 
ATOM   1108 N N   . LEU A 1 160 ? 1.91780   -0.91611  17.90713  1.000 22.74412 ? 136 LEU A N   1 
ATOM   1109 C CA  . LEU A 1 160 ? 1.16460   -1.57305  16.84346  1.000 22.25648 ? 136 LEU A CA  1 
ATOM   1110 C C   . LEU A 1 160 ? 2.00706   -1.69838  15.58030  1.000 20.89868 ? 136 LEU A C   1 
ATOM   1111 O O   . LEU A 1 160 ? 2.10274   -2.78448  14.99015  1.000 21.50547 ? 136 LEU A O   1 
ATOM   1112 C CB  . LEU A 1 160 ? -0.11991  -0.79405  16.56742  1.000 22.39312 ? 136 LEU A CB  1 
ATOM   1113 C CG  . LEU A 1 160 ? -0.94834  -1.30567  15.37308  1.000 19.72050 ? 136 LEU A CG  1 
ATOM   1114 C CD1 . LEU A 1 160 ? -1.46665  -2.72503  15.65414  1.000 21.82814 ? 136 LEU A CD1 1 
ATOM   1115 C CD2 . LEU A 1 160 ? -2.09989  -0.35701  15.07972  1.000 23.33474 ? 136 LEU A CD2 1 
ATOM   1116 N N   . LYS A 1 161 ? 2.63173   -0.59261  15.15223  1.000 22.40136 ? 137 LYS A N   1 
ATOM   1117 C CA  . LYS A 1 161 ? 3.41247   -0.63407  13.91772  1.000 19.76364 ? 137 LYS A CA  1 
ATOM   1118 C C   . LYS A 1 161 ? 4.59248   -1.59202  14.03910  1.000 22.57913 ? 137 LYS A C   1 
ATOM   1119 O O   . LYS A 1 161 ? 4.92164   -2.31153  13.08510  1.000 22.30475 ? 137 LYS A O   1 
ATOM   1120 C CB  . LYS A 1 161 ? 3.89667   0.77092   13.55483  1.000 23.66200 ? 137 LYS A CB  1 
ATOM   1121 C CG  . LYS A 1 161 ? 2.81176   1.68854   13.06654  1.000 25.85330 ? 137 LYS A CG  1 
ATOM   1122 C CD  . LYS A 1 161 ? 3.46355   2.94002   12.49191  1.000 32.01144 ? 137 LYS A CD  1 
ATOM   1123 C CE  . LYS A 1 161 ? 2.45243   3.87028   11.86453  1.000 31.64630 ? 137 LYS A CE  1 
ATOM   1124 N NZ  . LYS A 1 161 ? 3.13930   5.03357   11.22834  1.000 28.66793 ? 137 LYS A NZ  1 
ATOM   1125 N N   . GLN A 1 162 ? 5.23506   -1.63167  15.21269  1.000 23.30286 ? 138 GLN A N   1 
ATOM   1126 C CA  . GLN A 1 162 ? 6.35240   -2.54909  15.38170  1.000 24.10729 ? 138 GLN A CA  1 
ATOM   1127 C C   . GLN A 1 162 ? 5.88087   -3.99763  15.33475  1.000 21.91800 ? 138 GLN A C   1 
ATOM   1128 O O   . GLN A 1 162 ? 6.52518   -4.84177  14.70046  1.000 22.73737 ? 138 GLN A O   1 
ATOM   1129 C CB  . GLN A 1 162 ? 7.08054   -2.26462  16.70083  1.000 31.50653 ? 138 GLN A CB  1 
ATOM   1130 C CG  . GLN A 1 162 ? 8.23559   -3.22862  16.98921  1.000 34.21637 ? 138 GLN A CG  1 
ATOM   1131 C CD  . GLN A 1 162 ? 9.35290   -3.16815  15.94919  1.000 58.94346 ? 138 GLN A CD  1 
ATOM   1132 O OE1 . GLN A 1 162 ? 9.26712   -2.43413  14.96233  1.000 69.33315 ? 138 GLN A OE1 1 
ATOM   1133 N NE2 . GLN A 1 162 ? 10.41248  -3.94694  16.17412  1.000 53.24755 ? 138 GLN A NE2 1 
ATOM   1134 N N   . THR A 1 163 ? 4.77121   -4.31406  16.00625  1.000 21.31954 ? 139 THR A N   1 
ATOM   1135 C CA  . THR A 1 163 ? 4.28767   -5.69083  15.97129  1.000 19.09352 ? 139 THR A CA  1 
ATOM   1136 C C   . THR A 1 163 ? 3.91577   -6.10272  14.55280  1.000 18.86853 ? 139 THR A C   1 
ATOM   1137 O O   . THR A 1 163 ? 4.24673   -7.20754  14.10740  1.000 19.85290 ? 139 THR A O   1 
ATOM   1138 C CB  . THR A 1 163 ? 3.10695   -5.85891  16.91976  1.000 21.58478 ? 139 THR A CB  1 
ATOM   1139 O OG1 . THR A 1 163 ? 3.56164   -5.59036  18.26487  1.000 24.26162 ? 139 THR A OG1 1 
ATOM   1140 C CG2 . THR A 1 163 ? 2.55706   -7.27026  16.83653  1.000 23.49714 ? 139 THR A CG2 1 
ATOM   1141 N N   . LEU A 1 164 ? 3.22571   -5.22455  13.82709  1.000 19.33105 ? 140 LEU A N   1 
ATOM   1142 C CA  . LEU A 1 164 ? 2.85165   -5.55076  12.45267  1.000 18.83286 ? 140 LEU A CA  1 
ATOM   1143 C C   . LEU A 1 164 ? 4.08509   -5.76825  11.57961  1.000 20.32975 ? 140 LEU A C   1 
ATOM   1144 O O   . LEU A 1 164 ? 4.12984   -6.70418  10.76818  1.000 20.42710 ? 140 LEU A O   1 
ATOM   1145 C CB  . LEU A 1 164 ? 1.98095   -4.43050  11.87703  1.000 17.96272 ? 140 LEU A CB  1 
ATOM   1146 C CG  . LEU A 1 164 ? 0.57644   -4.31236  12.49710  1.000 18.03833 ? 140 LEU A CG  1 
ATOM   1147 C CD1 . LEU A 1 164 ? -0.13645  -3.06807  11.97082  1.000 18.13369 ? 140 LEU A CD1 1 
ATOM   1148 C CD2 . LEU A 1 164 ? -0.23957  -5.60712  12.23242  1.000 21.68743 ? 140 LEU A CD2 1 
ATOM   1149 N N   . ARG A 1 165 ? 5.08500   -4.88918  11.69947  1.000 19.48331 ? 141 ARG A N   1 
ATOM   1150 C CA  . ARG A 1 165 ? 6.30295   -5.06983  10.91245  1.000 18.86580 ? 141 ARG A CA  1 
ATOM   1151 C C   . ARG A 1 165 ? 6.98601   -6.39468  11.23596  1.000 20.21220 ? 141 ARG A C   1 
ATOM   1152 O O   . ARG A 1 165 ? 7.42875   -7.11737  10.32821  1.000 21.77497 ? 141 ARG A O   1 
ATOM   1153 C CB  . ARG A 1 165 ? 7.25067   -3.88762  11.15506  1.000 22.27258 ? 141 ARG A CB  1 
ATOM   1154 C CG  . ARG A 1 165 ? 8.68151   -4.12439  10.68013  1.000 27.42245 ? 141 ARG A CG  1 
ATOM   1155 C CD  . ARG A 1 165 ? 8.71677   -4.56223  9.22343   1.000 30.71313 ? 141 ARG A CD  1 
ATOM   1156 N NE  . ARG A 1 165 ? 8.12923   -3.54918  8.35749   1.000 30.71545 ? 141 ARG A NE  1 
ATOM   1157 C CZ  . ARG A 1 165 ? 7.71329   -3.76976  7.11506   1.000 28.26362 ? 141 ARG A CZ  1 
ATOM   1158 N NH1 . ARG A 1 165 ? 7.81747   -4.97946  6.57090   1.000 29.20251 ? 141 ARG A NH1 1 
ATOM   1159 N NH2 . ARG A 1 165 ? 7.19010   -2.76658  6.42357   1.000 25.78417 ? 141 ARG A NH2 1 
ATOM   1160 N N   A GLN A 1 166 ? 7.08283   -6.73237  12.52634  0.571 21.45293 ? 142 GLN A N   1 
ATOM   1161 N N   B GLN A 1 166 ? 7.08492   -6.73804  12.52097  0.429 21.47857 ? 142 GLN A N   1 
ATOM   1162 C CA  A GLN A 1 166 ? 7.68825   -8.00585  12.91058  0.571 21.37498 ? 142 GLN A CA  1 
ATOM   1163 C CA  B GLN A 1 166 ? 7.73357   -7.99750  12.87533  0.429 21.41789 ? 142 GLN A CA  1 
ATOM   1164 C C   A GLN A 1 166 ? 6.91917   -9.18385  12.32874  0.571 20.32952 ? 142 GLN A C   1 
ATOM   1165 C C   B GLN A 1 166 ? 6.93982   -9.19442  12.35870  0.429 20.27790 ? 142 GLN A C   1 
ATOM   1166 O O   A GLN A 1 166 ? 7.51640   -10.14917 11.83261  0.571 23.15466 ? 142 GLN A O   1 
ATOM   1167 O O   B GLN A 1 166 ? 7.52220   -10.18254 11.88893  0.429 23.07743 ? 142 GLN A O   1 
ATOM   1168 C CB  A GLN A 1 166 ? 7.75323   -8.11878  14.43154  0.571 22.90571 ? 142 GLN A CB  1 
ATOM   1169 C CB  B GLN A 1 166 ? 7.94015   -8.06395  14.38797  0.429 23.35605 ? 142 GLN A CB  1 
ATOM   1170 C CG  A GLN A 1 166 ? 8.68893   -7.11276  15.08434  0.571 25.47480 ? 142 GLN A CG  1 
ATOM   1171 C CG  B GLN A 1 166 ? 9.00976   -7.07449  14.85571  0.429 25.13922 ? 142 GLN A CG  1 
ATOM   1172 C CD  A GLN A 1 166 ? 8.86433   -7.37404  16.56362  0.571 21.79956 ? 142 GLN A CD  1 
ATOM   1173 C CD  B GLN A 1 166 ? 8.98793   -6.80243  16.34987  0.429 23.16680 ? 142 GLN A CD  1 
ATOM   1174 O OE1 A GLN A 1 166 ? 8.11064   -6.86336  17.39024  0.571 25.66885 ? 142 GLN A OE1 1 
ATOM   1175 O OE1 B GLN A 1 166 ? 9.62052   -5.85518  16.81881  0.429 26.48777 ? 142 GLN A OE1 1 
ATOM   1176 N NE2 A GLN A 1 166 ? 9.84641   -8.19910  16.90361  0.571 28.07556 ? 142 GLN A NE2 1 
ATOM   1177 N NE2 B GLN A 1 166 ? 8.26374   -7.62405  17.10229  0.429 22.77107 ? 142 GLN A NE2 1 
ATOM   1178 N N   A MET A 1 167 ? 5.58543   -9.13715  12.39843  0.571 20.84513 ? 143 MET A N   1 
ATOM   1179 N N   B MET A 1 167 ? 5.60612   -9.11741  12.40721  0.429 20.93342 ? 143 MET A N   1 
ATOM   1180 C CA  A MET A 1 167 ? 4.79419   -10.22988 11.84885  0.571 21.56794 ? 143 MET A CA  1 
ATOM   1181 C CA  B MET A 1 167 ? 4.78700   -10.19840 11.86833  0.429 21.51574 ? 143 MET A CA  1 
ATOM   1182 C C   A MET A 1 167 ? 5.01216   -10.37474 10.34604  0.571 19.59442 ? 143 MET A C   1 
ATOM   1183 C C   B MET A 1 167 ? 5.01062   -10.36712 10.36291  0.429 19.66075 ? 143 MET A C   1 
ATOM   1184 O O   A MET A 1 167 ? 5.16417   -11.49256 9.83507   0.571 21.02472 ? 143 MET A O   1 
ATOM   1185 O O   B MET A 1 167 ? 5.17596   -11.49071 9.86715   0.429 21.08571 ? 143 MET A O   1 
ATOM   1186 C CB  A MET A 1 167 ? 3.31395   -10.00874 12.16088  0.571 20.82973 ? 143 MET A CB  1 
ATOM   1187 C CB  B MET A 1 167 ? 3.30786   -9.93470  12.18638  0.429 20.69432 ? 143 MET A CB  1 
ATOM   1188 C CG  A MET A 1 167 ? 2.98602   -10.24033 13.59482  0.571 18.37402 ? 143 MET A CG  1 
ATOM   1189 C CG  B MET A 1 167 ? 2.42224   -11.16879 12.14243  0.429 21.58650 ? 143 MET A CG  1 
ATOM   1190 S SD  A MET A 1 167 ? 1.22141   -10.02215 13.88676  0.571 24.81707 ? 143 MET A SD  1 
ATOM   1191 S SD  B MET A 1 167 ? 0.77875   -10.87500 12.83499  0.429 23.57150 ? 143 MET A SD  1 
ATOM   1192 C CE  A MET A 1 167 ? 1.06264   -10.66949 15.54918  0.571 28.37839 ? 143 MET A CE  1 
ATOM   1193 C CE  B MET A 1 167 ? 1.12172   -10.95711 14.58125  0.429 18.26311 ? 143 MET A CE  1 
ATOM   1194 N N   . ILE A 1 168 ? 5.01851   -9.25717  9.61537   1.000 19.80840 ? 144 ILE A N   1 
ATOM   1195 C CA  . ILE A 1 168 ? 5.26141   -9.33743  8.17960   1.000 19.23847 ? 144 ILE A CA  1 
ATOM   1196 C C   . ILE A 1 168 ? 6.60937   -9.99827  7.92659   1.000 21.49221 ? 144 ILE A C   1 
ATOM   1197 O O   . ILE A 1 168 ? 6.72097   -10.96370 7.15975   1.000 21.89896 ? 144 ILE A O   1 
ATOM   1198 C CB  . ILE A 1 168 ? 5.19823   -7.94240  7.54227   1.000 20.31357 ? 144 ILE A CB  1 
ATOM   1199 C CG1 . ILE A 1 168 ? 3.75889   -7.36897  7.60217   1.000 20.53984 ? 144 ILE A CG1 1 
ATOM   1200 C CG2 . ILE A 1 168 ? 5.73097   -7.99848  6.12506   1.000 20.64015 ? 144 ILE A CG2 1 
ATOM   1201 C CD1 . ILE A 1 168 ? 3.69448   -5.84565  7.46178   1.000 19.66332 ? 144 ILE A CD1 1 
ATOM   1202 N N   . ASP A 1 169 ? 7.65405   -9.51135  8.60627   1.000 23.82327 ? 145 ASP A N   1 
ATOM   1203 C CA  . ASP A 1 169 ? 8.98088   -10.04340 8.31103   1.000 24.87420 ? 145 ASP A CA  1 
ATOM   1204 C C   . ASP A 1 169 ? 9.09186   -11.51607 8.68926   1.000 24.35748 ? 145 ASP A C   1 
ATOM   1205 O O   . ASP A 1 169 ? 9.87272   -12.25215 8.07748   1.000 26.70466 ? 145 ASP A O   1 
ATOM   1206 C CB  . ASP A 1 169 ? 10.05104  -9.21461  9.01799   1.000 25.96737 ? 145 ASP A CB  1 
ATOM   1207 C CG  . ASP A 1 169 ? 10.23716  -7.83900  8.39029   1.000 35.62011 ? 145 ASP A CG  1 
ATOM   1208 O OD1 . ASP A 1 169 ? 9.56680   -7.52159  7.37964   1.000 31.88161 ? 145 ASP A OD1 1 
ATOM   1209 O OD2 . ASP A 1 169 ? 11.05392  -7.05910  8.91731   1.000 39.88337 ? 145 ASP A OD2 1 
ATOM   1210 N N   . LEU A 1 170 ? 8.32486   -11.97475 9.67608   1.000 22.79610 ? 146 LEU A N   1 
ATOM   1211 C CA  . LEU A 1 170 ? 8.36204   -13.39643 10.00398  1.000 24.04207 ? 146 LEU A CA  1 
ATOM   1212 C C   . LEU A 1 170 ? 7.57147   -14.25910 9.02982   1.000 27.43320 ? 146 LEU A C   1 
ATOM   1213 O O   . LEU A 1 170 ? 7.88818   -15.44384 8.87166   1.000 32.97004 ? 146 LEU A O   1 
ATOM   1214 C CB  . LEU A 1 170 ? 7.82033   -13.64644 11.40692  1.000 28.92568 ? 146 LEU A CB  1 
ATOM   1215 C CG  . LEU A 1 170 ? 8.73372   -13.23075 12.54919  1.000 27.50160 ? 146 LEU A CG  1 
ATOM   1216 C CD1 . LEU A 1 170 ? 7.98076   -13.40359 13.86069  1.000 28.52732 ? 146 LEU A CD1 1 
ATOM   1217 C CD2 . LEU A 1 170 ? 9.99456   -14.09021 12.52080  1.000 31.92991 ? 146 LEU A CD2 1 
ATOM   1218 N N   . HIS A 1 171 ? 6.52914   -13.71570 8.39789   1.000 20.47603 ? 147 HIS A N   1 
ATOM   1219 C CA  . HIS A 1 171 ? 5.64866   -14.55508 7.60350   1.000 20.97668 ? 147 HIS A CA  1 
ATOM   1220 C C   . HIS A 1 171 ? 5.79368   -14.39625 6.09182   1.000 24.40823 ? 147 HIS A C   1 
ATOM   1221 O O   . HIS A 1 171 ? 5.19318   -15.18073 5.35011   1.000 28.54679 ? 147 HIS A O   1 
ATOM   1222 C CB  . HIS A 1 171 ? 4.19616   -14.30883 8.04074   1.000 21.16305 ? 147 HIS A CB  1 
ATOM   1223 C CG  . HIS A 1 171 ? 3.88877   -14.91354 9.37403   1.000 22.30891 ? 147 HIS A CG  1 
ATOM   1224 N ND1 . HIS A 1 171 ? 4.05628   -14.24261 10.56570  1.000 27.48540 ? 147 HIS A ND1 1 
ATOM   1225 C CD2 . HIS A 1 171 ? 3.48458   -16.16133 9.69931   1.000 20.15341 ? 147 HIS A CD2 1 
ATOM   1226 C CE1 . HIS A 1 171 ? 3.73925   -15.04997 11.56832  1.000 18.83251 ? 147 HIS A CE1 1 
ATOM   1227 N NE2 . HIS A 1 171 ? 3.39060   -16.21743 11.06587  1.000 28.34190 ? 147 HIS A NE2 1 
ATOM   1228 N N   A VAL A 1 172 ? 6.57963   -13.42831 5.61497   0.451 21.62548 ? 148 VAL A N   1 
ATOM   1229 N N   B VAL A 1 172 ? 6.58987   -13.43860 5.61952   0.549 21.60574 ? 148 VAL A N   1 
ATOM   1230 C CA  A VAL A 1 172 ? 6.75727   -13.27169 4.17549   0.451 23.97444 ? 148 VAL A CA  1 
ATOM   1231 C CA  B VAL A 1 172 ? 6.76639   -13.26656 4.18352   0.549 23.93089 ? 148 VAL A CA  1 
ATOM   1232 C C   A VAL A 1 172 ? 7.57356   -14.43640 3.62552   0.451 32.00374 ? 148 VAL A C   1 
ATOM   1233 C C   B VAL A 1 172 ? 7.59593   -14.41730 3.61870   0.549 32.06380 ? 148 VAL A C   1 
ATOM   1234 O O   A VAL A 1 172 ? 8.41446   -15.02489 4.31846   0.451 33.75735 ? 148 VAL A O   1 
ATOM   1235 O O   B VAL A 1 172 ? 8.46316   -14.98396 4.29702   0.549 33.67122 ? 148 VAL A O   1 
ATOM   1236 C CB  A VAL A 1 172 ? 7.42734   -11.92800 3.82880   0.451 28.02255 ? 148 VAL A CB  1 
ATOM   1237 C CB  B VAL A 1 172 ? 7.42294   -11.90667 3.88306   0.549 27.97101 ? 148 VAL A CB  1 
ATOM   1238 C CG1 A VAL A 1 172 ? 6.53948   -10.76023 4.21816   0.451 27.23905 ? 148 VAL A CG1 1 
ATOM   1239 C CG1 B VAL A 1 172 ? 8.87435   -11.90175 4.33499   0.549 30.49543 ? 148 VAL A CG1 1 
ATOM   1240 C CG2 A VAL A 1 172 ? 8.79733   -11.81982 4.48134   0.451 30.51118 ? 148 VAL A CG2 1 
ATOM   1241 C CG2 B VAL A 1 172 ? 7.31936   -11.58541 2.40444   0.549 27.00427 ? 148 VAL A CG2 1 
ATOM   1242 N N   . HIS A 1 173 ? 7.33177   -14.76439 2.36142   1.000 32.99135 ? 149 HIS A N   1 
ATOM   1243 C CA  . HIS A 1 173 ? 8.07908   -15.83238 1.68464   1.000 44.84651 ? 149 HIS A CA  1 
ATOM   1244 C C   . HIS A 1 173 ? 9.16147   -15.29294 0.75085   1.000 50.05587 ? 149 HIS A C   1 
ATOM   1245 O O   . HIS A 1 173 ? 9.13497   -14.12375 0.36122   1.000 42.71124 ? 149 HIS A O   1 
ATOM   1246 C CB  . HIS A 1 173 ? 7.12429   -16.72536 0.89991   1.000 52.53199 ? 149 HIS A CB  1 
ATOM   1247 C CG  . HIS A 1 173 ? 6.14244   -17.44795 1.76358   1.000 70.14387 ? 149 HIS A CG  1 
ATOM   1248 N ND1 . HIS A 1 173 ? 6.52152   -18.41626 2.66834   1.000 79.86774 ? 149 HIS A ND1 1 
ATOM   1249 C CD2 . HIS A 1 173 ? 4.79931   -17.32714 1.88048   1.000 61.20304 ? 149 HIS A CD2 1 
ATOM   1250 C CE1 . HIS A 1 173 ? 5.45200   -18.87054 3.29673   1.000 70.94251 ? 149 HIS A CE1 1 
ATOM   1251 N NE2 . HIS A 1 173 ? 4.39403   -18.22674 2.83654   1.000 83.50835 ? 149 HIS A NE2 1 
HETATM 1252 C C1  . CAQ B 2 .   ? -0.41949  1.45700   0.21920   1.000 19.84833 ? 201 CAQ A C1  1 
HETATM 1253 C C2  . CAQ B 2 .   ? -1.53274  0.86663   0.79313   1.000 18.25001 ? 201 CAQ A C2  1 
HETATM 1254 C C3  . CAQ B 2 .   ? -1.55864  -0.50039  0.92909   1.000 19.41241 ? 201 CAQ A C3  1 
HETATM 1255 O O3  . CAQ B 2 .   ? -2.67635  -1.11268  1.50301   1.000 21.86707 ? 201 CAQ A O3  1 
HETATM 1256 C C4  . CAQ B 2 .   ? -0.53048  -1.31023  0.52339   1.000 19.28956 ? 201 CAQ A C4  1 
HETATM 1257 O O4  . CAQ B 2 .   ? -0.58740  -2.68589  0.68586   1.000 20.42862 ? 201 CAQ A O4  1 
HETATM 1258 C C5  . CAQ B 2 .   ? 0.57982   -0.73317  -0.03836  1.000 16.62848 ? 201 CAQ A C5  1 
HETATM 1259 C C6  . CAQ B 2 .   ? 0.61671   0.64074   -0.19755  1.000 19.62149 ? 201 CAQ A C6  1 
HETATM 1260 H H1  . CAQ B 2 .   ? -0.36966  2.37896   0.11650   1.000 23.86570 ? 201 CAQ A H1  1 
HETATM 1261 H H2  . CAQ B 2 .   ? -2.24824  1.38473   1.08068   1.000 21.94771 ? 201 CAQ A H2  1 
HETATM 1262 H HO3 . CAQ B 2 .   ? -3.36088  -0.85344  1.10679   1.000 26.28818 ? 201 CAQ A HO3 1 
HETATM 1263 H HO4 . CAQ B 2 .   ? -1.13228  -2.86389  1.28804   1.000 24.56205 ? 201 CAQ A HO4 1 
HETATM 1264 H H5  . CAQ B 2 .   ? 1.29743   -1.25778  -0.30832  1.000 20.00188 ? 201 CAQ A H5  1 
HETATM 1265 H H6  . CAQ B 2 .   ? 1.36100   1.02737   -0.59701  1.000 23.59349 ? 201 CAQ A H6  1 
HETATM 1266 S S   . SO4 C 3 .   ? 12.51683  9.14730   -14.76804 0.526 21.72097 ? 202 SO4 A S   1 
HETATM 1267 O O1  . SO4 C 3 .   ? 13.63490  10.02034  -14.43489 0.526 23.29872 ? 202 SO4 A O1  1 
HETATM 1268 O O2  . SO4 C 3 .   ? 11.89609  8.74861   -13.51551 0.526 26.42879 ? 202 SO4 A O2  1 
HETATM 1269 O O3  . SO4 C 3 .   ? 11.55262  9.85256   -15.61737 0.526 18.40313 ? 202 SO4 A O3  1 
HETATM 1270 O O4  . SO4 C 3 .   ? 12.98012  7.94904   -15.45601 0.526 26.30374 ? 202 SO4 A O4  1 
HETATM 1271 S S   . SO4 D 3 .   ? -13.09167 -0.48805  -0.99376  0.790 63.04333 ? 203 SO4 A S   1 
HETATM 1272 O O1  . SO4 D 3 .   ? -11.90810 0.19733   -1.50074  0.790 42.21318 ? 203 SO4 A O1  1 
HETATM 1273 O O2  . SO4 D 3 .   ? -12.77984 -1.14269  0.26854   0.790 51.48494 ? 203 SO4 A O2  1 
HETATM 1274 O O3  . SO4 D 3 .   ? -13.51621 -1.49414  -1.96318  0.790 64.35093 ? 203 SO4 A O3  1 
HETATM 1275 O O4  . SO4 D 3 .   ? -14.16615 0.47894   -0.77852  0.790 52.81426 ? 203 SO4 A O4  1 
HETATM 1276 S S   . SO4 E 3 .   ? -11.20577 0.63512   -7.37056  0.727 34.13960 ? 204 SO4 A S   1 
HETATM 1277 O O1  . SO4 E 3 .   ? -10.80190 2.02532   -7.19336  0.727 38.53061 ? 204 SO4 A O1  1 
HETATM 1278 O O2  . SO4 E 3 .   ? -11.90243 0.18139   -6.15717  0.727 30.20466 ? 204 SO4 A O2  1 
HETATM 1279 O O3  . SO4 E 3 .   ? -9.98550  -0.14224  -7.56789  0.727 36.48618 ? 204 SO4 A O3  1 
HETATM 1280 O O4  . SO4 E 3 .   ? -12.08262 0.52376   -8.53167  0.727 50.02348 ? 204 SO4 A O4  1 
HETATM 1281 O O   . HOH F 4 .   ? -14.62273 -1.35408  0.72000   1.000 49.13316 ? 302 HOH A O   1 
HETATM 1282 O O   . HOH F 4 .   ? -8.76702  -9.51726  23.08058  1.000 60.30441 ? 303 HOH A O   1 
HETATM 1283 O O   . HOH F 4 .   ? -14.52263 2.06817   6.29593   1.000 30.33064 ? 304 HOH A O   1 
HETATM 1284 O O   . HOH F 4 .   ? -13.75000 2.64767   -0.15070  1.000 32.07216 ? 305 HOH A O   1 
HETATM 1285 O O   . HOH F 4 .   ? 6.80971   1.65688   15.65431  1.000 48.65967 ? 306 HOH A O   1 
HETATM 1286 O O   . HOH F 4 .   ? -17.15815 4.67575   -1.90184  1.000 51.95964 ? 307 HOH A O   1 
HETATM 1287 O O   . HOH F 4 .   ? -7.99926  -1.16643  -8.14755  1.000 33.38375 ? 308 HOH A O   1 
HETATM 1288 O O   . HOH F 4 .   ? 3.04633   6.25633   14.79422  1.000 53.14545 ? 309 HOH A O   1 
HETATM 1289 O O   . HOH F 4 .   ? 14.42127  7.32479   -17.19645 1.000 25.26406 ? 310 HOH A O   1 
HETATM 1290 O O   . HOH F 4 .   ? -15.19557 6.03556   -4.02135  1.000 36.01560 ? 311 HOH A O   1 
HETATM 1291 O O   . HOH F 4 .   ? 13.57941  3.77726   -7.64653  1.000 53.08526 ? 312 HOH A O   1 
HETATM 1292 O O   . HOH F 4 .   ? -18.37593 8.23160   -2.79967  1.000 56.39011 ? 313 HOH A O   1 
HETATM 1293 O O   . HOH F 4 .   ? -14.23234 0.02181   -9.49664  1.000 37.07060 ? 314 HOH A O   1 
HETATM 1294 O O   . HOH F 4 .   ? -1.07169  3.75120   26.92550  1.000 62.46952 ? 315 HOH A O   1 
HETATM 1295 O O   . HOH F 4 .   ? 3.32720   6.96959   7.60771   1.000 43.99053 ? 316 HOH A O   1 
HETATM 1296 O O   . HOH F 4 .   ? -11.15825 -17.06417 19.55037  1.000 40.37313 ? 317 HOH A O   1 
HETATM 1297 O O   . HOH F 4 .   ? 9.62711   -8.20490  4.97226   1.000 44.97970 ? 318 HOH A O   1 
HETATM 1298 O O   . HOH F 4 .   ? -7.31077  -0.75119  -11.06313 1.000 40.04998 ? 319 HOH A O   1 
HETATM 1299 O O   . HOH F 4 .   ? -6.88876  -5.70545  3.91623   1.000 29.31502 ? 320 HOH A O   1 
HETATM 1300 O O   . HOH F 4 .   ? -2.45151  4.23715   -14.39194 1.000 39.24632 ? 321 HOH A O   1 
HETATM 1301 O O   . HOH F 4 .   ? -5.67893  -19.14152 12.64701  1.000 20.22247 ? 322 HOH A O   1 
HETATM 1302 O O   . HOH F 4 .   ? 3.42607   -17.08419 5.32385   1.000 32.09154 ? 323 HOH A O   1 
HETATM 1303 O O   . HOH F 4 .   ? -7.10554  -3.49955  2.29875   1.000 45.97208 ? 324 HOH A O   1 
HETATM 1304 O O   . HOH F 4 .   ? 2.69558   13.80416  -12.88911 1.000 36.67716 ? 325 HOH A O   1 
HETATM 1305 O O   . HOH F 4 .   ? -7.49665  8.78705   23.52693  1.000 35.52134 ? 326 HOH A O   1 
HETATM 1306 O O   . HOH F 4 .   ? -6.69592  13.15408  4.83649   1.000 45.84518 ? 327 HOH A O   1 
HETATM 1307 O O   . HOH F 4 .   ? -10.71810 -1.88954  2.10326   1.000 31.43759 ? 328 HOH A O   1 
HETATM 1308 O O   . HOH F 4 .   ? -17.06513 -3.75704  6.26608   1.000 39.20433 ? 329 HOH A O   1 
HETATM 1309 O O   . HOH F 4 .   ? -5.22974  -1.68341  5.79972   1.000 20.00806 ? 330 HOH A O   1 
HETATM 1310 O O   . HOH F 4 .   ? -5.46668  -8.11975  -1.23917  1.000 43.71124 ? 331 HOH A O   1 
HETATM 1311 O O   . HOH F 4 .   ? 1.59426   -5.50577  20.35990  1.000 29.10524 ? 332 HOH A O   1 
HETATM 1312 O O   . HOH F 4 .   ? -13.43213 13.95254  -7.08467  1.000 45.66072 ? 333 HOH A O   1 
HETATM 1313 O O   . HOH F 4 .   ? 10.11002  -1.51992  -19.78458 1.000 49.55962 ? 334 HOH A O   1 
HETATM 1314 O O   . HOH F 4 .   ? -9.54044  9.83415   15.07737  1.000 44.09996 ? 335 HOH A O   1 
HETATM 1315 O O   . HOH F 4 .   ? -8.84227  5.19865   15.10798  1.000 26.50864 ? 336 HOH A O   1 
HETATM 1316 O O   . HOH F 4 .   ? 7.76339   4.63394   -18.16625 1.000 41.25263 ? 337 HOH A O   1 
HETATM 1317 O O   . HOH F 4 .   ? -4.72527  0.58831   1.91389   1.000 21.50757 ? 338 HOH A O   1 
HETATM 1318 O O   . HOH F 4 .   ? -16.18701 -7.44685  14.97061  1.000 24.97146 ? 339 HOH A O   1 
HETATM 1319 O O   . HOH F 4 .   ? -2.63556  13.38206  -9.52766  1.000 42.93793 ? 340 HOH A O   1 
HETATM 1320 O O   . HOH F 4 .   ? 7.45250   9.23570   -17.39797 1.000 32.64263 ? 341 HOH A O   1 
HETATM 1321 O O   . HOH F 4 .   ? -13.23403 8.26946   3.39555   1.000 39.10874 ? 342 HOH A O   1 
HETATM 1322 O O   . HOH F 4 .   ? 7.18673   3.59834   -0.43469  1.000 29.73944 ? 343 HOH A O   1 
HETATM 1323 O O   . HOH F 4 .   ? -11.02571 7.93883   10.30200  1.000 44.26398 ? 344 HOH A O   1 
HETATM 1324 O O   . HOH F 4 .   ? -17.16480 -9.89488  16.03192  1.000 32.93592 ? 345 HOH A O   1 
HETATM 1325 O O   . HOH F 4 .   ? 10.82104  8.71645   -18.01167 0.50  50.25407 ? 346 HOH A O   1 
HETATM 1326 O O   . HOH F 4 .   ? 15.56019  4.50230   -16.45473 1.000 43.92510 ? 347 HOH A O   1 
HETATM 1327 O O   . HOH F 4 .   ? 11.46143  -9.40925  15.02968  1.000 34.05307 ? 348 HOH A O   1 
HETATM 1328 O O   . HOH F 4 .   ? 7.85326   -6.93121  2.95873   1.000 43.35970 ? 349 HOH A O   1 
HETATM 1329 O O   . HOH F 4 .   ? 0.41130   15.46652  -6.31233  1.000 39.28656 ? 350 HOH A O   1 
HETATM 1330 O O   . HOH F 4 .   ? -1.88335  13.42871  -5.62614  1.000 28.60402 ? 351 HOH A O   1 
HETATM 1331 O O   . HOH F 4 .   ? 11.97691  -5.00057  7.28069   1.000 52.16868 ? 352 HOH A O   1 
HETATM 1332 O O   . HOH F 4 .   ? 4.02349   13.80660  -0.32236  1.000 37.44032 ? 353 HOH A O   1 
HETATM 1333 O O   . HOH F 4 .   ? -14.74543 -5.27485  8.45809   1.000 22.54163 ? 354 HOH A O   1 
HETATM 1334 O O   . HOH F 4 .   ? 4.94519   -12.12575 -4.39525  1.000 42.24749 ? 355 HOH A O   1 
HETATM 1335 O O   . HOH F 4 .   ? -12.05317 -8.39418  20.75399  1.000 35.72671 ? 356 HOH A O   1 
HETATM 1336 O O   . HOH F 4 .   ? -9.13363  -7.23831  4.94639   1.000 20.89713 ? 357 HOH A O   1 
HETATM 1337 O O   . HOH F 4 .   ? -16.56415 0.10590   2.43146   1.000 44.88384 ? 358 HOH A O   1 
HETATM 1338 O O   . HOH F 4 .   ? 0.84504   -14.06824 -7.14590  1.000 44.93508 ? 359 HOH A O   1 
HETATM 1339 O O   . HOH F 4 .   ? 17.31816  -2.17933  -7.14260  1.000 46.93898 ? 360 HOH A O   1 
HETATM 1340 O O   . HOH F 4 .   ? -7.35002  17.66489  -2.34090  1.000 53.78931 ? 361 HOH A O   1 
HETATM 1341 O O   . HOH F 4 .   ? 1.08039   9.86692   9.52792   1.000 39.17769 ? 362 HOH A O   1 
HETATM 1342 O O   . HOH F 4 .   ? -0.01893  5.35105   23.74479  1.000 37.30956 ? 363 HOH A O   1 
HETATM 1343 O O   . HOH F 4 .   ? 12.13113  -11.47902 6.58114   1.000 38.78390 ? 364 HOH A O   1 
HETATM 1344 O O   . HOH F 4 .   ? 2.98475   -1.31878  -21.52617 1.000 43.44991 ? 365 HOH A O   1 
HETATM 1345 O O   . HOH F 4 .   ? 11.32911  -7.28736  11.72272  1.000 48.06185 ? 366 HOH A O   1 
HETATM 1346 O O   . HOH F 4 .   ? 13.73220  10.34813  -11.62246 0.50  43.99191 ? 367 HOH A O   1 
HETATM 1347 O O   . HOH F 4 .   ? -5.38527  3.56588   -16.54095 1.000 41.89339 ? 368 HOH A O   1 
HETATM 1348 O O   . HOH F 4 .   ? -0.47496  -11.18796 -16.22090 1.000 51.55282 ? 369 HOH A O   1 
HETATM 1349 O O   . HOH F 4 .   ? 10.69738  7.95744   -5.64458  1.000 37.21252 ? 370 HOH A O   1 
HETATM 1350 O O   . HOH F 4 .   ? -14.42485 -10.10264 15.30664  1.000 23.69717 ? 371 HOH A O   1 
HETATM 1351 O O   . HOH F 4 .   ? -3.21499  6.26277   -11.99486 1.000 51.83842 ? 372 HOH A O   1 
HETATM 1352 O O   . HOH F 4 .   ? 10.59280  3.42828   -7.23532  1.000 24.10677 ? 373 HOH A O   1 
HETATM 1353 O O   . HOH F 4 .   ? 9.25484   2.44918   -19.78857 1.000 47.63657 ? 374 HOH A O   1 
HETATM 1354 O O   . HOH F 4 .   ? -10.95060 -2.09246  -4.68132  1.000 54.83134 ? 375 HOH A O   1 
HETATM 1355 O O   . HOH F 4 .   ? -15.49348 6.20659   4.06767   1.000 46.91313 ? 376 HOH A O   1 
HETATM 1356 O O   . HOH F 4 .   ? -4.30777  3.37483   1.74638   1.000 20.36251 ? 377 HOH A O   1 
HETATM 1357 O O   . HOH F 4 .   ? -1.47108  10.47146  15.66450  1.000 43.85361 ? 378 HOH A O   1 
HETATM 1358 O O   . HOH F 4 .   ? -4.86381  13.87662  -8.49905  1.000 38.82643 ? 379 HOH A O   1 
HETATM 1359 O O   . HOH F 4 .   ? 9.86626   -11.18213 -9.03183  1.000 37.42926 ? 380 HOH A O   1 
HETATM 1360 O O   . HOH F 4 .   ? 10.54176  -16.65118 8.59561   1.000 40.87652 ? 381 HOH A O   1 
HETATM 1361 O O   . HOH F 4 .   ? -4.16582  8.58247   -12.13728 1.000 51.35814 ? 382 HOH A O   1 
HETATM 1362 O O   . HOH F 4 .   ? -5.73055  -3.73431  -10.97137 1.000 47.96516 ? 383 HOH A O   1 
HETATM 1363 O O   . HOH F 4 .   ? -4.98436  -9.36438  -6.60994  1.000 37.76748 ? 384 HOH A O   1 
HETATM 1364 O O   . HOH F 4 .   ? 5.91922   1.76366   22.03252  1.000 48.39293 ? 385 HOH A O   1 
HETATM 1365 O O   . HOH F 4 .   ? -0.60900  8.59664   18.01741  1.000 48.56986 ? 386 HOH A O   1 
HETATM 1366 O O   . HOH F 4 .   ? 1.91622   7.58390   24.49911  1.000 43.37157 ? 387 HOH A O   1 
HETATM 1367 O O   . HOH F 4 .   ? 10.09653  -10.64094 -11.77852 1.000 43.59781 ? 388 HOH A O   1 
HETATM 1368 O O   . HOH F 4 .   ? 7.55432   -12.06787 -1.28164  1.000 55.96720 ? 389 HOH A O   1 
HETATM 1369 O O   . HOH F 4 .   ? -15.30763 3.97629   4.08852   1.000 41.17480 ? 390 HOH A O   1 
HETATM 1370 O O   . HOH F 4 .   ? -16.17715 0.09406   5.27171   1.000 39.24175 ? 391 HOH A O   1 
HETATM 1371 O O   . HOH F 4 .   ? 8.27691   -9.86393  -0.68766  1.000 41.00987 ? 392 HOH A O   1 
HETATM 1372 O O   . HOH F 4 .   ? 10.98262  5.32410   -17.86111 1.000 49.70330 ? 393 HOH A O   1 
HETATM 1373 O O   . HOH F 4 .   ? -10.07178 -7.99354  21.98201  1.000 55.44999 ? 394 HOH A O   1 
HETATM 1374 O O   . HOH F 4 .   ? 0.65591   9.58737   23.91474  1.000 52.81308 ? 395 HOH A O   1 
HETATM 1375 O O   . HOH F 4 .   ? -8.58349  -3.17769  -6.17273  1.000 49.01407 ? 396 HOH A O   1 
HETATM 1376 O O   . HOH F 4 .   ? -0.21287  -3.64510  19.09465  0.50  27.67405 ? 397 HOH A O   1 
HETATM 1377 O O   . HOH F 4 .   ? 1.00203   8.61688   11.99275  1.000 45.61751 ? 398 HOH A O   1 
HETATM 1378 O O   . HOH F 4 .   ? 12.17092  -14.12960 4.90113   1.000 50.66762 ? 399 HOH A O   1 
HETATM 1379 O O   . HOH F 4 .   ? 11.78911  -9.62984  4.94145   1.000 47.01287 ? 400 HOH A O   1 
HETATM 1380 O O   . HOH F 4 .   ? -4.43356  10.56639  -11.92923 1.000 59.98443 ? 401 HOH A O   1 
HETATM 1381 O O   . HOH F 4 .   ? 6.08074   -16.89321 13.97612  1.000 38.90319 ? 402 HOH A O   1 
HETATM 1382 O O   . HOH F 4 .   ? 9.79015   22.24838  -11.98960 1.000 54.05970 ? 403 HOH A O   1 
HETATM 1383 O O   . HOH F 4 .   ? 11.71687  10.26570  -4.21583  1.000 55.84598 ? 404 HOH A O   1 
HETATM 1384 O O   . HOH F 4 .   ? -8.64234  11.82999  17.06402  0.50  44.70421 ? 405 HOH A O   1 
HETATM 1385 O O   . HOH F 4 .   ? 8.95375   7.61638   -18.41966 1.000 51.57319 ? 406 HOH A O   1 
HETATM 1386 O O   . HOH F 4 .   ? -9.25199  -3.86386  1.87242   1.000 46.68823 ? 407 HOH A O   1 
HETATM 1387 O O   . HOH F 4 .   ? 4.79100   15.53500  -14.74397 1.000 57.16209 ? 408 HOH A O   1 
HETATM 1388 O O   . HOH F 4 .   ? 1.61381   8.10679   16.35166  1.000 55.94717 ? 409 HOH A O   1 
HETATM 1389 O O   . HOH F 4 .   ? -4.05573  14.81856  -6.23740  1.000 41.75936 ? 410 HOH A O   1 
HETATM 1390 O O   . HOH F 4 .   ? -5.45573  -9.08203  1.18578   1.000 48.89471 ? 411 HOH A O   1 
HETATM 1391 O O   . HOH F 4 .   ? -1.73500  -15.70791 -8.88340  1.000 41.23326 ? 412 HOH A O   1 
HETATM 1392 O O   . HOH F 4 .   ? 0.89885   9.36802   14.49289  1.000 54.09927 ? 413 HOH A O   1 
HETATM 1393 O O   . HOH F 4 .   ? 0.33738   -17.24092 -10.78654 1.000 48.80839 ? 414 HOH A O   1 
HETATM 1394 O O   . HOH F 4 .   ? -2.08075  -17.01952 -6.55626  1.000 45.53456 ? 415 HOH A O   1 
# 
loop_
_pdbx_poly_seq_scheme.asym_id 
_pdbx_poly_seq_scheme.entity_id 
_pdbx_poly_seq_scheme.seq_id 
_pdbx_poly_seq_scheme.mon_id 
_pdbx_poly_seq_scheme.ndb_seq_num 
_pdbx_poly_seq_scheme.pdb_seq_num 
_pdbx_poly_seq_scheme.auth_seq_num 
_pdbx_poly_seq_scheme.pdb_mon_id 
_pdbx_poly_seq_scheme.auth_mon_id 
_pdbx_poly_seq_scheme.pdb_strand_id 
_pdbx_poly_seq_scheme.pdb_ins_code 
_pdbx_poly_seq_scheme.hetero 
A 1 1   MET 1   -23 ?   ?   ?   A . n 
A 1 2   HIS 2   -22 ?   ?   ?   A . n 
A 1 3   HIS 3   -21 ?   ?   ?   A . n 
A 1 4   HIS 4   -20 ?   ?   ?   A . n 
A 1 5   HIS 5   -19 ?   ?   ?   A . n 
A 1 6   HIS 6   -18 ?   ?   ?   A . n 
A 1 7   HIS 7   -17 ?   ?   ?   A . n 
A 1 8   SER 8   -16 ?   ?   ?   A . n 
A 1 9   SER 9   -15 ?   ?   ?   A . n 
A 1 10  GLY 10  -14 ?   ?   ?   A . n 
A 1 11  VAL 11  -13 ?   ?   ?   A . n 
A 1 12  ASP 12  -12 ?   ?   ?   A . n 
A 1 13  LEU 13  -11 ?   ?   ?   A . n 
A 1 14  GLY 14  -10 ?   ?   ?   A . n 
A 1 15  THR 15  -9  ?   ?   ?   A . n 
A 1 16  GLU 16  -8  ?   ?   ?   A . n 
A 1 17  ASN 17  -7  ?   ?   ?   A . n 
A 1 18  LEU 18  -6  ?   ?   ?   A . n 
A 1 19  TYR 19  -5  ?   ?   ?   A . n 
A 1 20  PHE 20  -4  ?   ?   ?   A . n 
A 1 21  GLN 21  -3  ?   ?   ?   A . n 
A 1 22  SER 22  -2  ?   ?   ?   A . n 
A 1 23  ASN 23  -1  ?   ?   ?   A . n 
A 1 24  ALA 24  0   ?   ?   ?   A . n 
A 1 25  MET 25  1   ?   ?   ?   A . n 
A 1 26  ALA 26  2   ?   ?   ?   A . n 
A 1 27  GLU 27  3   ?   ?   ?   A . n 
A 1 28  GLN 28  4   ?   ?   ?   A . n 
A 1 29  PRO 29  5   ?   ?   ?   A . n 
A 1 30  PRO 30  6   ?   ?   ?   A . n 
A 1 31  GLU 31  7   ?   ?   ?   A . n 
A 1 32  THR 32  8   ?   ?   ?   A . n 
A 1 33  HIS 33  9   ?   ?   ?   A . n 
A 1 34  ARG 34  10  10  ARG ARG A . n 
A 1 35  PHE 35  11  11  PHE PHE A . n 
A 1 36  VAL 36  12  12  VAL VAL A . n 
A 1 37  ASP 37  13  13  ASP ASP A . n 
A 1 38  ASP 38  14  14  ASP ASP A . n 
A 1 39  TYR 39  15  15  TYR TYR A . n 
A 1 40  LEU 40  16  16  LEU LEU A . n 
A 1 41  PRO 41  17  17  PRO PRO A . n 
A 1 42  ALA 42  18  18  ALA ALA A . n 
A 1 43  LEU 43  19  19  LEU LEU A . n 
A 1 44  LEU 44  20  20  LEU LEU A . n 
A 1 45  ALA 45  21  21  ALA ALA A . n 
A 1 46  GLN 46  22  22  GLN GLN A . n 
A 1 47  ALA 47  23  23  ALA ALA A . n 
A 1 48  SER 48  24  24  SER SER A . n 
A 1 49  GLN 49  25  25  GLN GLN A . n 
A 1 50  LEU 50  26  26  LEU LEU A . n 
A 1 51  ILE 51  27  27  ILE ILE A . n 
A 1 52  SER 52  28  28  SER SER A . n 
A 1 53  SER 53  29  29  SER SER A . n 
A 1 54  GLU 54  30  30  GLU GLU A . n 
A 1 55  PHE 55  31  31  PHE PHE A . n 
A 1 56  HIS 56  32  32  HIS HIS A . n 
A 1 57  GLU 57  33  33  GLU GLU A . n 
A 1 58  VAL 58  34  34  VAL VAL A . n 
A 1 59  ALA 59  35  35  ALA ALA A . n 
A 1 60  ARG 60  36  36  ARG ARG A . n 
A 1 61  GLN 61  37  37  GLN GLN A . n 
A 1 62  HIS 62  38  38  HIS HIS A . n 
A 1 63  GLY 63  39  39  GLY GLY A . n 
A 1 64  PHE 64  40  40  PHE PHE A . n 
A 1 65  SER 65  41  41  SER SER A . n 
A 1 66  VAL 66  42  42  VAL VAL A . n 
A 1 67  SER 67  43  43  SER SER A . n 
A 1 68  GLU 68  44  44  GLU GLU A . n 
A 1 69  TRP 69  45  45  TRP TRP A . n 
A 1 70  ARG 70  46  46  ARG ARG A . n 
A 1 71  VAL 71  47  47  VAL VAL A . n 
A 1 72  MET 72  48  48  MET MET A . n 
A 1 73  ALA 73  49  49  ALA ALA A . n 
A 1 74  SER 74  50  50  SER SER A . n 
A 1 75  LEU 75  51  51  LEU LEU A . n 
A 1 76  ALA 76  52  52  ALA ALA A . n 
A 1 77  GLY 77  53  53  GLY GLY A . n 
A 1 78  SER 78  54  54  SER SER A . n 
A 1 79  GLU 79  55  55  GLU GLU A . n 
A 1 80  PRO 80  56  56  PRO PRO A . n 
A 1 81  ILE 81  57  57  ILE ILE A . n 
A 1 82  SER 82  58  58  SER SER A . n 
A 1 83  ILE 83  59  59  ILE ILE A . n 
A 1 84  GLY 84  60  60  GLY GLY A . n 
A 1 85  GLN 85  61  61  GLN GLN A . n 
A 1 86  LEU 86  62  62  LEU LEU A . n 
A 1 87  ALA 87  63  63  ALA ALA A . n 
A 1 88  GLN 88  64  64  GLN GLN A . n 
A 1 89  VAL 89  65  65  VAL VAL A . n 
A 1 90  THR 90  66  66  THR THR A . n 
A 1 91  VAL 91  67  67  VAL VAL A . n 
A 1 92  THR 92  68  68  THR THR A . n 
A 1 93  LYS 93  69  69  LYS LYS A . n 
A 1 94  GLN 94  70  70  GLN GLN A . n 
A 1 95  PRO 95  71  71  PRO PRO A . n 
A 1 96  THR 96  72  72  THR THR A . n 
A 1 97  VAL 97  73  73  VAL VAL A . n 
A 1 98  THR 98  74  74  THR THR A . n 
A 1 99  ARG 99  75  75  ARG ARG A . n 
A 1 100 LEU 100 76  76  LEU LEU A . n 
A 1 101 LEU 101 77  77  LEU LEU A . n 
A 1 102 ASP 102 78  78  ASP ASP A . n 
A 1 103 ARG 103 79  79  ARG ARG A . n 
A 1 104 MET 104 80  80  MET MET A . n 
A 1 105 GLU 105 81  81  GLU GLU A . n 
A 1 106 ALA 106 82  82  ALA ALA A . n 
A 1 107 ARG 107 83  83  ARG ARG A . n 
A 1 108 GLY 108 84  84  GLY GLY A . n 
A 1 109 GLN 109 85  85  GLN GLN A . n 
A 1 110 VAL 110 86  86  VAL VAL A . n 
A 1 111 GLU 111 87  87  GLU GLU A . n 
A 1 112 ARG 112 88  88  ARG ARG A . n 
A 1 113 LEU 113 89  89  LEU LEU A . n 
A 1 114 PRO 114 90  90  PRO PRO A . n 
A 1 115 HIS 115 91  91  HIS HIS A . n 
A 1 116 GLU 116 92  ?   ?   ?   A . n 
A 1 117 SER 117 93  ?   ?   ?   A . n 
A 1 118 ASP 118 94  ?   ?   ?   A . n 
A 1 119 ARG 119 95  ?   ?   ?   A . n 
A 1 120 ARG 120 96  ?   ?   ?   A . n 
A 1 121 ILE 121 97  97  ILE ILE A . n 
A 1 122 THR 122 98  98  THR THR A . n 
A 1 123 LEU 123 99  99  LEU LEU A . n 
A 1 124 VAL 124 100 100 VAL VAL A . n 
A 1 125 ARG 125 101 101 ARG ARG A . n 
A 1 126 ILE 126 102 102 ILE ILE A . n 
A 1 127 THR 127 103 103 THR THR A . n 
A 1 128 ARG 128 104 104 ARG ARG A . n 
A 1 129 LYS 129 105 105 LYS LYS A . n 
A 1 130 GLY 130 106 106 GLY GLY A . n 
A 1 131 LEU 131 107 107 LEU LEU A . n 
A 1 132 LYS 132 108 108 LYS LYS A . n 
A 1 133 ALA 133 109 109 ALA ALA A . n 
A 1 134 VAL 134 110 110 VAL VAL A . n 
A 1 135 GLU 135 111 111 GLU GLU A . n 
A 1 136 HIS 136 112 112 HIS HIS A . n 
A 1 137 LEU 137 113 113 LEU LEU A . n 
A 1 138 MET 138 114 114 MET MET A . n 
A 1 139 GLU 139 115 115 GLU GLU A . n 
A 1 140 LEU 140 116 116 LEU LEU A . n 
A 1 141 ALA 141 117 117 ALA ALA A . n 
A 1 142 ARG 142 118 118 ARG ARG A . n 
A 1 143 GLU 143 119 119 GLU GLU A . n 
A 1 144 HIS 144 120 120 HIS HIS A . n 
A 1 145 GLU 145 121 121 GLU GLU A . n 
A 1 146 ARG 146 122 122 ARG ARG A . n 
A 1 147 ARG 147 123 123 ARG ARG A . n 
A 1 148 VAL 148 124 124 VAL VAL A . n 
A 1 149 LEU 149 125 125 LEU LEU A . n 
A 1 150 GLU 150 126 126 GLU GLU A . n 
A 1 151 PRO 151 127 127 PRO PRO A . n 
A 1 152 PHE 152 128 128 PHE PHE A . n 
A 1 153 GLY 153 129 129 GLY GLY A . n 
A 1 154 LEU 154 130 130 LEU LEU A . n 
A 1 155 ARG 155 131 131 ARG ARG A . n 
A 1 156 ARG 156 132 132 ARG ARG A . n 
A 1 157 ALA 157 133 133 ALA ALA A . n 
A 1 158 GLU 158 134 134 GLU GLU A . n 
A 1 159 GLU 159 135 135 GLU GLU A . n 
A 1 160 LEU 160 136 136 LEU LEU A . n 
A 1 161 LYS 161 137 137 LYS LYS A . n 
A 1 162 GLN 162 138 138 GLN GLN A . n 
A 1 163 THR 163 139 139 THR THR A . n 
A 1 164 LEU 164 140 140 LEU LEU A . n 
A 1 165 ARG 165 141 141 ARG ARG A . n 
A 1 166 GLN 166 142 142 GLN GLN A . n 
A 1 167 MET 167 143 143 MET MET A . n 
A 1 168 ILE 168 144 144 ILE ILE A . n 
A 1 169 ASP 169 145 145 ASP ASP A . n 
A 1 170 LEU 170 146 146 LEU LEU A . n 
A 1 171 HIS 171 147 147 HIS HIS A . n 
A 1 172 VAL 172 148 148 VAL VAL A . n 
A 1 173 HIS 173 149 149 HIS HIS A . n 
A 1 174 VAL 174 150 ?   ?   ?   A . n 
A 1 175 PRO 175 151 ?   ?   ?   A . n 
A 1 176 VAL 176 152 ?   ?   ?   A . n 
A 1 177 GLU 177 153 ?   ?   ?   A . n 
A 1 178 GLU 178 154 ?   ?   ?   A . n 
A 1 179 PRO 179 155 ?   ?   ?   A . n 
A 1 180 GLU 180 156 ?   ?   ?   A . n 
A 1 181 GLU 181 157 ?   ?   ?   A . n 
A 1 182 ASP 182 158 ?   ?   ?   A . n 
# 
loop_
_pdbx_nonpoly_scheme.asym_id 
_pdbx_nonpoly_scheme.entity_id 
_pdbx_nonpoly_scheme.mon_id 
_pdbx_nonpoly_scheme.ndb_seq_num 
_pdbx_nonpoly_scheme.pdb_seq_num 
_pdbx_nonpoly_scheme.auth_seq_num 
_pdbx_nonpoly_scheme.pdb_mon_id 
_pdbx_nonpoly_scheme.auth_mon_id 
_pdbx_nonpoly_scheme.pdb_strand_id 
_pdbx_nonpoly_scheme.pdb_ins_code 
B 2 CAQ 1   201 1   CAQ PCH A . 
C 3 SO4 1   202 1   SO4 SO4 A . 
D 3 SO4 1   203 2   SO4 SO4 A . 
E 3 SO4 1   204 3   SO4 SO4 A . 
F 4 HOH 1   302 91  HOH HOH A . 
F 4 HOH 2   303 118 HOH HOH A . 
F 4 HOH 3   304 22  HOH HOH A . 
F 4 HOH 4   305 109 HOH HOH A . 
F 4 HOH 5   306 51  HOH HOH A . 
F 4 HOH 6   307 121 HOH HOH A . 
F 4 HOH 7   308 74  HOH HOH A . 
F 4 HOH 8   309 96  HOH HOH A . 
F 4 HOH 9   310 12  HOH HOH A . 
F 4 HOH 10  311 75  HOH HOH A . 
F 4 HOH 11  312 115 HOH HOH A . 
F 4 HOH 12  313 89  HOH HOH A . 
F 4 HOH 13  314 76  HOH HOH A . 
F 4 HOH 14  315 119 HOH HOH A . 
F 4 HOH 15  316 54  HOH HOH A . 
F 4 HOH 16  317 19  HOH HOH A . 
F 4 HOH 17  318 52  HOH HOH A . 
F 4 HOH 18  319 77  HOH HOH A . 
F 4 HOH 19  320 26  HOH HOH A . 
F 4 HOH 20  321 32  HOH HOH A . 
F 4 HOH 21  322 1   HOH HOH A . 
F 4 HOH 22  323 20  HOH HOH A . 
F 4 HOH 23  324 90  HOH HOH A . 
F 4 HOH 24  325 29  HOH HOH A . 
F 4 HOH 25  326 36  HOH HOH A . 
F 4 HOH 26  327 80  HOH HOH A . 
F 4 HOH 27  328 21  HOH HOH A . 
F 4 HOH 28  329 117 HOH HOH A . 
F 4 HOH 29  330 2   HOH HOH A . 
F 4 HOH 30  331 68  HOH HOH A . 
F 4 HOH 31  332 15  HOH HOH A . 
F 4 HOH 32  333 72  HOH HOH A . 
F 4 HOH 33  334 39  HOH HOH A . 
F 4 HOH 34  335 63  HOH HOH A . 
F 4 HOH 35  336 14  HOH HOH A . 
F 4 HOH 36  337 66  HOH HOH A . 
F 4 HOH 37  338 3   HOH HOH A . 
F 4 HOH 38  339 9   HOH HOH A . 
F 4 HOH 39  340 27  HOH HOH A . 
F 4 HOH 40  341 28  HOH HOH A . 
F 4 HOH 41  342 42  HOH HOH A . 
F 4 HOH 42  343 10  HOH HOH A . 
F 4 HOH 43  344 40  HOH HOH A . 
F 4 HOH 44  345 17  HOH HOH A . 
F 4 HOH 45  346 48  HOH HOH A . 
F 4 HOH 46  347 44  HOH HOH A . 
F 4 HOH 47  348 43  HOH HOH A . 
F 4 HOH 48  349 57  HOH HOH A . 
F 4 HOH 49  350 47  HOH HOH A . 
F 4 HOH 50  351 13  HOH HOH A . 
F 4 HOH 51  352 73  HOH HOH A . 
F 4 HOH 52  353 34  HOH HOH A . 
F 4 HOH 53  354 6   HOH HOH A . 
F 4 HOH 54  355 69  HOH HOH A . 
F 4 HOH 55  356 24  HOH HOH A . 
F 4 HOH 56  357 5   HOH HOH A . 
F 4 HOH 57  358 81  HOH HOH A . 
F 4 HOH 58  359 46  HOH HOH A . 
F 4 HOH 59  360 103 HOH HOH A . 
F 4 HOH 60  361 35  HOH HOH A . 
F 4 HOH 61  362 30  HOH HOH A . 
F 4 HOH 62  363 33  HOH HOH A . 
F 4 HOH 63  364 25  HOH HOH A . 
F 4 HOH 64  365 60  HOH HOH A . 
F 4 HOH 65  366 88  HOH HOH A . 
F 4 HOH 66  367 79  HOH HOH A . 
F 4 HOH 67  368 37  HOH HOH A . 
F 4 HOH 68  369 87  HOH HOH A . 
F 4 HOH 69  370 18  HOH HOH A . 
F 4 HOH 70  371 8   HOH HOH A . 
F 4 HOH 71  372 99  HOH HOH A . 
F 4 HOH 72  373 7   HOH HOH A . 
F 4 HOH 73  374 84  HOH HOH A . 
F 4 HOH 74  375 107 HOH HOH A . 
F 4 HOH 75  376 71  HOH HOH A . 
F 4 HOH 76  377 4   HOH HOH A . 
F 4 HOH 77  378 49  HOH HOH A . 
F 4 HOH 78  379 45  HOH HOH A . 
F 4 HOH 79  380 16  HOH HOH A . 
F 4 HOH 80  381 23  HOH HOH A . 
F 4 HOH 81  382 98  HOH HOH A . 
F 4 HOH 82  383 112 HOH HOH A . 
F 4 HOH 83  384 31  HOH HOH A . 
F 4 HOH 84  385 86  HOH HOH A . 
F 4 HOH 85  386 83  HOH HOH A . 
F 4 HOH 86  387 41  HOH HOH A . 
F 4 HOH 87  388 56  HOH HOH A . 
F 4 HOH 88  389 70  HOH HOH A . 
F 4 HOH 89  390 61  HOH HOH A . 
F 4 HOH 90  391 95  HOH HOH A . 
F 4 HOH 91  392 38  HOH HOH A . 
F 4 HOH 92  393 55  HOH HOH A . 
F 4 HOH 93  394 85  HOH HOH A . 
F 4 HOH 94  395 105 HOH HOH A . 
F 4 HOH 95  396 93  HOH HOH A . 
F 4 HOH 96  397 11  HOH HOH A . 
F 4 HOH 97  398 67  HOH HOH A . 
F 4 HOH 98  399 94  HOH HOH A . 
F 4 HOH 99  400 82  HOH HOH A . 
F 4 HOH 100 401 108 HOH HOH A . 
F 4 HOH 101 402 50  HOH HOH A . 
F 4 HOH 102 403 111 HOH HOH A . 
F 4 HOH 103 404 114 HOH HOH A . 
F 4 HOH 104 405 65  HOH HOH A . 
F 4 HOH 105 406 64  HOH HOH A . 
F 4 HOH 106 407 92  HOH HOH A . 
F 4 HOH 107 408 122 HOH HOH A . 
F 4 HOH 108 409 106 HOH HOH A . 
F 4 HOH 109 410 62  HOH HOH A . 
F 4 HOH 110 411 58  HOH HOH A . 
F 4 HOH 111 412 59  HOH HOH A . 
F 4 HOH 112 413 97  HOH HOH A . 
F 4 HOH 113 414 116 HOH HOH A . 
F 4 HOH 114 415 104 HOH HOH A . 
# 
_pdbx_struct_assembly.id                   1 
_pdbx_struct_assembly.details              author_defined_assembly 
_pdbx_struct_assembly.method_details       ? 
_pdbx_struct_assembly.oligomeric_details   dimeric 
_pdbx_struct_assembly.oligomeric_count     2 
# 
loop_
_pdbx_struct_assembly_gen.assembly_id 
_pdbx_struct_assembly_gen.oper_expression 
_pdbx_struct_assembly_gen.asym_id_list 
1 1 A,B,C,D,E,F 
1 2 A,B,C,D,E,F 
# 
loop_
_pdbx_struct_oper_list.id 
_pdbx_struct_oper_list.type 
_pdbx_struct_oper_list.name 
_pdbx_struct_oper_list.symmetry_operation 
_pdbx_struct_oper_list.matrix[1][1] 
_pdbx_struct_oper_list.matrix[1][2] 
_pdbx_struct_oper_list.matrix[1][3] 
_pdbx_struct_oper_list.vector[1] 
_pdbx_struct_oper_list.matrix[2][1] 
_pdbx_struct_oper_list.matrix[2][2] 
_pdbx_struct_oper_list.matrix[2][3] 
_pdbx_struct_oper_list.vector[2] 
_pdbx_struct_oper_list.matrix[3][1] 
_pdbx_struct_oper_list.matrix[3][2] 
_pdbx_struct_oper_list.matrix[3][3] 
_pdbx_struct_oper_list.vector[3] 
1 'identity operation'         1_555 x,y,z     1.0000000000  0.0000000000 0.0000000000 0.0000000000   0.0000000000 1.0000000000  0.0000000000 0.0000000000   0.0000000000 0.0000000000 1.0000000000 0.0000000000 
2 'crystal symmetry operation' 2_565 -x,-y+1,z -0.6737883764 0.1828388858 0.7159463427 -13.3605702929 0.1828388858 -0.8975203342 0.4012819352 -14.5400605543 0.7159463427 0.4012819352 0.5713087106 9.8008207875 
# 
loop_
_pdbx_struct_special_symmetry.id 
_pdbx_struct_special_symmetry.PDB_model_num 
_pdbx_struct_special_symmetry.auth_asym_id 
_pdbx_struct_special_symmetry.auth_comp_id 
_pdbx_struct_special_symmetry.auth_seq_id 
_pdbx_struct_special_symmetry.PDB_ins_code 
_pdbx_struct_special_symmetry.label_asym_id 
_pdbx_struct_special_symmetry.label_comp_id 
_pdbx_struct_special_symmetry.label_seq_id 
1 1 A HOH 346 ? F HOH . 
2 1 A HOH 367 ? F HOH . 
3 1 A HOH 397 ? F HOH . 
4 1 A HOH 405 ? F HOH . 
# 
loop_
_pdbx_audit_revision_history.ordinal 
_pdbx_audit_revision_history.data_content_type 
_pdbx_audit_revision_history.major_revision 
_pdbx_audit_revision_history.minor_revision 
_pdbx_audit_revision_history.revision_date 
1 'Structure model' 1 0 2021-12-01 
2 'Structure model' 1 1 2022-11-23 
3 'Structure model' 1 2 2023-10-25 
# 
_pdbx_audit_revision_details.ordinal             1 
_pdbx_audit_revision_details.revision_ordinal    1 
_pdbx_audit_revision_details.data_content_type   'Structure model' 
_pdbx_audit_revision_details.provider            repository 
_pdbx_audit_revision_details.type                'Initial release' 
_pdbx_audit_revision_details.description         ? 
_pdbx_audit_revision_details.details             ? 
# 
loop_
_pdbx_audit_revision_group.ordinal 
_pdbx_audit_revision_group.revision_ordinal 
_pdbx_audit_revision_group.data_content_type 
_pdbx_audit_revision_group.group 
1 2 'Structure model' 'Database references'    
2 3 'Structure model' 'Data collection'        
3 3 'Structure model' 'Refinement description' 
# 
loop_
_pdbx_audit_revision_category.ordinal 
_pdbx_audit_revision_category.revision_ordinal 
_pdbx_audit_revision_category.data_content_type 
_pdbx_audit_revision_category.category 
1 2 'Structure model' citation                      
2 2 'Structure model' citation_author               
3 3 'Structure model' chem_comp_atom                
4 3 'Structure model' chem_comp_bond                
5 3 'Structure model' pdbx_initial_refinement_model 
# 
loop_
_pdbx_audit_revision_item.ordinal 
_pdbx_audit_revision_item.revision_ordinal 
_pdbx_audit_revision_item.data_content_type 
_pdbx_audit_revision_item.item 
1  2 'Structure model' '_citation.country'                 
2  2 'Structure model' '_citation.journal_abbrev'          
3  2 'Structure model' '_citation.journal_id_CSD'          
4  2 'Structure model' '_citation.journal_id_ISSN'         
5  2 'Structure model' '_citation.journal_volume'          
6  2 'Structure model' '_citation.page_first'              
7  2 'Structure model' '_citation.page_last'               
8  2 'Structure model' '_citation.pdbx_database_id_DOI'    
9  2 'Structure model' '_citation.pdbx_database_id_PubMed' 
10 2 'Structure model' '_citation.title'                   
11 2 'Structure model' '_citation.year'                    
# 
loop_
_space_group_symop.id 
_space_group_symop.operation_xyz 
1  x,y,z           
2  x,-y,-z         
3  -x,y,-z         
4  -x,-y,z         
5  x,y+1/2,z+1/2   
6  x,-y+1/2,-z+1/2 
7  -x,y+1/2,-z+1/2 
8  -x,-y+1/2,z+1/2 
9  x+1/2,y,z+1/2   
10 x+1/2,-y,-z+1/2 
11 -x+1/2,y,-z+1/2 
12 -x+1/2,-y,z+1/2 
13 x+1/2,y+1/2,z   
14 x+1/2,-y+1/2,-z 
15 -x+1/2,y+1/2,-z 
16 -x+1/2,-y+1/2,z 
# 
loop_
_software.citation_id 
_software.classification 
_software.compiler_name 
_software.compiler_version 
_software.contact_author 
_software.contact_author_email 
_software.date 
_software.description 
_software.dependencies 
_software.hardware 
_software.language 
_software.location 
_software.mods 
_software.name 
_software.os 
_software.os_version 
_software.type 
_software.version 
_software.pdbx_ordinal 
? refinement       ? ? ? ? ? ? ? ? ? ? ? PHENIX  ? ? ? 1.17.1_3660 1 
? 'data reduction' ? ? ? ? ? ? ? ? ? ? ? XDS     ? ? ? .           2 
? 'data scaling'   ? ? ? ? ? ? ? ? ? ? ? Aimless ? ? ? .           3 
? phasing          ? ? ? ? ? ? ? ? ? ? ? PHENIX  ? ? ? .           4 
# 
_pdbx_entry_details.entry_id                 7KK0 
_pdbx_entry_details.has_ligand_of_interest   N 
_pdbx_entry_details.compound_details         ? 
_pdbx_entry_details.source_details           ? 
_pdbx_entry_details.nonpolymer_details       ? 
_pdbx_entry_details.sequence_details         ? 
# 
loop_
_pdbx_validate_close_contact.id 
_pdbx_validate_close_contact.PDB_model_num 
_pdbx_validate_close_contact.auth_atom_id_1 
_pdbx_validate_close_contact.auth_asym_id_1 
_pdbx_validate_close_contact.auth_comp_id_1 
_pdbx_validate_close_contact.auth_seq_id_1 
_pdbx_validate_close_contact.PDB_ins_code_1 
_pdbx_validate_close_contact.label_alt_id_1 
_pdbx_validate_close_contact.auth_atom_id_2 
_pdbx_validate_close_contact.auth_asym_id_2 
_pdbx_validate_close_contact.auth_comp_id_2 
_pdbx_validate_close_contact.auth_seq_id_2 
_pdbx_validate_close_contact.PDB_ins_code_2 
_pdbx_validate_close_contact.label_alt_id_2 
_pdbx_validate_close_contact.dist 
1 1 O2  A SO4 203 ? ? O   A HOH 302 ? ? 1.91 
2 1 O   A HOH 382 ? ? O   A HOH 401 ? ? 2.01 
3 1 NE2 A GLN 138 ? ? OE1 A GLN 142 ? B 2.16 
# 
_pdbx_validate_symm_contact.id                1 
_pdbx_validate_symm_contact.PDB_model_num     1 
_pdbx_validate_symm_contact.auth_atom_id_1    O 
_pdbx_validate_symm_contact.auth_asym_id_1    A 
_pdbx_validate_symm_contact.auth_comp_id_1    HOH 
_pdbx_validate_symm_contact.auth_seq_id_1     366 
_pdbx_validate_symm_contact.PDB_ins_code_1    ? 
_pdbx_validate_symm_contact.label_alt_id_1    ? 
_pdbx_validate_symm_contact.site_symmetry_1   1_555 
_pdbx_validate_symm_contact.auth_atom_id_2    O 
_pdbx_validate_symm_contact.auth_asym_id_2    A 
_pdbx_validate_symm_contact.auth_comp_id_2    HOH 
_pdbx_validate_symm_contact.auth_seq_id_2     366 
_pdbx_validate_symm_contact.PDB_ins_code_2    ? 
_pdbx_validate_symm_contact.label_alt_id_2    ? 
_pdbx_validate_symm_contact.site_symmetry_2   11_555 
_pdbx_validate_symm_contact.dist              2.05 
# 
loop_
_pdbx_validate_rmsd_angle.id 
_pdbx_validate_rmsd_angle.PDB_model_num 
_pdbx_validate_rmsd_angle.auth_atom_id_1 
_pdbx_validate_rmsd_angle.auth_asym_id_1 
_pdbx_validate_rmsd_angle.auth_comp_id_1 
_pdbx_validate_rmsd_angle.auth_seq_id_1 
_pdbx_validate_rmsd_angle.PDB_ins_code_1 
_pdbx_validate_rmsd_angle.label_alt_id_1 
_pdbx_validate_rmsd_angle.auth_atom_id_2 
_pdbx_validate_rmsd_angle.auth_asym_id_2 
_pdbx_validate_rmsd_angle.auth_comp_id_2 
_pdbx_validate_rmsd_angle.auth_seq_id_2 
_pdbx_validate_rmsd_angle.PDB_ins_code_2 
_pdbx_validate_rmsd_angle.label_alt_id_2 
_pdbx_validate_rmsd_angle.auth_atom_id_3 
_pdbx_validate_rmsd_angle.auth_asym_id_3 
_pdbx_validate_rmsd_angle.auth_comp_id_3 
_pdbx_validate_rmsd_angle.auth_seq_id_3 
_pdbx_validate_rmsd_angle.PDB_ins_code_3 
_pdbx_validate_rmsd_angle.label_alt_id_3 
_pdbx_validate_rmsd_angle.angle_value 
_pdbx_validate_rmsd_angle.angle_target_value 
_pdbx_validate_rmsd_angle.angle_deviation 
_pdbx_validate_rmsd_angle.angle_standard_deviation 
_pdbx_validate_rmsd_angle.linker_flag 
1 1 CG A ARG 75 ? ? CD A ARG 75 ? ? NE  A ARG 75 ? ? 94.95  111.80 -16.85 2.10 N 
2 1 NE A ARG 75 ? ? CZ A ARG 75 ? ? NH1 A ARG 75 ? ? 125.23 120.30 4.93   0.50 N 
3 1 NE A ARG 75 ? ? CZ A ARG 75 ? ? NH2 A ARG 75 ? ? 108.56 120.30 -11.74 0.50 N 
# 
loop_
_pdbx_unobs_or_zero_occ_residues.id 
_pdbx_unobs_or_zero_occ_residues.PDB_model_num 
_pdbx_unobs_or_zero_occ_residues.polymer_flag 
_pdbx_unobs_or_zero_occ_residues.occupancy_flag 
_pdbx_unobs_or_zero_occ_residues.auth_asym_id 
_pdbx_unobs_or_zero_occ_residues.auth_comp_id 
_pdbx_unobs_or_zero_occ_residues.auth_seq_id 
_pdbx_unobs_or_zero_occ_residues.PDB_ins_code 
_pdbx_unobs_or_zero_occ_residues.label_asym_id 
_pdbx_unobs_or_zero_occ_residues.label_comp_id 
_pdbx_unobs_or_zero_occ_residues.label_seq_id 
1  1 Y 1 A MET -23 ? A MET 1   
2  1 Y 1 A HIS -22 ? A HIS 2   
3  1 Y 1 A HIS -21 ? A HIS 3   
4  1 Y 1 A HIS -20 ? A HIS 4   
5  1 Y 1 A HIS -19 ? A HIS 5   
6  1 Y 1 A HIS -18 ? A HIS 6   
7  1 Y 1 A HIS -17 ? A HIS 7   
8  1 Y 1 A SER -16 ? A SER 8   
9  1 Y 1 A SER -15 ? A SER 9   
10 1 Y 1 A GLY -14 ? A GLY 10  
11 1 Y 1 A VAL -13 ? A VAL 11  
12 1 Y 1 A ASP -12 ? A ASP 12  
13 1 Y 1 A LEU -11 ? A LEU 13  
14 1 Y 1 A GLY -10 ? A GLY 14  
15 1 Y 1 A THR -9  ? A THR 15  
16 1 Y 1 A GLU -8  ? A GLU 16  
17 1 Y 1 A ASN -7  ? A ASN 17  
18 1 Y 1 A LEU -6  ? A LEU 18  
19 1 Y 1 A TYR -5  ? A TYR 19  
20 1 Y 1 A PHE -4  ? A PHE 20  
21 1 Y 1 A GLN -3  ? A GLN 21  
22 1 Y 1 A SER -2  ? A SER 22  
23 1 Y 1 A ASN -1  ? A ASN 23  
24 1 Y 1 A ALA 0   ? A ALA 24  
25 1 Y 1 A MET 1   ? A MET 25  
26 1 Y 1 A ALA 2   ? A ALA 26  
27 1 Y 1 A GLU 3   ? A GLU 27  
28 1 Y 1 A GLN 4   ? A GLN 28  
29 1 Y 1 A PRO 5   ? A PRO 29  
30 1 Y 1 A PRO 6   ? A PRO 30  
31 1 Y 1 A GLU 7   ? A GLU 31  
32 1 Y 1 A THR 8   ? A THR 32  
33 1 Y 1 A HIS 9   ? A HIS 33  
34 1 Y 1 A GLU 92  ? A GLU 116 
35 1 Y 1 A SER 93  ? A SER 117 
36 1 Y 1 A ASP 94  ? A ASP 118 
37 1 Y 1 A ARG 95  ? A ARG 119 
38 1 Y 1 A ARG 96  ? A ARG 120 
39 1 Y 1 A VAL 150 ? A VAL 174 
40 1 Y 1 A PRO 151 ? A PRO 175 
41 1 Y 1 A VAL 152 ? A VAL 176 
42 1 Y 1 A GLU 153 ? A GLU 177 
43 1 Y 1 A GLU 154 ? A GLU 178 
44 1 Y 1 A PRO 155 ? A PRO 179 
45 1 Y 1 A GLU 156 ? A GLU 180 
46 1 Y 1 A GLU 157 ? A GLU 181 
47 1 Y 1 A ASP 158 ? A ASP 182 
# 
loop_
_chem_comp_atom.comp_id 
_chem_comp_atom.atom_id 
_chem_comp_atom.type_symbol 
_chem_comp_atom.pdbx_aromatic_flag 
_chem_comp_atom.pdbx_stereo_config 
_chem_comp_atom.pdbx_ordinal 
ALA N    N N N 1   
ALA CA   C N S 2   
ALA C    C N N 3   
ALA O    O N N 4   
ALA CB   C N N 5   
ALA OXT  O N N 6   
ALA H    H N N 7   
ALA H2   H N N 8   
ALA HA   H N N 9   
ALA HB1  H N N 10  
ALA HB2  H N N 11  
ALA HB3  H N N 12  
ALA HXT  H N N 13  
ARG N    N N N 14  
ARG CA   C N S 15  
ARG C    C N N 16  
ARG O    O N N 17  
ARG CB   C N N 18  
ARG CG   C N N 19  
ARG CD   C N N 20  
ARG NE   N N N 21  
ARG CZ   C N N 22  
ARG NH1  N N N 23  
ARG NH2  N N N 24  
ARG OXT  O N N 25  
ARG H    H N N 26  
ARG H2   H N N 27  
ARG HA   H N N 28  
ARG HB2  H N N 29  
ARG HB3  H N N 30  
ARG HG2  H N N 31  
ARG HG3  H N N 32  
ARG HD2  H N N 33  
ARG HD3  H N N 34  
ARG HE   H N N 35  
ARG HH11 H N N 36  
ARG HH12 H N N 37  
ARG HH21 H N N 38  
ARG HH22 H N N 39  
ARG HXT  H N N 40  
ASN N    N N N 41  
ASN CA   C N S 42  
ASN C    C N N 43  
ASN O    O N N 44  
ASN CB   C N N 45  
ASN CG   C N N 46  
ASN OD1  O N N 47  
ASN ND2  N N N 48  
ASN OXT  O N N 49  
ASN H    H N N 50  
ASN H2   H N N 51  
ASN HA   H N N 52  
ASN HB2  H N N 53  
ASN HB3  H N N 54  
ASN HD21 H N N 55  
ASN HD22 H N N 56  
ASN HXT  H N N 57  
ASP N    N N N 58  
ASP CA   C N S 59  
ASP C    C N N 60  
ASP O    O N N 61  
ASP CB   C N N 62  
ASP CG   C N N 63  
ASP OD1  O N N 64  
ASP OD2  O N N 65  
ASP OXT  O N N 66  
ASP H    H N N 67  
ASP H2   H N N 68  
ASP HA   H N N 69  
ASP HB2  H N N 70  
ASP HB3  H N N 71  
ASP HD2  H N N 72  
ASP HXT  H N N 73  
CAQ C1   C Y N 74  
CAQ C2   C Y N 75  
CAQ C3   C Y N 76  
CAQ O3   O N N 77  
CAQ C4   C Y N 78  
CAQ O4   O N N 79  
CAQ C5   C Y N 80  
CAQ C6   C Y N 81  
CAQ H1   H N N 82  
CAQ H2   H N N 83  
CAQ HO3  H N N 84  
CAQ HO4  H N N 85  
CAQ H5   H N N 86  
CAQ H6   H N N 87  
GLN N    N N N 88  
GLN CA   C N S 89  
GLN C    C N N 90  
GLN O    O N N 91  
GLN CB   C N N 92  
GLN CG   C N N 93  
GLN CD   C N N 94  
GLN OE1  O N N 95  
GLN NE2  N N N 96  
GLN OXT  O N N 97  
GLN H    H N N 98  
GLN H2   H N N 99  
GLN HA   H N N 100 
GLN HB2  H N N 101 
GLN HB3  H N N 102 
GLN HG2  H N N 103 
GLN HG3  H N N 104 
GLN HE21 H N N 105 
GLN HE22 H N N 106 
GLN HXT  H N N 107 
GLU N    N N N 108 
GLU CA   C N S 109 
GLU C    C N N 110 
GLU O    O N N 111 
GLU CB   C N N 112 
GLU CG   C N N 113 
GLU CD   C N N 114 
GLU OE1  O N N 115 
GLU OE2  O N N 116 
GLU OXT  O N N 117 
GLU H    H N N 118 
GLU H2   H N N 119 
GLU HA   H N N 120 
GLU HB2  H N N 121 
GLU HB3  H N N 122 
GLU HG2  H N N 123 
GLU HG3  H N N 124 
GLU HE2  H N N 125 
GLU HXT  H N N 126 
GLY N    N N N 127 
GLY CA   C N N 128 
GLY C    C N N 129 
GLY O    O N N 130 
GLY OXT  O N N 131 
GLY H    H N N 132 
GLY H2   H N N 133 
GLY HA2  H N N 134 
GLY HA3  H N N 135 
GLY HXT  H N N 136 
HIS N    N N N 137 
HIS CA   C N S 138 
HIS C    C N N 139 
HIS O    O N N 140 
HIS CB   C N N 141 
HIS CG   C Y N 142 
HIS ND1  N Y N 143 
HIS CD2  C Y N 144 
HIS CE1  C Y N 145 
HIS NE2  N Y N 146 
HIS OXT  O N N 147 
HIS H    H N N 148 
HIS H2   H N N 149 
HIS HA   H N N 150 
HIS HB2  H N N 151 
HIS HB3  H N N 152 
HIS HD1  H N N 153 
HIS HD2  H N N 154 
HIS HE1  H N N 155 
HIS HE2  H N N 156 
HIS HXT  H N N 157 
HOH O    O N N 158 
HOH H1   H N N 159 
HOH H2   H N N 160 
ILE N    N N N 161 
ILE CA   C N S 162 
ILE C    C N N 163 
ILE O    O N N 164 
ILE CB   C N S 165 
ILE CG1  C N N 166 
ILE CG2  C N N 167 
ILE CD1  C N N 168 
ILE OXT  O N N 169 
ILE H    H N N 170 
ILE H2   H N N 171 
ILE HA   H N N 172 
ILE HB   H N N 173 
ILE HG12 H N N 174 
ILE HG13 H N N 175 
ILE HG21 H N N 176 
ILE HG22 H N N 177 
ILE HG23 H N N 178 
ILE HD11 H N N 179 
ILE HD12 H N N 180 
ILE HD13 H N N 181 
ILE HXT  H N N 182 
LEU N    N N N 183 
LEU CA   C N S 184 
LEU C    C N N 185 
LEU O    O N N 186 
LEU CB   C N N 187 
LEU CG   C N N 188 
LEU CD1  C N N 189 
LEU CD2  C N N 190 
LEU OXT  O N N 191 
LEU H    H N N 192 
LEU H2   H N N 193 
LEU HA   H N N 194 
LEU HB2  H N N 195 
LEU HB3  H N N 196 
LEU HG   H N N 197 
LEU HD11 H N N 198 
LEU HD12 H N N 199 
LEU HD13 H N N 200 
LEU HD21 H N N 201 
LEU HD22 H N N 202 
LEU HD23 H N N 203 
LEU HXT  H N N 204 
LYS N    N N N 205 
LYS CA   C N S 206 
LYS C    C N N 207 
LYS O    O N N 208 
LYS CB   C N N 209 
LYS CG   C N N 210 
LYS CD   C N N 211 
LYS CE   C N N 212 
LYS NZ   N N N 213 
LYS OXT  O N N 214 
LYS H    H N N 215 
LYS H2   H N N 216 
LYS HA   H N N 217 
LYS HB2  H N N 218 
LYS HB3  H N N 219 
LYS HG2  H N N 220 
LYS HG3  H N N 221 
LYS HD2  H N N 222 
LYS HD3  H N N 223 
LYS HE2  H N N 224 
LYS HE3  H N N 225 
LYS HZ1  H N N 226 
LYS HZ2  H N N 227 
LYS HZ3  H N N 228 
LYS HXT  H N N 229 
MET N    N N N 230 
MET CA   C N S 231 
MET C    C N N 232 
MET O    O N N 233 
MET CB   C N N 234 
MET CG   C N N 235 
MET SD   S N N 236 
MET CE   C N N 237 
MET OXT  O N N 238 
MET H    H N N 239 
MET H2   H N N 240 
MET HA   H N N 241 
MET HB2  H N N 242 
MET HB3  H N N 243 
MET HG2  H N N 244 
MET HG3  H N N 245 
MET HE1  H N N 246 
MET HE2  H N N 247 
MET HE3  H N N 248 
MET HXT  H N N 249 
PHE N    N N N 250 
PHE CA   C N S 251 
PHE C    C N N 252 
PHE O    O N N 253 
PHE CB   C N N 254 
PHE CG   C Y N 255 
PHE CD1  C Y N 256 
PHE CD2  C Y N 257 
PHE CE1  C Y N 258 
PHE CE2  C Y N 259 
PHE CZ   C Y N 260 
PHE OXT  O N N 261 
PHE H    H N N 262 
PHE H2   H N N 263 
PHE HA   H N N 264 
PHE HB2  H N N 265 
PHE HB3  H N N 266 
PHE HD1  H N N 267 
PHE HD2  H N N 268 
PHE HE1  H N N 269 
PHE HE2  H N N 270 
PHE HZ   H N N 271 
PHE HXT  H N N 272 
PRO N    N N N 273 
PRO CA   C N S 274 
PRO C    C N N 275 
PRO O    O N N 276 
PRO CB   C N N 277 
PRO CG   C N N 278 
PRO CD   C N N 279 
PRO OXT  O N N 280 
PRO H    H N N 281 
PRO HA   H N N 282 
PRO HB2  H N N 283 
PRO HB3  H N N 284 
PRO HG2  H N N 285 
PRO HG3  H N N 286 
PRO HD2  H N N 287 
PRO HD3  H N N 288 
PRO HXT  H N N 289 
SER N    N N N 290 
SER CA   C N S 291 
SER C    C N N 292 
SER O    O N N 293 
SER CB   C N N 294 
SER OG   O N N 295 
SER OXT  O N N 296 
SER H    H N N 297 
SER H2   H N N 298 
SER HA   H N N 299 
SER HB2  H N N 300 
SER HB3  H N N 301 
SER HG   H N N 302 
SER HXT  H N N 303 
SO4 S    S N N 304 
SO4 O1   O N N 305 
SO4 O2   O N N 306 
SO4 O3   O N N 307 
SO4 O4   O N N 308 
THR N    N N N 309 
THR CA   C N S 310 
THR C    C N N 311 
THR O    O N N 312 
THR CB   C N R 313 
THR OG1  O N N 314 
THR CG2  C N N 315 
THR OXT  O N N 316 
THR H    H N N 317 
THR H2   H N N 318 
THR HA   H N N 319 
THR HB   H N N 320 
THR HG1  H N N 321 
THR HG21 H N N 322 
THR HG22 H N N 323 
THR HG23 H N N 324 
THR HXT  H N N 325 
TRP N    N N N 326 
TRP CA   C N S 327 
TRP C    C N N 328 
TRP O    O N N 329 
TRP CB   C N N 330 
TRP CG   C Y N 331 
TRP CD1  C Y N 332 
TRP CD2  C Y N 333 
TRP NE1  N Y N 334 
TRP CE2  C Y N 335 
TRP CE3  C Y N 336 
TRP CZ2  C Y N 337 
TRP CZ3  C Y N 338 
TRP CH2  C Y N 339 
TRP OXT  O N N 340 
TRP H    H N N 341 
TRP H2   H N N 342 
TRP HA   H N N 343 
TRP HB2  H N N 344 
TRP HB3  H N N 345 
TRP HD1  H N N 346 
TRP HE1  H N N 347 
TRP HE3  H N N 348 
TRP HZ2  H N N 349 
TRP HZ3  H N N 350 
TRP HH2  H N N 351 
TRP HXT  H N N 352 
TYR N    N N N 353 
TYR CA   C N S 354 
TYR C    C N N 355 
TYR O    O N N 356 
TYR CB   C N N 357 
TYR CG   C Y N 358 
TYR CD1  C Y N 359 
TYR CD2  C Y N 360 
TYR CE1  C Y N 361 
TYR CE2  C Y N 362 
TYR CZ   C Y N 363 
TYR OH   O N N 364 
TYR OXT  O N N 365 
TYR H    H N N 366 
TYR H2   H N N 367 
TYR HA   H N N 368 
TYR HB2  H N N 369 
TYR HB3  H N N 370 
TYR HD1  H N N 371 
TYR HD2  H N N 372 
TYR HE1  H N N 373 
TYR HE2  H N N 374 
TYR HH   H N N 375 
TYR HXT  H N N 376 
VAL N    N N N 377 
VAL CA   C N S 378 
VAL C    C N N 379 
VAL O    O N N 380 
VAL CB   C N N 381 
VAL CG1  C N N 382 
VAL CG2  C N N 383 
VAL OXT  O N N 384 
VAL H    H N N 385 
VAL H2   H N N 386 
VAL HA   H N N 387 
VAL HB   H N N 388 
VAL HG11 H N N 389 
VAL HG12 H N N 390 
VAL HG13 H N N 391 
VAL HG21 H N N 392 
VAL HG22 H N N 393 
VAL HG23 H N N 394 
VAL HXT  H N N 395 
# 
loop_
_chem_comp_bond.comp_id 
_chem_comp_bond.atom_id_1 
_chem_comp_bond.atom_id_2 
_chem_comp_bond.value_order 
_chem_comp_bond.pdbx_aromatic_flag 
_chem_comp_bond.pdbx_stereo_config 
_chem_comp_bond.pdbx_ordinal 
ALA N   CA   sing N N 1   
ALA N   H    sing N N 2   
ALA N   H2   sing N N 3   
ALA CA  C    sing N N 4   
ALA CA  CB   sing N N 5   
ALA CA  HA   sing N N 6   
ALA C   O    doub N N 7   
ALA C   OXT  sing N N 8   
ALA CB  HB1  sing N N 9   
ALA CB  HB2  sing N N 10  
ALA CB  HB3  sing N N 11  
ALA OXT HXT  sing N N 12  
ARG N   CA   sing N N 13  
ARG N   H    sing N N 14  
ARG N   H2   sing N N 15  
ARG CA  C    sing N N 16  
ARG CA  CB   sing N N 17  
ARG CA  HA   sing N N 18  
ARG C   O    doub N N 19  
ARG C   OXT  sing N N 20  
ARG CB  CG   sing N N 21  
ARG CB  HB2  sing N N 22  
ARG CB  HB3  sing N N 23  
ARG CG  CD   sing N N 24  
ARG CG  HG2  sing N N 25  
ARG CG  HG3  sing N N 26  
ARG CD  NE   sing N N 27  
ARG CD  HD2  sing N N 28  
ARG CD  HD3  sing N N 29  
ARG NE  CZ   sing N N 30  
ARG NE  HE   sing N N 31  
ARG CZ  NH1  sing N N 32  
ARG CZ  NH2  doub N N 33  
ARG NH1 HH11 sing N N 34  
ARG NH1 HH12 sing N N 35  
ARG NH2 HH21 sing N N 36  
ARG NH2 HH22 sing N N 37  
ARG OXT HXT  sing N N 38  
ASN N   CA   sing N N 39  
ASN N   H    sing N N 40  
ASN N   H2   sing N N 41  
ASN CA  C    sing N N 42  
ASN CA  CB   sing N N 43  
ASN CA  HA   sing N N 44  
ASN C   O    doub N N 45  
ASN C   OXT  sing N N 46  
ASN CB  CG   sing N N 47  
ASN CB  HB2  sing N N 48  
ASN CB  HB3  sing N N 49  
ASN CG  OD1  doub N N 50  
ASN CG  ND2  sing N N 51  
ASN ND2 HD21 sing N N 52  
ASN ND2 HD22 sing N N 53  
ASN OXT HXT  sing N N 54  
ASP N   CA   sing N N 55  
ASP N   H    sing N N 56  
ASP N   H2   sing N N 57  
ASP CA  C    sing N N 58  
ASP CA  CB   sing N N 59  
ASP CA  HA   sing N N 60  
ASP C   O    doub N N 61  
ASP C   OXT  sing N N 62  
ASP CB  CG   sing N N 63  
ASP CB  HB2  sing N N 64  
ASP CB  HB3  sing N N 65  
ASP CG  OD1  doub N N 66  
ASP CG  OD2  sing N N 67  
ASP OD2 HD2  sing N N 68  
ASP OXT HXT  sing N N 69  
CAQ C1  C2   doub Y N 70  
CAQ C1  C6   sing Y N 71  
CAQ C1  H1   sing N N 72  
CAQ C2  C3   sing Y N 73  
CAQ C2  H2   sing N N 74  
CAQ C3  O3   sing N N 75  
CAQ C3  C4   doub Y N 76  
CAQ O3  HO3  sing N N 77  
CAQ C4  O4   sing N N 78  
CAQ C4  C5   sing Y N 79  
CAQ O4  HO4  sing N N 80  
CAQ C5  C6   doub Y N 81  
CAQ C5  H5   sing N N 82  
CAQ C6  H6   sing N N 83  
GLN N   CA   sing N N 84  
GLN N   H    sing N N 85  
GLN N   H2   sing N N 86  
GLN CA  C    sing N N 87  
GLN CA  CB   sing N N 88  
GLN CA  HA   sing N N 89  
GLN C   O    doub N N 90  
GLN C   OXT  sing N N 91  
GLN CB  CG   sing N N 92  
GLN CB  HB2  sing N N 93  
GLN CB  HB3  sing N N 94  
GLN CG  CD   sing N N 95  
GLN CG  HG2  sing N N 96  
GLN CG  HG3  sing N N 97  
GLN CD  OE1  doub N N 98  
GLN CD  NE2  sing N N 99  
GLN NE2 HE21 sing N N 100 
GLN NE2 HE22 sing N N 101 
GLN OXT HXT  sing N N 102 
GLU N   CA   sing N N 103 
GLU N   H    sing N N 104 
GLU N   H2   sing N N 105 
GLU CA  C    sing N N 106 
GLU CA  CB   sing N N 107 
GLU CA  HA   sing N N 108 
GLU C   O    doub N N 109 
GLU C   OXT  sing N N 110 
GLU CB  CG   sing N N 111 
GLU CB  HB2  sing N N 112 
GLU CB  HB3  sing N N 113 
GLU CG  CD   sing N N 114 
GLU CG  HG2  sing N N 115 
GLU CG  HG3  sing N N 116 
GLU CD  OE1  doub N N 117 
GLU CD  OE2  sing N N 118 
GLU OE2 HE2  sing N N 119 
GLU OXT HXT  sing N N 120 
GLY N   CA   sing N N 121 
GLY N   H    sing N N 122 
GLY N   H2   sing N N 123 
GLY CA  C    sing N N 124 
GLY CA  HA2  sing N N 125 
GLY CA  HA3  sing N N 126 
GLY C   O    doub N N 127 
GLY C   OXT  sing N N 128 
GLY OXT HXT  sing N N 129 
HIS N   CA   sing N N 130 
HIS N   H    sing N N 131 
HIS N   H2   sing N N 132 
HIS CA  C    sing N N 133 
HIS CA  CB   sing N N 134 
HIS CA  HA   sing N N 135 
HIS C   O    doub N N 136 
HIS C   OXT  sing N N 137 
HIS CB  CG   sing N N 138 
HIS CB  HB2  sing N N 139 
HIS CB  HB3  sing N N 140 
HIS CG  ND1  sing Y N 141 
HIS CG  CD2  doub Y N 142 
HIS ND1 CE1  doub Y N 143 
HIS ND1 HD1  sing N N 144 
HIS CD2 NE2  sing Y N 145 
HIS CD2 HD2  sing N N 146 
HIS CE1 NE2  sing Y N 147 
HIS CE1 HE1  sing N N 148 
HIS NE2 HE2  sing N N 149 
HIS OXT HXT  sing N N 150 
HOH O   H1   sing N N 151 
HOH O   H2   sing N N 152 
ILE N   CA   sing N N 153 
ILE N   H    sing N N 154 
ILE N   H2   sing N N 155 
ILE CA  C    sing N N 156 
ILE CA  CB   sing N N 157 
ILE CA  HA   sing N N 158 
ILE C   O    doub N N 159 
ILE C   OXT  sing N N 160 
ILE CB  CG1  sing N N 161 
ILE CB  CG2  sing N N 162 
ILE CB  HB   sing N N 163 
ILE CG1 CD1  sing N N 164 
ILE CG1 HG12 sing N N 165 
ILE CG1 HG13 sing N N 166 
ILE CG2 HG21 sing N N 167 
ILE CG2 HG22 sing N N 168 
ILE CG2 HG23 sing N N 169 
ILE CD1 HD11 sing N N 170 
ILE CD1 HD12 sing N N 171 
ILE CD1 HD13 sing N N 172 
ILE OXT HXT  sing N N 173 
LEU N   CA   sing N N 174 
LEU N   H    sing N N 175 
LEU N   H2   sing N N 176 
LEU CA  C    sing N N 177 
LEU CA  CB   sing N N 178 
LEU CA  HA   sing N N 179 
LEU C   O    doub N N 180 
LEU C   OXT  sing N N 181 
LEU CB  CG   sing N N 182 
LEU CB  HB2  sing N N 183 
LEU CB  HB3  sing N N 184 
LEU CG  CD1  sing N N 185 
LEU CG  CD2  sing N N 186 
LEU CG  HG   sing N N 187 
LEU CD1 HD11 sing N N 188 
LEU CD1 HD12 sing N N 189 
LEU CD1 HD13 sing N N 190 
LEU CD2 HD21 sing N N 191 
LEU CD2 HD22 sing N N 192 
LEU CD2 HD23 sing N N 193 
LEU OXT HXT  sing N N 194 
LYS N   CA   sing N N 195 
LYS N   H    sing N N 196 
LYS N   H2   sing N N 197 
LYS CA  C    sing N N 198 
LYS CA  CB   sing N N 199 
LYS CA  HA   sing N N 200 
LYS C   O    doub N N 201 
LYS C   OXT  sing N N 202 
LYS CB  CG   sing N N 203 
LYS CB  HB2  sing N N 204 
LYS CB  HB3  sing N N 205 
LYS CG  CD   sing N N 206 
LYS CG  HG2  sing N N 207 
LYS CG  HG3  sing N N 208 
LYS CD  CE   sing N N 209 
LYS CD  HD2  sing N N 210 
LYS CD  HD3  sing N N 211 
LYS CE  NZ   sing N N 212 
LYS CE  HE2  sing N N 213 
LYS CE  HE3  sing N N 214 
LYS NZ  HZ1  sing N N 215 
LYS NZ  HZ2  sing N N 216 
LYS NZ  HZ3  sing N N 217 
LYS OXT HXT  sing N N 218 
MET N   CA   sing N N 219 
MET N   H    sing N N 220 
MET N   H2   sing N N 221 
MET CA  C    sing N N 222 
MET CA  CB   sing N N 223 
MET CA  HA   sing N N 224 
MET C   O    doub N N 225 
MET C   OXT  sing N N 226 
MET CB  CG   sing N N 227 
MET CB  HB2  sing N N 228 
MET CB  HB3  sing N N 229 
MET CG  SD   sing N N 230 
MET CG  HG2  sing N N 231 
MET CG  HG3  sing N N 232 
MET SD  CE   sing N N 233 
MET CE  HE1  sing N N 234 
MET CE  HE2  sing N N 235 
MET CE  HE3  sing N N 236 
MET OXT HXT  sing N N 237 
PHE N   CA   sing N N 238 
PHE N   H    sing N N 239 
PHE N   H2   sing N N 240 
PHE CA  C    sing N N 241 
PHE CA  CB   sing N N 242 
PHE CA  HA   sing N N 243 
PHE C   O    doub N N 244 
PHE C   OXT  sing N N 245 
PHE CB  CG   sing N N 246 
PHE CB  HB2  sing N N 247 
PHE CB  HB3  sing N N 248 
PHE CG  CD1  doub Y N 249 
PHE CG  CD2  sing Y N 250 
PHE CD1 CE1  sing Y N 251 
PHE CD1 HD1  sing N N 252 
PHE CD2 CE2  doub Y N 253 
PHE CD2 HD2  sing N N 254 
PHE CE1 CZ   doub Y N 255 
PHE CE1 HE1  sing N N 256 
PHE CE2 CZ   sing Y N 257 
PHE CE2 HE2  sing N N 258 
PHE CZ  HZ   sing N N 259 
PHE OXT HXT  sing N N 260 
PRO N   CA   sing N N 261 
PRO N   CD   sing N N 262 
PRO N   H    sing N N 263 
PRO CA  C    sing N N 264 
PRO CA  CB   sing N N 265 
PRO CA  HA   sing N N 266 
PRO C   O    doub N N 267 
PRO C   OXT  sing N N 268 
PRO CB  CG   sing N N 269 
PRO CB  HB2  sing N N 270 
PRO CB  HB3  sing N N 271 
PRO CG  CD   sing N N 272 
PRO CG  HG2  sing N N 273 
PRO CG  HG3  sing N N 274 
PRO CD  HD2  sing N N 275 
PRO CD  HD3  sing N N 276 
PRO OXT HXT  sing N N 277 
SER N   CA   sing N N 278 
SER N   H    sing N N 279 
SER N   H2   sing N N 280 
SER CA  C    sing N N 281 
SER CA  CB   sing N N 282 
SER CA  HA   sing N N 283 
SER C   O    doub N N 284 
SER C   OXT  sing N N 285 
SER CB  OG   sing N N 286 
SER CB  HB2  sing N N 287 
SER CB  HB3  sing N N 288 
SER OG  HG   sing N N 289 
SER OXT HXT  sing N N 290 
SO4 S   O1   doub N N 291 
SO4 S   O2   doub N N 292 
SO4 S   O3   sing N N 293 
SO4 S   O4   sing N N 294 
THR N   CA   sing N N 295 
THR N   H    sing N N 296 
THR N   H2   sing N N 297 
THR CA  C    sing N N 298 
THR CA  CB   sing N N 299 
THR CA  HA   sing N N 300 
THR C   O    doub N N 301 
THR C   OXT  sing N N 302 
THR CB  OG1  sing N N 303 
THR CB  CG2  sing N N 304 
THR CB  HB   sing N N 305 
THR OG1 HG1  sing N N 306 
THR CG2 HG21 sing N N 307 
THR CG2 HG22 sing N N 308 
THR CG2 HG23 sing N N 309 
THR OXT HXT  sing N N 310 
TRP N   CA   sing N N 311 
TRP N   H    sing N N 312 
TRP N   H2   sing N N 313 
TRP CA  C    sing N N 314 
TRP CA  CB   sing N N 315 
TRP CA  HA   sing N N 316 
TRP C   O    doub N N 317 
TRP C   OXT  sing N N 318 
TRP CB  CG   sing N N 319 
TRP CB  HB2  sing N N 320 
TRP CB  HB3  sing N N 321 
TRP CG  CD1  doub Y N 322 
TRP CG  CD2  sing Y N 323 
TRP CD1 NE1  sing Y N 324 
TRP CD1 HD1  sing N N 325 
TRP CD2 CE2  doub Y N 326 
TRP CD2 CE3  sing Y N 327 
TRP NE1 CE2  sing Y N 328 
TRP NE1 HE1  sing N N 329 
TRP CE2 CZ2  sing Y N 330 
TRP CE3 CZ3  doub Y N 331 
TRP CE3 HE3  sing N N 332 
TRP CZ2 CH2  doub Y N 333 
TRP CZ2 HZ2  sing N N 334 
TRP CZ3 CH2  sing Y N 335 
TRP CZ3 HZ3  sing N N 336 
TRP CH2 HH2  sing N N 337 
TRP OXT HXT  sing N N 338 
TYR N   CA   sing N N 339 
TYR N   H    sing N N 340 
TYR N   H2   sing N N 341 
TYR CA  C    sing N N 342 
TYR CA  CB   sing N N 343 
TYR CA  HA   sing N N 344 
TYR C   O    doub N N 345 
TYR C   OXT  sing N N 346 
TYR CB  CG   sing N N 347 
TYR CB  HB2  sing N N 348 
TYR CB  HB3  sing N N 349 
TYR CG  CD1  doub Y N 350 
TYR CG  CD2  sing Y N 351 
TYR CD1 CE1  sing Y N 352 
TYR CD1 HD1  sing N N 353 
TYR CD2 CE2  doub Y N 354 
TYR CD2 HD2  sing N N 355 
TYR CE1 CZ   doub Y N 356 
TYR CE1 HE1  sing N N 357 
TYR CE2 CZ   sing Y N 358 
TYR CE2 HE2  sing N N 359 
TYR CZ  OH   sing N N 360 
TYR OH  HH   sing N N 361 
TYR OXT HXT  sing N N 362 
VAL N   CA   sing N N 363 
VAL N   H    sing N N 364 
VAL N   H2   sing N N 365 
VAL CA  C    sing N N 366 
VAL CA  CB   sing N N 367 
VAL CA  HA   sing N N 368 
VAL C   O    doub N N 369 
VAL C   OXT  sing N N 370 
VAL CB  CG1  sing N N 371 
VAL CB  CG2  sing N N 372 
VAL CB  HB   sing N N 373 
VAL CG1 HG11 sing N N 374 
VAL CG1 HG12 sing N N 375 
VAL CG1 HG13 sing N N 376 
VAL CG2 HG21 sing N N 377 
VAL CG2 HG22 sing N N 378 
VAL CG2 HG23 sing N N 379 
VAL OXT HXT  sing N N 380 
# 
_pdbx_audit_support.funding_organization   'National Science Foundation (NSF, United States)' 
_pdbx_audit_support.country                'United States' 
_pdbx_audit_support.grant_number           IOS-1917270 
_pdbx_audit_support.ordinal                1 
# 
loop_
_pdbx_entity_nonpoly.entity_id 
_pdbx_entity_nonpoly.name 
_pdbx_entity_nonpoly.comp_id 
2 CATECHOL      CAQ 
3 'SULFATE ION' SO4 
4 water         HOH 
# 
_pdbx_initial_refinement_model.id               1 
_pdbx_initial_refinement_model.entity_id_list   ? 
_pdbx_initial_refinement_model.type             'experimental model' 
_pdbx_initial_refinement_model.source_name      PDB 
_pdbx_initial_refinement_model.accession_code   7KFO 
_pdbx_initial_refinement_model.details          ? 
# 
_pdbx_struct_assembly_auth_evidence.id                     1 
_pdbx_struct_assembly_auth_evidence.assembly_id            1 
_pdbx_struct_assembly_auth_evidence.experimental_support   'gel filtration' 
_pdbx_struct_assembly_auth_evidence.details                ? 
# 
_space_group.name_H-M_alt     'F 2 2 2' 
_space_group.name_Hall        'F 2 2' 
_space_group.IT_number        22 
_space_group.crystal_system   orthorhombic 
_space_group.id               1 
# 
